data_1N3S
#
_entry.id   1N3S
#
_cell.length_a   124.302
_cell.length_b   124.302
_cell.length_c   389.125
_cell.angle_alpha   90.00
_cell.angle_beta   90.00
_cell.angle_gamma   90.00
#
_symmetry.space_group_name_H-M   'P 43 21 2'
#
loop_
_entity.id
_entity.type
_entity.pdbx_description
1 polymer 'GTP cyclohydrolase I'
2 non-polymer "GUANOSINE-5'-TRIPHOSPHATE"
3 water water
#
_entity_poly.entity_id   1
_entity_poly.type   'polypeptide(L)'
_entity_poly.pdbx_seq_one_letter_code
;PSLSKEAALVHEALVARGLETPLRPPVHEMDNETRKSLIAGHMTEIMQLLNLDLADDSLMETPHRIAKMYVDEIFSGLDY
ANFPKITLIENKMKVDEMVTVRDITLTSTCEHSFVTIDGKATVAYIPKDSVIGLSKINRIVQFFAQRPQVQERLTQQILI
ALQTLLGTNNVAVSIDAVHYCVKARGIRDATSATTTTSLGGLFKSSQNTRHEFLRAVRHHN
;
_entity_poly.pdbx_strand_id   A,B,C,D,E,F,G,H,I,J
#
loop_
_chem_comp.id
_chem_comp.type
_chem_comp.name
_chem_comp.formula
GTP non-polymer GUANOSINE-5'-TRIPHOSPHATE 'C10 H16 N5 O14 P3'
#
# COMPACT_ATOMS: atom_id res chain seq x y z
N PRO A 1 55.65 -80.53 15.89
CA PRO A 1 54.93 -80.01 17.08
C PRO A 1 55.85 -79.84 18.30
N SER A 2 55.86 -78.63 18.87
CA SER A 2 56.71 -78.30 20.02
C SER A 2 55.95 -77.59 21.17
N LEU A 3 56.12 -76.27 21.28
CA LEU A 3 55.47 -75.45 22.32
C LEU A 3 54.59 -74.36 21.68
N SER A 4 54.52 -73.19 22.32
CA SER A 4 53.74 -72.04 21.84
C SER A 4 54.53 -70.74 22.04
N LYS A 5 54.19 -69.73 21.23
CA LYS A 5 54.83 -68.41 21.22
C LYS A 5 54.62 -67.60 22.50
N GLU A 6 53.36 -67.61 22.98
CA GLU A 6 52.93 -66.92 24.20
C GLU A 6 53.54 -67.57 25.44
N ALA A 7 53.63 -68.90 25.41
CA ALA A 7 54.19 -69.71 26.49
C ALA A 7 55.70 -69.50 26.62
N ALA A 8 56.33 -69.24 25.48
CA ALA A 8 57.78 -69.01 25.38
C ALA A 8 58.16 -67.67 25.97
N LEU A 9 57.37 -66.63 25.66
CA LEU A 9 57.58 -65.26 26.15
C LEU A 9 57.47 -65.15 27.66
N VAL A 10 56.48 -65.86 28.22
CA VAL A 10 56.22 -65.89 29.67
C VAL A 10 57.34 -66.64 30.37
N HIS A 11 57.71 -67.79 29.79
CA HIS A 11 58.77 -68.65 30.31
C HIS A 11 60.07 -67.87 30.45
N GLU A 12 60.49 -67.24 29.35
CA GLU A 12 61.71 -66.43 29.28
C GLU A 12 61.64 -65.27 30.27
N ALA A 13 60.47 -64.66 30.39
CA ALA A 13 60.25 -63.53 31.31
C ALA A 13 60.41 -63.92 32.78
N LEU A 14 59.93 -65.11 33.13
CA LEU A 14 60.04 -65.63 34.50
C LEU A 14 61.45 -66.09 34.83
N VAL A 15 62.12 -66.72 33.83
CA VAL A 15 63.50 -67.22 33.97
C VAL A 15 64.44 -66.04 34.23
N ALA A 16 64.17 -64.93 33.55
CA ALA A 16 64.96 -63.69 33.67
C ALA A 16 64.83 -63.04 35.06
N ARG A 17 63.77 -63.41 35.78
CA ARG A 17 63.48 -62.90 37.14
C ARG A 17 63.77 -63.95 38.23
N GLY A 18 64.09 -65.17 37.81
CA GLY A 18 64.38 -66.25 38.75
C GLY A 18 63.11 -66.77 39.43
N LEU A 19 62.01 -66.70 38.68
CA LEU A 19 60.70 -67.12 39.15
C LEU A 19 60.21 -68.46 38.66
N GLU A 20 60.96 -69.07 37.73
CA GLU A 20 60.56 -70.37 37.19
C GLU A 20 60.76 -71.46 38.24
N THR A 21 59.66 -72.12 38.60
CA THR A 21 59.55 -73.22 39.60
C THR A 21 60.79 -74.15 39.59
N PRO A 22 61.35 -74.51 40.77
CA PRO A 22 62.51 -75.40 40.87
C PRO A 22 62.49 -76.67 40.01
N LEU A 23 63.04 -76.55 38.79
CA LEU A 23 63.12 -77.64 37.82
C LEU A 23 64.59 -77.90 37.39
N ARG A 24 64.95 -79.18 37.34
CA ARG A 24 66.29 -79.68 36.96
C ARG A 24 66.32 -80.08 35.46
N PRO A 25 67.53 -80.34 34.86
CA PRO A 25 67.57 -80.73 33.44
C PRO A 25 66.72 -81.96 33.04
N PRO A 26 65.88 -81.83 31.98
CA PRO A 26 65.02 -82.91 31.50
C PRO A 26 65.63 -83.78 30.38
N VAL A 27 66.97 -83.79 30.29
CA VAL A 27 67.80 -84.51 29.29
C VAL A 27 67.20 -85.72 28.50
N HIS A 28 66.39 -86.54 29.18
CA HIS A 28 65.74 -87.71 28.57
C HIS A 28 64.21 -87.60 28.63
N GLU A 29 63.54 -88.51 27.91
CA GLU A 29 62.08 -88.56 27.89
C GLU A 29 61.63 -89.99 28.10
N MET A 30 61.28 -90.31 29.35
CA MET A 30 60.78 -91.64 29.72
C MET A 30 59.27 -91.59 29.52
N ASP A 31 58.69 -92.69 29.03
CA ASP A 31 57.26 -92.79 28.73
C ASP A 31 56.35 -92.35 29.88
N ASN A 32 55.28 -91.63 29.54
CA ASN A 32 54.34 -91.10 30.53
C ASN A 32 53.65 -92.13 31.42
N GLU A 33 53.32 -93.29 30.84
CA GLU A 33 52.67 -94.37 31.56
C GLU A 33 53.66 -95.20 32.40
N THR A 34 54.96 -95.04 32.12
CA THR A 34 56.04 -95.73 32.85
C THR A 34 56.30 -94.98 34.15
N ARG A 35 56.22 -93.65 34.09
CA ARG A 35 56.42 -92.78 35.25
C ARG A 35 55.29 -92.93 36.27
N LYS A 36 54.09 -93.27 35.77
CA LYS A 36 52.91 -93.48 36.62
C LYS A 36 53.00 -94.81 37.36
N SER A 37 53.42 -95.85 36.63
CA SER A 37 53.57 -97.20 37.19
C SER A 37 54.68 -97.28 38.22
N LEU A 38 55.73 -96.47 38.02
CA LEU A 38 56.88 -96.41 38.93
C LEU A 38 56.53 -95.66 40.21
N ILE A 39 55.78 -94.54 40.08
CA ILE A 39 55.35 -93.73 41.22
C ILE A 39 54.31 -94.52 42.00
N ALA A 40 53.49 -95.29 41.27
CA ALA A 40 52.46 -96.14 41.86
C ALA A 40 53.14 -97.25 42.66
N GLY A 41 54.26 -97.74 42.11
CA GLY A 41 55.05 -98.77 42.76
C GLY A 41 55.69 -98.27 44.03
N HIS A 42 56.12 -97.00 44.01
CA HIS A 42 56.75 -96.35 45.16
C HIS A 42 55.72 -96.00 46.24
N MET A 43 54.48 -95.72 45.81
CA MET A 43 53.40 -95.41 46.75
C MET A 43 52.86 -96.67 47.40
N THR A 44 53.01 -97.81 46.71
CA THR A 44 52.58 -99.13 47.20
C THR A 44 53.51 -99.53 48.35
N GLU A 45 54.77 -99.11 48.23
CA GLU A 45 55.81 -99.36 49.22
C GLU A 45 55.56 -98.52 50.48
N ILE A 46 55.18 -97.25 50.28
CA ILE A 46 54.89 -96.29 51.37
C ILE A 46 53.70 -96.78 52.22
N MET A 47 52.67 -97.26 51.53
CA MET A 47 51.46 -97.77 52.19
C MET A 47 51.70 -99.07 52.97
N GLN A 48 52.62 -99.90 52.49
CA GLN A 48 52.97 -101.16 53.16
C GLN A 48 53.75 -100.82 54.43
N LEU A 49 54.50 -99.70 54.37
CA LEU A 49 55.28 -99.22 55.51
C LEU A 49 54.38 -98.55 56.54
N LEU A 50 53.13 -98.28 56.16
CA LEU A 50 52.14 -97.67 57.05
C LEU A 50 51.17 -98.70 57.66
N ASN A 51 51.43 -99.99 57.38
CA ASN A 51 50.64 -101.15 57.82
C ASN A 51 49.22 -101.22 57.23
N LEU A 52 49.07 -100.73 56.01
CA LEU A 52 47.77 -100.74 55.33
C LEU A 52 47.61 -101.97 54.43
N ASP A 53 46.46 -102.63 54.52
CA ASP A 53 46.21 -103.83 53.71
C ASP A 53 45.76 -103.50 52.29
N LEU A 54 46.67 -103.73 51.34
CA LEU A 54 46.47 -103.48 49.91
C LEU A 54 45.59 -104.54 49.22
N ALA A 55 45.16 -105.54 50.00
CA ALA A 55 44.31 -106.62 49.51
C ALA A 55 42.84 -106.17 49.52
N ASP A 56 42.60 -105.06 50.23
CA ASP A 56 41.28 -104.43 50.36
C ASP A 56 40.93 -103.80 49.00
N ASP A 57 39.71 -104.05 48.52
CA ASP A 57 39.21 -103.57 47.21
C ASP A 57 39.30 -102.08 46.89
N SER A 58 39.51 -101.22 47.90
CA SER A 58 39.62 -99.79 47.67
C SER A 58 41.02 -99.19 47.90
N LEU A 59 41.78 -99.76 48.83
CA LEU A 59 43.15 -99.29 49.13
C LEU A 59 44.12 -99.79 48.05
N MET A 60 43.62 -100.74 47.25
CA MET A 60 44.32 -101.39 46.15
C MET A 60 44.56 -100.46 44.94
N GLU A 61 43.55 -99.66 44.60
CA GLU A 61 43.64 -98.72 43.47
C GLU A 61 44.17 -97.34 43.85
N THR A 62 44.51 -97.16 45.14
CA THR A 62 45.03 -95.90 45.67
C THR A 62 46.41 -95.46 45.10
N PRO A 63 47.39 -96.39 44.98
CA PRO A 63 48.68 -95.94 44.43
C PRO A 63 48.62 -95.51 42.95
N HIS A 64 47.71 -96.11 42.17
CA HIS A 64 47.52 -95.76 40.76
C HIS A 64 46.87 -94.37 40.65
N ARG A 65 45.95 -94.07 41.58
CA ARG A 65 45.25 -92.79 41.62
C ARG A 65 46.15 -91.62 41.99
N ILE A 66 47.05 -91.84 42.96
CA ILE A 66 48.01 -90.80 43.39
C ILE A 66 49.04 -90.59 42.29
N ALA A 67 49.32 -91.65 41.53
CA ALA A 67 50.27 -91.58 40.42
C ALA A 67 49.72 -90.74 39.28
N LYS A 68 48.45 -91.03 38.94
CA LYS A 68 47.68 -90.36 37.86
C LYS A 68 47.44 -88.89 38.20
N MET A 69 47.36 -88.62 39.51
CA MET A 69 47.14 -87.29 40.05
C MET A 69 48.36 -86.40 39.82
N TYR A 70 49.53 -86.93 40.21
CA TYR A 70 50.82 -86.27 40.12
C TYR A 70 51.34 -86.01 38.71
N VAL A 71 51.07 -86.96 37.81
CA VAL A 71 51.53 -86.89 36.44
C VAL A 71 50.61 -86.17 35.45
N ASP A 72 49.31 -86.47 35.48
CA ASP A 72 48.33 -85.88 34.56
C ASP A 72 47.39 -84.77 35.05
N GLU A 73 47.21 -84.65 36.37
CA GLU A 73 46.25 -83.67 36.91
C GLU A 73 46.72 -82.44 37.69
N ILE A 74 47.07 -82.63 38.96
CA ILE A 74 47.47 -81.51 39.83
C ILE A 74 48.78 -80.77 39.58
N PHE A 75 49.70 -81.39 38.83
CA PHE A 75 50.98 -80.74 38.54
C PHE A 75 51.13 -80.45 37.04
N SER A 76 50.00 -80.35 36.34
CA SER A 76 49.96 -80.08 34.89
C SER A 76 50.58 -78.76 34.42
N GLY A 77 50.72 -77.83 35.35
CA GLY A 77 51.28 -76.51 35.06
C GLY A 77 52.79 -76.47 34.97
N LEU A 78 53.42 -77.61 35.20
CA LEU A 78 54.87 -77.76 35.11
C LEU A 78 55.27 -77.94 33.63
N ASP A 79 54.29 -78.31 32.81
CA ASP A 79 54.45 -78.50 31.37
C ASP A 79 53.85 -77.32 30.60
N TYR A 80 54.71 -76.55 29.91
CA TYR A 80 54.26 -75.38 29.14
C TYR A 80 53.46 -75.70 27.86
N ALA A 81 53.18 -76.98 27.66
CA ALA A 81 52.38 -77.45 26.53
C ALA A 81 50.91 -77.29 26.95
N ASN A 82 50.68 -77.25 28.26
CA ASN A 82 49.35 -77.08 28.87
C ASN A 82 48.97 -75.61 29.05
N PHE A 83 49.86 -74.71 28.63
CA PHE A 83 49.67 -73.27 28.73
C PHE A 83 48.50 -72.82 27.84
N PRO A 84 47.57 -72.01 28.41
CA PRO A 84 46.41 -71.51 27.65
C PRO A 84 46.75 -70.74 26.39
N LYS A 85 45.93 -70.98 25.38
CA LYS A 85 46.06 -70.35 24.07
C LYS A 85 45.47 -68.95 24.21
N ILE A 86 46.36 -67.99 24.48
CA ILE A 86 45.98 -66.59 24.69
C ILE A 86 45.53 -65.84 23.43
N THR A 87 44.43 -65.10 23.61
CA THR A 87 43.83 -64.26 22.58
C THR A 87 43.87 -62.81 23.08
N LEU A 88 44.50 -61.94 22.29
CA LEU A 88 44.59 -60.52 22.63
C LEU A 88 43.82 -59.71 21.60
N ILE A 89 42.93 -58.85 22.09
CA ILE A 89 42.12 -57.98 21.24
C ILE A 89 42.85 -56.63 21.20
N GLU A 90 43.00 -56.08 19.99
CA GLU A 90 43.69 -54.81 19.78
C GLU A 90 42.83 -53.68 20.35
N ASN A 91 43.45 -52.83 21.18
CA ASN A 91 42.75 -51.71 21.81
C ASN A 91 42.60 -50.52 20.86
N LYS A 92 41.62 -50.62 19.97
CA LYS A 92 41.30 -49.57 19.01
C LYS A 92 40.12 -48.75 19.57
N MET A 93 39.75 -49.12 20.80
CA MET A 93 38.69 -48.48 21.59
C MET A 93 39.45 -47.48 22.46
N LYS A 94 40.78 -47.62 22.48
CA LYS A 94 41.76 -46.79 23.23
C LYS A 94 41.44 -46.49 24.68
N VAL A 95 40.82 -47.46 25.35
CA VAL A 95 40.42 -47.23 26.72
C VAL A 95 41.43 -47.35 27.84
N ASP A 96 41.43 -46.26 28.59
CA ASP A 96 42.23 -46.02 29.76
C ASP A 96 41.45 -46.49 31.03
N GLU A 97 40.53 -47.44 30.80
CA GLU A 97 39.67 -48.04 31.82
C GLU A 97 40.27 -49.23 32.59
N MET A 98 39.68 -49.57 33.73
CA MET A 98 40.13 -50.69 34.56
C MET A 98 39.25 -51.95 34.56
N VAL A 99 39.90 -53.11 34.42
CA VAL A 99 39.19 -54.39 34.41
C VAL A 99 39.67 -55.19 35.60
N THR A 100 38.73 -55.71 36.38
CA THR A 100 39.04 -56.52 37.56
C THR A 100 38.28 -57.83 37.52
N VAL A 101 38.99 -58.95 37.58
CA VAL A 101 38.35 -60.27 37.60
C VAL A 101 38.65 -60.81 38.99
N ARG A 102 37.62 -60.85 39.83
CA ARG A 102 37.76 -61.32 41.21
C ARG A 102 37.19 -62.71 41.40
N ASP A 103 37.44 -63.26 42.58
CA ASP A 103 36.97 -64.58 43.01
C ASP A 103 37.29 -65.73 42.06
N ILE A 104 38.51 -65.71 41.50
CA ILE A 104 38.98 -66.74 40.57
C ILE A 104 39.29 -68.00 41.35
N THR A 105 38.70 -69.12 40.94
CA THR A 105 38.92 -70.42 41.60
C THR A 105 40.39 -70.79 41.40
N LEU A 106 41.10 -70.93 42.52
CA LEU A 106 42.50 -71.28 42.50
C LEU A 106 42.71 -72.54 43.35
N THR A 107 43.20 -73.58 42.68
CA THR A 107 43.48 -74.87 43.29
C THR A 107 44.97 -75.15 43.16
N SER A 108 45.66 -75.23 44.29
CA SER A 108 47.08 -75.48 44.27
C SER A 108 47.46 -76.53 45.28
N THR A 109 48.76 -76.74 45.44
CA THR A 109 49.34 -77.73 46.34
C THR A 109 50.60 -77.08 46.90
N CYS A 110 50.81 -77.12 48.22
CA CYS A 110 52.00 -76.51 48.82
C CYS A 110 53.20 -77.39 48.54
N GLU A 111 54.30 -76.79 48.07
CA GLU A 111 55.48 -77.57 47.76
C GLU A 111 56.21 -78.08 48.96
N HIS A 112 55.85 -77.54 50.12
CA HIS A 112 56.49 -77.91 51.35
C HIS A 112 56.00 -79.23 51.95
N SER A 113 54.75 -79.60 51.63
CA SER A 113 54.17 -80.83 52.17
C SER A 113 53.24 -81.60 51.26
N PHE A 114 53.07 -81.12 50.03
CA PHE A 114 52.19 -81.71 49.01
C PHE A 114 50.71 -81.79 49.43
N VAL A 115 50.29 -80.80 50.20
CA VAL A 115 48.92 -80.71 50.72
C VAL A 115 48.20 -79.56 50.03
N THR A 116 46.88 -79.68 49.96
CA THR A 116 45.95 -78.75 49.35
C THR A 116 46.02 -77.27 49.83
N ILE A 117 45.88 -76.39 48.84
CA ILE A 117 45.82 -74.95 49.06
C ILE A 117 44.52 -74.61 48.37
N ASP A 118 43.55 -74.15 49.15
CA ASP A 118 42.25 -73.72 48.61
C ASP A 118 42.39 -72.19 48.56
N GLY A 119 42.19 -71.62 47.38
CA GLY A 119 42.32 -70.19 47.22
C GLY A 119 41.43 -69.48 46.23
N LYS A 120 41.51 -68.16 46.29
CA LYS A 120 40.77 -67.25 45.43
C LYS A 120 41.72 -66.16 44.97
N ALA A 121 41.69 -65.89 43.67
CA ALA A 121 42.54 -64.87 43.09
C ALA A 121 41.79 -63.68 42.56
N THR A 122 42.44 -62.53 42.70
CA THR A 122 41.90 -61.27 42.24
C THR A 122 42.98 -60.67 41.37
N VAL A 123 42.61 -60.42 40.12
CA VAL A 123 43.51 -59.84 39.13
C VAL A 123 42.85 -58.61 38.56
N ALA A 124 43.63 -57.53 38.52
CA ALA A 124 43.16 -56.25 37.97
C ALA A 124 44.24 -55.66 37.08
N TYR A 125 43.81 -55.05 35.97
CA TYR A 125 44.73 -54.42 35.03
C TYR A 125 44.13 -53.25 34.26
N ILE A 126 44.99 -52.36 33.78
CA ILE A 126 44.55 -51.22 32.98
C ILE A 126 45.10 -51.46 31.56
N PRO A 127 44.21 -51.77 30.58
CA PRO A 127 44.61 -52.03 29.20
C PRO A 127 45.41 -50.88 28.58
N LYS A 128 46.50 -51.23 27.89
CA LYS A 128 47.32 -50.24 27.21
C LYS A 128 47.01 -50.34 25.72
N ASP A 129 47.69 -51.28 25.04
CA ASP A 129 47.52 -51.49 23.60
C ASP A 129 46.74 -52.77 23.30
N SER A 130 46.52 -53.58 24.34
CA SER A 130 45.79 -54.84 24.22
C SER A 130 44.88 -55.18 25.42
N VAL A 131 43.78 -55.86 25.10
CA VAL A 131 42.79 -56.32 26.07
C VAL A 131 42.82 -57.86 25.97
N ILE A 132 43.17 -58.52 27.07
CA ILE A 132 43.22 -60.00 27.12
C ILE A 132 41.81 -60.61 27.27
N GLY A 133 41.64 -61.81 26.74
CA GLY A 133 40.38 -62.52 26.84
C GLY A 133 40.15 -62.88 28.29
N LEU A 134 38.95 -62.58 28.79
CA LEU A 134 38.60 -62.83 30.19
C LEU A 134 38.98 -64.17 30.79
N SER A 135 38.57 -65.27 30.14
CA SER A 135 38.85 -66.63 30.62
C SER A 135 40.33 -66.95 30.70
N LYS A 136 41.13 -66.31 29.85
CA LYS A 136 42.58 -66.55 29.83
C LYS A 136 43.25 -66.12 31.12
N ILE A 137 42.61 -65.17 31.82
CA ILE A 137 43.10 -64.68 33.12
C ILE A 137 42.90 -65.82 34.14
N ASN A 138 41.70 -66.42 34.11
CA ASN A 138 41.32 -67.54 34.98
C ASN A 138 42.23 -68.74 34.71
N ARG A 139 42.49 -69.01 33.42
CA ARG A 139 43.35 -70.12 32.98
C ARG A 139 44.84 -69.92 33.35
N ILE A 140 45.36 -68.68 33.23
CA ILE A 140 46.76 -68.37 33.57
C ILE A 140 46.94 -68.62 35.06
N VAL A 141 45.96 -68.18 35.84
CA VAL A 141 45.96 -68.32 37.30
C VAL A 141 46.06 -69.80 37.66
N GLN A 142 45.20 -70.59 37.04
CA GLN A 142 45.15 -72.04 37.26
C GLN A 142 46.35 -72.82 36.76
N PHE A 143 46.95 -72.37 35.65
CA PHE A 143 48.16 -72.99 35.06
C PHE A 143 49.28 -72.98 36.09
N PHE A 144 49.59 -71.81 36.64
CA PHE A 144 50.65 -71.65 37.62
C PHE A 144 50.29 -72.24 38.96
N ALA A 145 48.99 -72.39 39.21
CA ALA A 145 48.49 -72.96 40.46
C ALA A 145 48.64 -74.47 40.47
N GLN A 146 48.48 -75.08 39.29
CA GLN A 146 48.64 -76.54 39.16
C GLN A 146 50.14 -76.90 39.15
N ARG A 147 50.82 -76.60 40.26
CA ARG A 147 52.26 -76.83 40.43
C ARG A 147 52.56 -76.92 41.94
N PRO A 148 53.73 -77.49 42.33
CA PRO A 148 54.03 -77.55 43.77
C PRO A 148 54.40 -76.07 44.04
N GLN A 149 53.53 -75.35 44.75
CA GLN A 149 53.75 -73.92 44.97
C GLN A 149 54.01 -73.30 46.33
N VAL A 150 54.47 -72.06 46.25
CA VAL A 150 54.74 -71.16 47.37
C VAL A 150 53.83 -70.00 46.95
N GLN A 151 52.95 -69.56 47.87
CA GLN A 151 51.97 -68.50 47.60
C GLN A 151 52.52 -67.16 47.12
N GLU A 152 53.67 -66.75 47.66
CA GLU A 152 54.34 -65.50 47.30
C GLU A 152 54.91 -65.55 45.86
N ARG A 153 55.43 -66.72 45.49
CA ARG A 153 56.02 -66.98 44.18
C ARG A 153 54.91 -67.04 43.14
N LEU A 154 53.84 -67.76 43.48
CA LEU A 154 52.66 -67.94 42.63
C LEU A 154 52.04 -66.59 42.22
N THR A 155 51.96 -65.68 43.19
CA THR A 155 51.41 -64.34 43.00
C THR A 155 52.29 -63.56 42.00
N GLN A 156 53.61 -63.60 42.20
CA GLN A 156 54.57 -62.91 41.33
C GLN A 156 54.62 -63.48 39.92
N GLN A 157 54.50 -64.80 39.79
CA GLN A 157 54.50 -65.48 38.50
C GLN A 157 53.31 -65.04 37.64
N ILE A 158 52.14 -64.93 38.26
CA ILE A 158 50.90 -64.50 37.58
C ILE A 158 51.00 -63.02 37.18
N LEU A 159 51.67 -62.22 38.01
CA LEU A 159 51.88 -60.79 37.75
C LEU A 159 52.75 -60.58 36.51
N ILE A 160 53.97 -61.12 36.57
CA ILE A 160 54.97 -61.02 35.51
C ILE A 160 54.44 -61.62 34.21
N ALA A 161 53.67 -62.69 34.32
CA ALA A 161 53.04 -63.36 33.18
C ALA A 161 52.07 -62.41 32.49
N LEU A 162 51.18 -61.80 33.27
CA LEU A 162 50.17 -60.87 32.75
C LEU A 162 50.76 -59.56 32.28
N GLN A 163 51.88 -59.16 32.89
CA GLN A 163 52.59 -57.92 32.53
C GLN A 163 53.26 -58.07 31.16
N THR A 164 53.79 -59.27 30.90
CA THR A 164 54.48 -59.59 29.65
C THR A 164 53.52 -59.66 28.45
N LEU A 165 52.42 -60.37 28.63
CA LEU A 165 51.41 -60.56 27.58
C LEU A 165 50.59 -59.33 27.23
N LEU A 166 50.39 -58.45 28.22
CA LEU A 166 49.60 -57.23 28.03
C LEU A 166 50.48 -56.03 27.65
N GLY A 167 51.78 -56.17 27.89
CA GLY A 167 52.74 -55.12 27.60
C GLY A 167 52.61 -53.87 28.46
N THR A 168 52.12 -54.06 29.68
CA THR A 168 51.95 -52.96 30.64
C THR A 168 52.35 -53.42 32.01
N ASN A 169 52.86 -52.47 32.80
CA ASN A 169 53.26 -52.77 34.17
C ASN A 169 52.05 -52.65 35.09
N ASN A 170 50.99 -52.01 34.56
CA ASN A 170 49.72 -51.76 35.24
C ASN A 170 48.84 -53.00 35.47
N VAL A 171 49.35 -53.92 36.29
CA VAL A 171 48.66 -55.15 36.66
C VAL A 171 48.80 -55.34 38.17
N ALA A 172 47.71 -55.80 38.81
CA ALA A 172 47.66 -56.06 40.24
C ALA A 172 47.11 -57.45 40.43
N VAL A 173 47.79 -58.23 41.26
CA VAL A 173 47.40 -59.61 41.55
C VAL A 173 47.35 -59.83 43.05
N SER A 174 46.25 -60.42 43.52
CA SER A 174 46.10 -60.74 44.94
C SER A 174 45.52 -62.14 45.03
N ILE A 175 46.10 -62.92 45.94
CA ILE A 175 45.67 -64.29 46.20
C ILE A 175 45.38 -64.45 47.68
N ASP A 176 44.14 -64.84 47.96
CA ASP A 176 43.68 -65.11 49.32
C ASP A 176 43.59 -66.64 49.35
N ALA A 177 44.26 -67.27 50.31
CA ALA A 177 44.30 -68.73 50.37
C ALA A 177 44.38 -69.38 51.76
N VAL A 178 43.83 -70.58 51.85
CA VAL A 178 43.86 -71.38 53.08
C VAL A 178 44.80 -72.57 52.81
N HIS A 179 45.85 -72.68 53.63
CA HIS A 179 46.83 -73.77 53.52
C HIS A 179 46.44 -74.85 54.49
N TYR A 180 46.14 -76.04 53.98
CA TYR A 180 45.76 -77.13 54.83
C TYR A 180 46.83 -77.73 55.73
N CYS A 181 48.08 -77.33 55.47
CA CYS A 181 49.21 -77.77 56.28
C CYS A 181 49.28 -76.87 57.53
N VAL A 182 48.54 -75.76 57.47
CA VAL A 182 48.39 -74.78 58.55
C VAL A 182 47.06 -75.07 59.29
N LYS A 183 45.99 -75.30 58.54
CA LYS A 183 44.64 -75.57 59.07
C LYS A 183 44.35 -76.96 59.68
N ALA A 184 44.66 -78.01 58.92
CA ALA A 184 44.41 -79.40 59.30
C ALA A 184 45.57 -80.15 59.90
N ARG A 185 46.65 -79.43 60.21
CA ARG A 185 47.86 -80.03 60.75
C ARG A 185 48.78 -78.97 61.38
N GLY A 186 49.71 -79.45 62.22
CA GLY A 186 50.68 -78.58 62.87
C GLY A 186 50.08 -77.66 63.91
N ILE A 187 50.00 -76.37 63.59
CA ILE A 187 49.45 -75.35 64.48
C ILE A 187 47.92 -75.47 64.59
N ARG A 188 47.32 -76.07 63.56
CA ARG A 188 45.87 -76.33 63.48
C ARG A 188 45.02 -75.08 63.69
N ASP A 189 45.26 -74.08 62.85
CA ASP A 189 44.52 -72.84 62.91
C ASP A 189 43.35 -72.96 61.94
N ALA A 190 42.17 -73.23 62.51
CA ALA A 190 40.91 -73.39 61.76
C ALA A 190 40.39 -72.15 61.07
N THR A 191 40.79 -70.98 61.59
CA THR A 191 40.30 -69.69 61.08
C THR A 191 41.17 -68.83 60.17
N SER A 192 42.49 -69.01 60.25
CA SER A 192 43.44 -68.21 59.47
C SER A 192 43.43 -68.45 57.97
N ALA A 193 43.85 -67.40 57.27
CA ALA A 193 43.96 -67.41 55.83
C ALA A 193 45.08 -66.44 55.53
N THR A 194 45.70 -66.60 54.36
CA THR A 194 46.82 -65.77 53.93
C THR A 194 46.52 -65.07 52.62
N THR A 195 46.79 -63.76 52.62
CA THR A 195 46.62 -62.92 51.46
C THR A 195 48.02 -62.45 51.06
N THR A 196 48.35 -62.68 49.79
CA THR A 196 49.64 -62.27 49.21
C THR A 196 49.28 -61.39 48.02
N THR A 197 49.69 -60.13 48.06
CA THR A 197 49.37 -59.19 46.98
C THR A 197 50.55 -58.56 46.23
N SER A 198 50.51 -58.66 44.91
CA SER A 198 51.52 -58.10 44.03
C SER A 198 51.02 -56.95 43.19
N LEU A 199 51.53 -55.76 43.51
CA LEU A 199 51.15 -54.54 42.80
C LEU A 199 52.24 -54.09 41.83
N GLY A 200 51.82 -53.70 40.63
CA GLY A 200 52.76 -53.25 39.62
C GLY A 200 52.27 -52.01 38.89
N GLY A 201 53.21 -51.18 38.45
CA GLY A 201 52.90 -49.95 37.72
C GLY A 201 52.09 -48.94 38.51
N LEU A 202 50.96 -48.52 37.94
CA LEU A 202 50.08 -47.53 38.59
C LEU A 202 49.54 -48.01 39.94
N PHE A 203 49.37 -49.32 40.07
CA PHE A 203 48.89 -49.95 41.29
C PHE A 203 49.97 -49.97 42.38
N LYS A 204 51.21 -49.63 41.99
CA LYS A 204 52.37 -49.62 42.87
C LYS A 204 52.86 -48.20 43.13
N SER A 205 53.50 -47.61 42.11
CA SER A 205 54.07 -46.25 42.15
C SER A 205 53.07 -45.12 42.40
N SER A 206 52.04 -45.04 41.56
CA SER A 206 51.01 -44.00 41.70
C SER A 206 50.09 -44.32 42.89
N GLN A 207 49.98 -43.33 43.77
CA GLN A 207 49.19 -43.34 45.00
C GLN A 207 47.70 -43.64 44.85
N ASN A 208 47.12 -43.09 43.79
CA ASN A 208 45.70 -43.20 43.44
C ASN A 208 45.21 -44.62 43.13
N THR A 209 45.79 -45.22 42.09
CA THR A 209 45.40 -46.56 41.63
C THR A 209 45.77 -47.70 42.59
N ARG A 210 46.61 -47.40 43.58
CA ARG A 210 47.05 -48.36 44.59
C ARG A 210 45.89 -48.73 45.53
N HIS A 211 45.16 -47.71 45.97
CA HIS A 211 44.02 -47.89 46.86
C HIS A 211 42.71 -48.17 46.10
N GLU A 212 42.80 -48.20 44.76
CA GLU A 212 41.66 -48.50 43.88
C GLU A 212 41.43 -50.01 43.81
N PHE A 213 42.53 -50.75 43.91
CA PHE A 213 42.49 -52.20 43.86
C PHE A 213 42.29 -52.77 45.26
N LEU A 214 43.24 -52.42 46.14
CA LEU A 214 43.30 -52.89 47.52
C LEU A 214 42.02 -52.79 48.38
N ARG A 215 41.11 -51.91 47.97
CA ARG A 215 39.83 -51.71 48.64
C ARG A 215 38.83 -52.74 48.09
N ALA A 216 38.90 -52.93 46.77
CA ALA A 216 38.04 -53.88 46.05
C ALA A 216 38.61 -55.31 46.16
N VAL A 217 39.54 -55.50 47.10
CA VAL A 217 40.16 -56.78 47.41
C VAL A 217 39.28 -57.53 48.41
N ARG A 218 39.20 -58.85 48.18
CA ARG A 218 38.41 -59.80 48.95
C ARG A 218 36.92 -59.50 49.05
N HIS A 219 36.17 -60.11 48.13
CA HIS A 219 34.73 -59.99 48.04
C HIS A 219 34.15 -61.39 48.20
N HIS A 220 32.94 -61.43 48.75
CA HIS A 220 32.23 -62.68 48.96
C HIS A 220 30.93 -62.61 48.15
N ASN A 221 30.86 -63.46 47.13
CA ASN A 221 29.72 -63.58 46.19
C ASN A 221 29.38 -62.32 45.39
N PRO B 1 72.07 -79.88 75.71
CA PRO B 1 70.87 -79.19 75.16
C PRO B 1 70.46 -77.96 76.00
N SER B 2 70.22 -76.84 75.34
CA SER B 2 69.86 -75.59 76.01
C SER B 2 68.60 -74.91 75.42
N LEU B 3 68.77 -73.84 74.65
CA LEU B 3 67.68 -73.10 74.01
C LEU B 3 67.88 -73.11 72.49
N SER B 4 67.55 -71.99 71.83
CA SER B 4 67.68 -71.86 70.38
C SER B 4 68.20 -70.48 69.99
N LYS B 5 68.72 -70.38 68.75
CA LYS B 5 69.28 -69.14 68.20
C LYS B 5 68.26 -68.04 67.96
N GLU B 6 67.18 -68.39 67.27
CA GLU B 6 66.10 -67.47 66.94
C GLU B 6 65.30 -67.06 68.17
N ALA B 7 65.29 -67.94 69.17
CA ALA B 7 64.61 -67.68 70.44
C ALA B 7 65.38 -66.65 71.23
N ALA B 8 66.72 -66.76 71.17
CA ALA B 8 67.63 -65.86 71.87
C ALA B 8 67.57 -64.43 71.31
N LEU B 9 67.58 -64.30 69.98
CA LEU B 9 67.54 -63.00 69.30
C LEU B 9 66.27 -62.21 69.60
N VAL B 10 65.16 -62.94 69.69
CA VAL B 10 63.84 -62.39 70.01
C VAL B 10 63.81 -61.96 71.47
N HIS B 11 64.27 -62.86 72.35
CA HIS B 11 64.31 -62.62 73.79
C HIS B 11 65.12 -61.38 74.14
N GLU B 12 66.33 -61.27 73.59
CA GLU B 12 67.19 -60.12 73.86
C GLU B 12 66.67 -58.82 73.25
N ALA B 13 65.95 -58.94 72.13
CA ALA B 13 65.36 -57.76 71.48
C ALA B 13 64.22 -57.22 72.35
N LEU B 14 63.49 -58.13 73.00
CA LEU B 14 62.38 -57.77 73.88
C LEU B 14 62.82 -57.23 75.22
N VAL B 15 63.92 -57.75 75.76
CA VAL B 15 64.48 -57.31 77.05
C VAL B 15 65.03 -55.89 76.85
N ALA B 16 65.60 -55.66 75.67
CA ALA B 16 66.17 -54.39 75.28
C ALA B 16 65.13 -53.27 75.15
N ARG B 17 63.85 -53.67 75.01
CA ARG B 17 62.73 -52.73 74.91
C ARG B 17 61.83 -52.76 76.16
N GLY B 18 62.19 -53.59 77.14
CA GLY B 18 61.44 -53.72 78.39
C GLY B 18 60.07 -54.38 78.22
N LEU B 19 59.96 -55.23 77.20
CA LEU B 19 58.73 -55.92 76.85
C LEU B 19 58.55 -57.32 77.39
N GLU B 20 59.39 -57.72 78.34
CA GLU B 20 59.25 -59.05 78.92
C GLU B 20 58.16 -59.13 79.97
N THR B 21 57.44 -60.25 79.96
CA THR B 21 56.34 -60.56 80.90
C THR B 21 57.00 -60.66 82.29
N PRO B 22 56.43 -59.99 83.33
CA PRO B 22 56.95 -59.99 84.71
C PRO B 22 57.37 -61.34 85.31
N LEU B 23 58.66 -61.65 85.08
CA LEU B 23 59.29 -62.89 85.53
C LEU B 23 60.57 -62.62 86.32
N ARG B 24 60.63 -63.21 87.52
CA ARG B 24 61.77 -63.11 88.42
C ARG B 24 62.80 -64.20 88.05
N PRO B 25 64.12 -63.98 88.34
CA PRO B 25 65.16 -64.97 88.02
C PRO B 25 64.85 -66.40 88.55
N PRO B 26 65.07 -67.45 87.70
CA PRO B 26 64.81 -68.87 88.05
C PRO B 26 65.30 -69.39 89.40
N VAL B 27 66.53 -68.99 89.77
CA VAL B 27 67.25 -69.38 91.01
C VAL B 27 67.60 -70.88 91.01
N HIS B 28 66.59 -71.74 91.12
CA HIS B 28 66.77 -73.19 91.10
C HIS B 28 65.68 -73.88 90.26
N GLU B 29 66.04 -75.00 89.64
CA GLU B 29 65.11 -75.76 88.81
C GLU B 29 64.51 -76.92 89.59
N MET B 30 63.36 -76.65 90.22
CA MET B 30 62.62 -77.65 91.00
C MET B 30 61.91 -78.55 89.98
N ASP B 31 61.70 -79.82 90.37
CA ASP B 31 61.04 -80.83 89.53
C ASP B 31 59.64 -80.36 89.06
N ASN B 32 59.38 -80.50 87.76
CA ASN B 32 58.12 -80.10 87.10
C ASN B 32 56.89 -80.80 87.69
N GLU B 33 57.10 -82.05 88.11
CA GLU B 33 56.09 -82.92 88.70
C GLU B 33 55.80 -82.52 90.16
N THR B 34 56.76 -81.85 90.79
CA THR B 34 56.62 -81.38 92.17
C THR B 34 55.87 -80.06 92.16
N ARG B 35 56.10 -79.24 91.11
CA ARG B 35 55.43 -77.93 90.95
C ARG B 35 53.92 -78.12 90.87
N LYS B 36 53.51 -79.14 90.09
CA LYS B 36 52.10 -79.48 89.88
C LYS B 36 51.39 -79.95 91.14
N SER B 37 52.05 -80.79 91.93
CA SER B 37 51.49 -81.33 93.18
C SER B 37 51.37 -80.29 94.29
N LEU B 38 52.24 -79.28 94.24
CA LEU B 38 52.25 -78.18 95.22
C LEU B 38 51.14 -77.18 94.91
N ILE B 39 50.96 -76.91 93.60
CA ILE B 39 49.91 -75.99 93.11
C ILE B 39 48.56 -76.66 93.31
N ALA B 40 48.51 -77.97 93.09
CA ALA B 40 47.29 -78.77 93.27
C ALA B 40 46.91 -78.77 94.75
N GLY B 41 47.93 -78.81 95.61
CA GLY B 41 47.75 -78.79 97.06
C GLY B 41 47.24 -77.43 97.54
N HIS B 42 47.65 -76.38 96.82
CA HIS B 42 47.24 -75.02 97.11
C HIS B 42 45.83 -74.73 96.60
N MET B 43 45.44 -75.42 95.52
CA MET B 43 44.10 -75.26 94.94
C MET B 43 43.07 -76.06 95.74
N THR B 44 43.51 -77.14 96.39
CA THR B 44 42.70 -78.01 97.25
C THR B 44 42.29 -77.19 98.47
N GLU B 45 43.23 -76.34 98.90
CA GLU B 45 43.07 -75.44 100.04
C GLU B 45 42.04 -74.35 99.72
N ILE B 46 42.15 -73.78 98.51
CA ILE B 46 41.26 -72.72 98.01
C ILE B 46 39.81 -73.22 97.92
N MET B 47 39.65 -74.40 97.35
CA MET B 47 38.33 -75.01 97.17
C MET B 47 37.63 -75.37 98.49
N GLN B 48 38.42 -75.72 99.51
CA GLN B 48 37.89 -76.05 100.84
C GLN B 48 37.45 -74.79 101.58
N LEU B 49 38.07 -73.67 101.21
CA LEU B 49 37.75 -72.36 101.79
C LEU B 49 36.48 -71.78 101.16
N LEU B 50 36.03 -72.42 100.06
CA LEU B 50 34.83 -72.04 99.32
C LEU B 50 33.67 -73.03 99.53
N ASN B 51 33.80 -73.87 100.57
CA ASN B 51 32.81 -74.89 100.99
C ASN B 51 32.49 -75.99 99.96
N LEU B 52 33.46 -76.32 99.11
CA LEU B 52 33.28 -77.35 98.09
C LEU B 52 33.67 -78.76 98.56
N ASP B 53 32.77 -79.71 98.29
CA ASP B 53 32.92 -81.13 98.64
C ASP B 53 33.91 -81.86 97.71
N LEU B 54 35.14 -82.06 98.21
CA LEU B 54 36.19 -82.73 97.45
C LEU B 54 36.06 -84.24 97.43
N ALA B 55 35.05 -84.75 98.15
CA ALA B 55 34.74 -86.17 98.24
C ALA B 55 33.98 -86.64 96.99
N ASP B 56 33.44 -85.66 96.26
CA ASP B 56 32.72 -85.88 94.99
C ASP B 56 33.75 -86.26 93.92
N ASP B 57 33.48 -87.35 93.18
CA ASP B 57 34.40 -87.85 92.15
C ASP B 57 34.67 -86.97 90.91
N SER B 58 34.13 -85.74 90.91
CA SER B 58 34.33 -84.79 89.81
C SER B 58 35.18 -83.60 90.26
N LEU B 59 34.91 -83.07 91.46
CA LEU B 59 35.66 -81.93 92.03
C LEU B 59 36.98 -82.37 92.66
N MET B 60 37.16 -83.69 92.72
CA MET B 60 38.33 -84.37 93.29
C MET B 60 39.57 -84.21 92.41
N GLU B 61 39.38 -84.40 91.10
CA GLU B 61 40.45 -84.31 90.11
C GLU B 61 40.70 -82.89 89.58
N THR B 62 39.90 -81.92 90.04
CA THR B 62 40.01 -80.52 89.61
C THR B 62 41.33 -79.81 90.02
N PRO B 63 41.82 -79.97 91.29
CA PRO B 63 43.09 -79.29 91.64
C PRO B 63 44.27 -79.78 90.79
N HIS B 64 44.22 -81.06 90.41
CA HIS B 64 45.25 -81.70 89.58
C HIS B 64 45.22 -81.10 88.16
N ARG B 65 44.01 -80.86 87.64
CA ARG B 65 43.79 -80.31 86.30
C ARG B 65 44.12 -78.83 86.15
N ILE B 66 43.96 -78.07 87.23
CA ILE B 66 44.26 -76.63 87.24
C ILE B 66 45.79 -76.48 87.25
N ALA B 67 46.44 -77.38 87.99
CA ALA B 67 47.89 -77.41 88.11
C ALA B 67 48.55 -77.83 86.78
N LYS B 68 47.95 -78.82 86.11
CA LYS B 68 48.43 -79.35 84.82
C LYS B 68 48.27 -78.29 83.72
N MET B 69 47.29 -77.39 83.93
CA MET B 69 46.99 -76.29 83.02
C MET B 69 48.04 -75.17 83.14
N TYR B 70 48.30 -74.76 84.38
CA TYR B 70 49.27 -73.72 84.72
C TYR B 70 50.74 -73.99 84.32
N VAL B 71 51.20 -75.22 84.58
CA VAL B 71 52.56 -75.64 84.31
C VAL B 71 52.87 -76.14 82.88
N ASP B 72 52.03 -77.05 82.37
CA ASP B 72 52.28 -77.62 81.04
C ASP B 72 51.48 -77.09 79.83
N GLU B 73 50.36 -76.39 80.07
CA GLU B 73 49.50 -75.93 78.96
C GLU B 73 49.35 -74.45 78.58
N ILE B 74 48.56 -73.71 79.36
CA ILE B 74 48.26 -72.30 79.11
C ILE B 74 49.36 -71.26 79.30
N PHE B 75 50.41 -71.59 80.05
CA PHE B 75 51.53 -70.67 80.29
C PHE B 75 52.84 -71.21 79.69
N SER B 76 52.70 -72.02 78.63
CA SER B 76 53.86 -72.63 77.95
C SER B 76 54.78 -71.60 77.28
N GLY B 77 54.24 -70.43 76.98
CA GLY B 77 55.00 -69.37 76.34
C GLY B 77 56.05 -68.65 77.19
N LEU B 78 56.02 -68.89 78.50
CA LEU B 78 56.96 -68.30 79.46
C LEU B 78 58.34 -68.99 79.39
N ASP B 79 58.36 -70.14 78.72
CA ASP B 79 59.54 -70.99 78.54
C ASP B 79 59.95 -70.91 77.07
N TYR B 80 61.15 -70.35 76.81
CA TYR B 80 61.65 -70.19 75.46
C TYR B 80 62.09 -71.47 74.70
N ALA B 81 61.96 -72.62 75.36
CA ALA B 81 62.27 -73.92 74.75
C ALA B 81 61.10 -74.30 73.83
N ASN B 82 59.93 -73.76 74.17
CA ASN B 82 58.68 -73.97 73.44
C ASN B 82 58.56 -73.00 72.25
N PHE B 83 59.58 -72.17 72.03
CA PHE B 83 59.60 -71.22 70.92
C PHE B 83 59.66 -71.97 69.59
N PRO B 84 58.79 -71.62 68.62
CA PRO B 84 58.78 -72.29 67.30
C PRO B 84 60.12 -72.29 66.55
N LYS B 85 60.38 -73.37 65.82
CA LYS B 85 61.61 -73.51 65.03
C LYS B 85 61.42 -72.65 63.79
N ILE B 86 61.94 -71.43 63.81
CA ILE B 86 61.81 -70.47 62.71
C ILE B 86 62.56 -70.85 61.43
N THR B 87 61.84 -70.83 60.31
CA THR B 87 62.41 -71.15 59.01
C THR B 87 62.19 -69.96 58.07
N LEU B 88 63.30 -69.36 57.65
CA LEU B 88 63.28 -68.21 56.75
C LEU B 88 63.81 -68.58 55.37
N ILE B 89 63.05 -68.24 54.33
CA ILE B 89 63.49 -68.54 52.96
C ILE B 89 64.09 -67.27 52.35
N GLU B 90 65.22 -67.45 51.67
CA GLU B 90 65.98 -66.38 50.99
C GLU B 90 65.11 -65.67 49.95
N ASN B 91 65.09 -64.33 49.98
CA ASN B 91 64.29 -63.59 49.00
C ASN B 91 65.01 -63.51 47.65
N LYS B 92 64.94 -64.65 46.95
CA LYS B 92 65.51 -64.87 45.61
C LYS B 92 64.61 -64.16 44.59
N MET B 93 63.34 -64.07 44.94
CA MET B 93 62.28 -63.46 44.11
C MET B 93 62.24 -61.93 44.14
N LYS B 94 62.99 -61.31 45.06
CA LYS B 94 63.07 -59.84 45.28
C LYS B 94 61.69 -59.23 45.56
N VAL B 95 60.87 -59.99 46.30
CA VAL B 95 59.50 -59.65 46.69
C VAL B 95 59.38 -58.31 47.43
N ASP B 96 58.90 -57.34 46.67
CA ASP B 96 58.68 -55.97 47.12
C ASP B 96 57.20 -55.82 47.41
N GLU B 97 56.55 -56.96 47.65
CA GLU B 97 55.12 -57.04 47.89
C GLU B 97 54.63 -57.50 49.28
N MET B 98 53.34 -57.33 49.60
CA MET B 98 52.86 -57.72 50.94
C MET B 98 52.11 -59.01 51.21
N VAL B 99 52.36 -59.53 52.41
CA VAL B 99 51.78 -60.77 52.93
C VAL B 99 50.99 -60.44 54.21
N THR B 100 49.72 -60.87 54.24
CA THR B 100 48.84 -60.68 55.40
C THR B 100 48.22 -62.01 55.83
N VAL B 101 48.41 -62.35 57.09
CA VAL B 101 47.83 -63.56 57.66
C VAL B 101 46.75 -63.06 58.62
N ARG B 102 45.51 -63.15 58.17
CA ARG B 102 44.36 -62.71 58.93
C ARG B 102 43.70 -63.82 59.76
N ASP B 103 42.87 -63.41 60.72
CA ASP B 103 42.11 -64.29 61.62
C ASP B 103 42.87 -65.43 62.30
N ILE B 104 44.03 -65.10 62.86
CA ILE B 104 44.87 -66.07 63.56
C ILE B 104 44.22 -66.38 64.91
N THR B 105 44.07 -67.67 65.20
CA THR B 105 43.48 -68.13 66.46
C THR B 105 44.43 -67.70 67.56
N LEU B 106 43.93 -66.87 68.47
CA LEU B 106 44.69 -66.40 69.62
C LEU B 106 43.94 -66.76 70.90
N THR B 107 44.61 -67.55 71.75
CA THR B 107 44.06 -67.95 73.04
C THR B 107 45.05 -67.47 74.10
N SER B 108 44.56 -66.63 75.01
CA SER B 108 45.39 -66.08 76.05
C SER B 108 44.67 -66.09 77.40
N THR B 109 45.29 -65.46 78.40
CA THR B 109 44.79 -65.39 79.78
C THR B 109 45.16 -64.00 80.29
N CYS B 110 44.22 -63.27 80.88
CA CYS B 110 44.50 -61.92 81.40
C CYS B 110 45.27 -62.00 82.69
N GLU B 111 46.43 -61.32 82.74
CA GLU B 111 47.26 -61.34 83.93
C GLU B 111 46.66 -60.68 85.15
N HIS B 112 45.61 -59.90 84.94
CA HIS B 112 44.92 -59.19 86.01
C HIS B 112 43.98 -60.09 86.81
N SER B 113 43.40 -61.09 86.16
CA SER B 113 42.45 -61.98 86.82
C SER B 113 42.52 -63.47 86.51
N PHE B 114 43.48 -63.86 85.68
CA PHE B 114 43.69 -65.25 85.24
C PHE B 114 42.45 -65.83 84.54
N VAL B 115 41.75 -64.95 83.80
CA VAL B 115 40.55 -65.31 83.05
C VAL B 115 40.84 -65.20 81.55
N THR B 116 40.20 -66.11 80.81
CA THR B 116 40.30 -66.27 79.36
C THR B 116 40.15 -65.02 78.50
N ILE B 117 40.97 -64.96 77.47
CA ILE B 117 40.95 -63.89 76.49
C ILE B 117 40.81 -64.64 75.17
N ASP B 118 39.68 -64.45 74.48
CA ASP B 118 39.44 -65.11 73.20
C ASP B 118 39.74 -64.03 72.18
N GLY B 119 40.65 -64.33 71.26
CA GLY B 119 41.02 -63.36 70.26
C GLY B 119 41.38 -63.86 68.88
N LYS B 120 41.58 -62.88 68.01
CA LYS B 120 41.93 -63.06 66.62
C LYS B 120 43.05 -62.08 66.33
N ALA B 121 44.11 -62.55 65.68
CA ALA B 121 45.24 -61.70 65.31
C ALA B 121 45.39 -61.56 63.79
N THR B 122 45.81 -60.38 63.36
CA THR B 122 46.03 -60.07 61.95
C THR B 122 47.46 -59.54 61.88
N VAL B 123 48.29 -60.21 61.09
CA VAL B 123 49.68 -59.81 60.94
C VAL B 123 49.97 -59.61 59.46
N ALA B 124 50.60 -58.47 59.15
CA ALA B 124 50.97 -58.12 57.79
C ALA B 124 52.38 -57.57 57.77
N TYR B 125 53.12 -57.92 56.73
CA TYR B 125 54.48 -57.46 56.56
C TYR B 125 54.85 -57.39 55.09
N ILE B 126 55.93 -56.66 54.82
CA ILE B 126 56.47 -56.51 53.48
C ILE B 126 57.88 -57.12 53.54
N PRO B 127 58.12 -58.25 52.84
CA PRO B 127 59.41 -58.96 52.79
C PRO B 127 60.58 -58.07 52.34
N LYS B 128 61.67 -58.14 53.09
CA LYS B 128 62.88 -57.39 52.78
C LYS B 128 63.84 -58.40 52.12
N ASP B 129 64.66 -59.06 52.92
CA ASP B 129 65.61 -60.05 52.41
C ASP B 129 65.21 -61.48 52.77
N SER B 130 64.14 -61.61 53.56
CA SER B 130 63.63 -62.92 53.96
C SER B 130 62.11 -62.98 54.04
N VAL B 131 61.58 -64.16 53.73
CA VAL B 131 60.15 -64.45 53.77
C VAL B 131 60.04 -65.54 54.83
N ILE B 132 59.26 -65.28 55.87
CA ILE B 132 59.05 -66.25 56.96
C ILE B 132 58.03 -67.31 56.55
N GLY B 133 58.16 -68.49 57.13
CA GLY B 133 57.22 -69.57 56.87
C GLY B 133 55.88 -69.18 57.47
N LEU B 134 54.81 -69.31 56.68
CA LEU B 134 53.45 -68.94 57.09
C LEU B 134 52.94 -69.36 58.46
N SER B 135 53.10 -70.66 58.79
CA SER B 135 52.63 -71.17 60.06
C SER B 135 53.41 -70.62 61.24
N LYS B 136 54.65 -70.19 60.98
CA LYS B 136 55.53 -69.64 62.02
C LYS B 136 54.98 -68.36 62.62
N ILE B 137 54.18 -67.63 61.82
CA ILE B 137 53.53 -66.40 62.25
C ILE B 137 52.43 -66.78 63.26
N ASN B 138 51.66 -67.82 62.92
CA ASN B 138 50.58 -68.33 63.77
C ASN B 138 51.15 -68.89 65.08
N ARG B 139 52.35 -69.49 64.98
CA ARG B 139 53.05 -70.06 66.14
C ARG B 139 53.67 -69.02 67.06
N ILE B 140 54.17 -67.91 66.49
CA ILE B 140 54.76 -66.81 67.28
C ILE B 140 53.63 -66.11 68.08
N VAL B 141 52.49 -65.89 67.41
CA VAL B 141 51.31 -65.26 68.02
C VAL B 141 50.86 -66.10 69.21
N GLN B 142 50.78 -67.41 69.00
CA GLN B 142 50.36 -68.35 70.04
C GLN B 142 51.35 -68.54 71.19
N PHE B 143 52.66 -68.43 70.88
CA PHE B 143 53.74 -68.53 71.87
C PHE B 143 53.57 -67.42 72.92
N PHE B 144 53.52 -66.17 72.47
CA PHE B 144 53.34 -65.05 73.38
C PHE B 144 51.94 -64.97 74.02
N ALA B 145 50.95 -65.56 73.33
CA ALA B 145 49.57 -65.60 73.80
C ALA B 145 49.45 -66.52 75.00
N GLN B 146 50.08 -67.69 74.95
CA GLN B 146 50.03 -68.62 76.09
C GLN B 146 50.96 -68.11 77.23
N ARG B 147 50.56 -66.99 77.85
CA ARG B 147 51.29 -66.33 78.94
C ARG B 147 50.28 -65.48 79.71
N PRO B 148 50.60 -65.04 80.95
CA PRO B 148 49.63 -64.19 81.65
C PRO B 148 49.84 -62.84 80.93
N GLN B 149 48.86 -62.43 80.14
CA GLN B 149 49.00 -61.21 79.35
C GLN B 149 48.21 -59.94 79.58
N VAL B 150 48.69 -58.91 78.87
CA VAL B 150 48.15 -57.56 78.80
C VAL B 150 48.13 -57.42 77.26
N GLN B 151 46.95 -57.14 76.71
CA GLN B 151 46.75 -57.03 75.25
C GLN B 151 47.66 -56.07 74.47
N GLU B 152 47.99 -54.93 75.06
CA GLU B 152 48.85 -53.92 74.44
C GLU B 152 50.30 -54.38 74.40
N ARG B 153 50.73 -55.03 75.48
CA ARG B 153 52.08 -55.58 75.61
C ARG B 153 52.22 -56.71 74.60
N LEU B 154 51.22 -57.60 74.60
CA LEU B 154 51.16 -58.76 73.71
C LEU B 154 51.30 -58.36 72.24
N THR B 155 50.59 -57.29 71.84
CA THR B 155 50.65 -56.79 70.45
C THR B 155 52.05 -56.34 70.08
N GLN B 156 52.73 -55.68 71.01
CA GLN B 156 54.11 -55.20 70.80
C GLN B 156 55.12 -56.33 70.72
N GLN B 157 55.02 -57.29 71.65
CA GLN B 157 55.90 -58.46 71.69
C GLN B 157 55.93 -59.20 70.35
N ILE B 158 54.75 -59.33 69.73
CA ILE B 158 54.59 -60.00 68.44
C ILE B 158 55.18 -59.16 67.31
N LEU B 159 55.06 -57.84 67.45
CA LEU B 159 55.59 -56.91 66.44
C LEU B 159 57.12 -56.95 66.43
N ILE B 160 57.73 -56.71 67.60
CA ILE B 160 59.18 -56.68 67.75
C ILE B 160 59.83 -58.02 67.41
N ALA B 161 59.15 -59.12 67.75
CA ALA B 161 59.62 -60.47 67.46
C ALA B 161 59.69 -60.67 65.96
N LEU B 162 58.62 -60.30 65.26
CA LEU B 162 58.57 -60.45 63.82
C LEU B 162 59.52 -59.49 63.11
N GLN B 163 59.73 -58.32 63.71
CA GLN B 163 60.63 -57.29 63.16
C GLN B 163 62.08 -57.72 63.21
N THR B 164 62.44 -58.39 64.32
CA THR B 164 63.79 -58.92 64.57
C THR B 164 64.12 -60.05 63.58
N LEU B 165 63.25 -61.07 63.54
CA LEU B 165 63.42 -62.24 62.68
C LEU B 165 63.47 -61.91 61.18
N LEU B 166 62.65 -60.96 60.76
CA LEU B 166 62.57 -60.56 59.36
C LEU B 166 63.53 -59.44 58.95
N GLY B 167 64.13 -58.78 59.95
CA GLY B 167 65.06 -57.69 59.70
C GLY B 167 64.44 -56.50 58.99
N THR B 168 63.14 -56.31 59.22
CA THR B 168 62.38 -55.22 58.63
C THR B 168 61.51 -54.61 59.68
N ASN B 169 61.26 -53.32 59.55
CA ASN B 169 60.39 -52.60 60.46
C ASN B 169 58.97 -52.64 59.88
N ASN B 170 58.89 -52.91 58.59
CA ASN B 170 57.64 -52.98 57.84
C ASN B 170 56.76 -54.17 58.19
N VAL B 171 56.28 -54.18 59.44
CA VAL B 171 55.41 -55.21 59.99
C VAL B 171 54.27 -54.49 60.73
N ALA B 172 53.07 -55.08 60.68
CA ALA B 172 51.89 -54.53 61.35
C ALA B 172 51.19 -55.66 62.08
N VAL B 173 50.85 -55.42 63.34
CA VAL B 173 50.18 -56.42 64.18
C VAL B 173 48.91 -55.86 64.84
N SER B 174 47.80 -56.58 64.67
CA SER B 174 46.51 -56.19 65.24
C SER B 174 45.86 -57.37 65.95
N ILE B 175 45.43 -57.15 67.19
CA ILE B 175 44.76 -58.17 67.99
C ILE B 175 43.37 -57.70 68.39
N ASP B 176 42.35 -58.39 67.87
CA ASP B 176 40.94 -58.11 68.19
C ASP B 176 40.53 -59.17 69.19
N ALA B 177 40.29 -58.76 70.44
CA ALA B 177 39.94 -59.70 71.50
C ALA B 177 38.74 -59.39 72.42
N VAL B 178 38.23 -60.44 73.05
CA VAL B 178 37.13 -60.36 74.02
C VAL B 178 37.72 -60.87 75.33
N HIS B 179 37.75 -60.01 76.34
CA HIS B 179 38.27 -60.34 77.67
C HIS B 179 37.10 -60.75 78.53
N TYR B 180 37.11 -61.99 79.00
CA TYR B 180 36.00 -62.48 79.83
C TYR B 180 35.88 -61.92 81.24
N CYS B 181 36.83 -61.08 81.65
CA CYS B 181 36.77 -60.43 82.95
C CYS B 181 35.94 -59.14 82.73
N VAL B 182 35.80 -58.76 81.46
CA VAL B 182 35.01 -57.60 81.06
C VAL B 182 33.59 -58.11 80.73
N LYS B 183 33.50 -59.22 79.99
CA LYS B 183 32.24 -59.81 79.55
C LYS B 183 31.39 -60.58 80.57
N ALA B 184 32.01 -61.55 81.21
CA ALA B 184 31.33 -62.43 82.14
C ALA B 184 31.39 -62.03 83.60
N ARG B 185 31.96 -60.85 83.86
CA ARG B 185 32.16 -60.36 85.23
C ARG B 185 32.31 -58.84 85.21
N GLY B 186 32.19 -58.23 86.39
CA GLY B 186 32.36 -56.79 86.55
C GLY B 186 31.31 -55.97 85.86
N ILE B 187 31.71 -55.24 84.81
CA ILE B 187 30.80 -54.38 84.03
C ILE B 187 29.81 -55.23 83.19
N ARG B 188 30.16 -56.51 83.02
CA ARG B 188 29.38 -57.50 82.28
C ARG B 188 28.94 -57.01 80.90
N ASP B 189 29.91 -56.50 80.14
CA ASP B 189 29.63 -56.02 78.80
C ASP B 189 29.67 -57.21 77.84
N ALA B 190 28.47 -57.64 77.44
CA ALA B 190 28.32 -58.78 76.53
C ALA B 190 28.69 -58.52 75.08
N THR B 191 28.72 -57.27 74.67
CA THR B 191 29.00 -56.94 73.27
C THR B 191 30.35 -56.34 72.91
N SER B 192 31.04 -55.72 73.87
CA SER B 192 32.34 -55.10 73.57
C SER B 192 33.54 -55.99 73.32
N ALA B 193 34.41 -55.51 72.44
CA ALA B 193 35.64 -56.19 72.08
C ALA B 193 36.75 -55.14 72.00
N THR B 194 37.98 -55.54 72.28
CA THR B 194 39.10 -54.61 72.21
C THR B 194 40.07 -54.96 71.09
N THR B 195 40.41 -53.93 70.31
CA THR B 195 41.34 -54.06 69.22
C THR B 195 42.55 -53.22 69.64
N THR B 196 43.74 -53.82 69.56
CA THR B 196 45.01 -53.14 69.87
C THR B 196 45.88 -53.38 68.66
N THR B 197 46.29 -52.31 68.01
CA THR B 197 47.12 -52.39 66.82
C THR B 197 48.47 -51.69 66.91
N SER B 198 49.53 -52.41 66.52
CA SER B 198 50.90 -51.89 66.51
C SER B 198 51.42 -51.82 65.09
N LEU B 199 51.69 -50.60 64.65
CA LEU B 199 52.20 -50.35 63.31
C LEU B 199 53.71 -50.05 63.35
N GLY B 200 54.41 -50.60 62.35
CA GLY B 200 55.85 -50.40 62.24
C GLY B 200 56.26 -50.10 60.81
N GLY B 201 57.36 -49.34 60.67
CA GLY B 201 57.90 -48.98 59.37
C GLY B 201 56.97 -48.24 58.45
N LEU B 202 56.78 -48.79 57.25
CA LEU B 202 55.89 -48.18 56.26
C LEU B 202 54.43 -48.14 56.70
N PHE B 203 54.06 -49.08 57.58
CA PHE B 203 52.71 -49.16 58.11
C PHE B 203 52.46 -48.05 59.12
N LYS B 204 53.53 -47.35 59.48
CA LYS B 204 53.48 -46.27 60.45
C LYS B 204 53.84 -44.93 59.82
N SER B 205 55.14 -44.75 59.52
CA SER B 205 55.68 -43.52 58.93
C SER B 205 55.09 -43.09 57.59
N SER B 206 55.12 -43.99 56.60
CA SER B 206 54.57 -43.71 55.27
C SER B 206 53.04 -43.79 55.35
N GLN B 207 52.38 -42.75 54.84
CA GLN B 207 50.93 -42.60 54.83
C GLN B 207 50.19 -43.67 54.01
N ASN B 208 50.83 -44.07 52.91
CA ASN B 208 50.36 -45.06 51.94
C ASN B 208 50.03 -46.45 52.53
N THR B 209 51.06 -47.13 53.06
CA THR B 209 50.93 -48.47 53.63
C THR B 209 50.17 -48.56 54.96
N ARG B 210 49.96 -47.40 55.58
CA ARG B 210 49.24 -47.28 56.86
C ARG B 210 47.78 -47.62 56.65
N HIS B 211 47.22 -47.13 55.55
CA HIS B 211 45.81 -47.35 55.20
C HIS B 211 45.58 -48.67 54.44
N GLU B 212 46.67 -49.28 53.94
CA GLU B 212 46.59 -50.54 53.21
C GLU B 212 46.29 -51.73 54.13
N PHE B 213 46.75 -51.63 55.38
CA PHE B 213 46.55 -52.65 56.41
C PHE B 213 45.25 -52.40 57.16
N LEU B 214 45.20 -51.26 57.86
CA LEU B 214 44.07 -50.81 58.70
C LEU B 214 42.66 -50.99 58.16
N ARG B 215 42.53 -50.98 56.83
CA ARG B 215 41.26 -51.18 56.15
C ARG B 215 40.96 -52.68 56.02
N ALA B 216 42.01 -53.44 55.69
CA ALA B 216 41.93 -54.90 55.53
C ALA B 216 42.03 -55.68 56.87
N VAL B 217 41.88 -54.95 57.98
CA VAL B 217 41.87 -55.53 59.33
C VAL B 217 40.38 -55.59 59.64
N ARG B 218 39.99 -56.57 60.45
CA ARG B 218 38.61 -56.84 60.88
C ARG B 218 37.81 -57.59 59.78
N HIS B 219 38.12 -58.88 59.63
CA HIS B 219 37.45 -59.74 58.65
C HIS B 219 36.75 -60.93 59.30
N HIS B 220 35.59 -61.29 58.75
CA HIS B 220 34.77 -62.39 59.23
C HIS B 220 34.69 -63.45 58.11
N ASN B 221 35.31 -64.62 58.37
CA ASN B 221 35.36 -65.77 57.43
C ASN B 221 35.98 -65.49 56.05
N PRO C 1 34.59 -40.11 105.12
CA PRO C 1 34.61 -40.46 103.68
C PRO C 1 33.59 -39.68 102.84
N SER C 2 33.91 -39.41 101.56
CA SER C 2 32.98 -38.71 100.67
C SER C 2 33.06 -38.95 99.13
N LEU C 3 34.17 -38.58 98.46
CA LEU C 3 34.30 -38.75 96.97
C LEU C 3 35.59 -39.43 96.45
N SER C 4 35.99 -39.10 95.21
CA SER C 4 37.20 -39.65 94.57
C SER C 4 38.06 -38.58 93.83
N LYS C 5 39.39 -38.82 93.77
CA LYS C 5 40.39 -37.92 93.14
C LYS C 5 40.18 -37.82 91.65
N GLU C 6 40.12 -38.99 91.02
CA GLU C 6 39.93 -39.11 89.59
C GLU C 6 38.52 -38.62 89.20
N ALA C 7 37.58 -38.74 90.14
CA ALA C 7 36.22 -38.28 89.95
C ALA C 7 36.15 -36.76 90.01
N ALA C 8 36.96 -36.18 90.90
CA ALA C 8 37.04 -34.73 91.08
C ALA C 8 37.73 -34.03 89.92
N LEU C 9 38.77 -34.67 89.37
CA LEU C 9 39.52 -34.13 88.23
C LEU C 9 38.64 -34.08 86.98
N VAL C 10 37.83 -35.12 86.80
CA VAL C 10 36.91 -35.22 85.67
C VAL C 10 35.79 -34.20 85.81
N HIS C 11 35.18 -34.13 87.00
CA HIS C 11 34.08 -33.20 87.31
C HIS C 11 34.49 -31.76 87.03
N GLU C 12 35.67 -31.40 87.51
CA GLU C 12 36.25 -30.07 87.35
C GLU C 12 36.49 -29.72 85.90
N ALA C 13 37.06 -30.66 85.16
CA ALA C 13 37.36 -30.51 83.74
C ALA C 13 36.09 -30.26 82.94
N LEU C 14 35.01 -30.95 83.34
CA LEU C 14 33.70 -30.82 82.71
C LEU C 14 33.00 -29.51 83.07
N VAL C 15 33.10 -29.07 84.32
CA VAL C 15 32.51 -27.80 84.77
C VAL C 15 33.21 -26.64 84.03
N ALA C 16 34.52 -26.79 83.82
CA ALA C 16 35.34 -25.79 83.11
C ALA C 16 34.94 -25.62 81.65
N ARG C 17 34.30 -26.63 81.08
CA ARG C 17 33.85 -26.59 79.69
C ARG C 17 32.34 -26.47 79.55
N GLY C 18 31.64 -26.39 80.69
CA GLY C 18 30.20 -26.25 80.71
C GLY C 18 29.42 -27.51 80.33
N LEU C 19 30.04 -28.66 80.60
CA LEU C 19 29.47 -29.96 80.29
C LEU C 19 28.87 -30.63 81.54
N GLU C 20 29.02 -29.97 82.68
CA GLU C 20 28.49 -30.48 83.95
C GLU C 20 27.89 -29.37 84.81
N THR C 21 27.09 -29.80 85.78
CA THR C 21 26.40 -28.93 86.73
C THR C 21 27.29 -28.68 87.95
N PRO C 22 27.53 -27.40 88.34
CA PRO C 22 28.35 -27.08 89.52
C PRO C 22 27.79 -27.78 90.75
N LEU C 23 28.61 -28.66 91.32
CA LEU C 23 28.25 -29.47 92.49
C LEU C 23 27.77 -28.64 93.68
N ARG C 24 26.48 -28.29 93.66
CA ARG C 24 25.92 -27.55 94.73
C ARG C 24 24.36 -27.90 95.12
N PRO C 25 24.20 -28.74 96.17
CA PRO C 25 23.69 -29.62 97.24
C PRO C 25 24.59 -29.28 98.47
N PRO C 26 24.56 -30.08 99.58
CA PRO C 26 23.95 -31.30 100.15
C PRO C 26 22.42 -31.40 100.18
N VAL C 27 21.73 -30.32 99.74
CA VAL C 27 20.26 -30.10 99.70
C VAL C 27 19.93 -30.01 101.21
N HIS C 28 18.69 -30.29 101.60
CA HIS C 28 18.36 -30.35 103.02
C HIS C 28 18.29 -31.88 103.15
N GLU C 29 19.35 -32.44 103.73
CA GLU C 29 19.55 -33.89 103.94
C GLU C 29 18.30 -34.74 103.84
N MET C 30 17.88 -35.04 102.61
CA MET C 30 16.70 -35.87 102.47
C MET C 30 17.16 -37.30 102.38
N ASP C 31 16.57 -38.10 103.26
CA ASP C 31 16.82 -39.52 103.40
C ASP C 31 16.48 -40.18 102.07
N ASN C 32 17.41 -41.02 101.61
CA ASN C 32 17.32 -41.75 100.34
C ASN C 32 15.98 -42.49 100.20
N GLU C 33 15.52 -43.04 101.32
CA GLU C 33 14.27 -43.79 101.40
C GLU C 33 13.01 -42.93 101.43
N THR C 34 13.14 -41.65 101.80
CA THR C 34 12.01 -40.73 101.83
C THR C 34 11.82 -40.12 100.44
N ARG C 35 12.90 -40.01 99.67
CA ARG C 35 12.84 -39.48 98.28
C ARG C 35 12.06 -40.46 97.43
N LYS C 36 12.27 -41.75 97.73
CA LYS C 36 11.59 -42.85 97.04
C LYS C 36 10.09 -42.88 97.32
N SER C 37 9.71 -42.73 98.59
CA SER C 37 8.31 -42.74 99.01
C SER C 37 7.53 -41.51 98.52
N LEU C 38 8.22 -40.36 98.40
CA LEU C 38 7.62 -39.11 97.92
C LEU C 38 7.39 -39.18 96.41
N ILE C 39 8.39 -39.71 95.68
CA ILE C 39 8.31 -39.88 94.21
C ILE C 39 7.24 -40.94 93.90
N ALA C 40 7.17 -41.98 94.75
CA ALA C 40 6.19 -43.06 94.62
C ALA C 40 4.80 -42.49 94.86
N GLY C 41 4.73 -41.52 95.78
CA GLY C 41 3.50 -40.84 96.12
C GLY C 41 3.03 -39.97 94.97
N HIS C 42 3.98 -39.33 94.28
CA HIS C 42 3.68 -38.47 93.13
C HIS C 42 3.28 -39.28 91.89
N MET C 43 3.86 -40.48 91.76
CA MET C 43 3.54 -41.38 90.65
C MET C 43 2.19 -42.05 90.84
N THR C 44 1.80 -42.23 92.12
CA THR C 44 0.50 -42.81 92.50
C THR C 44 -0.60 -41.83 92.04
N GLU C 45 -0.32 -40.54 92.21
CA GLU C 45 -1.25 -39.47 91.81
C GLU C 45 -1.37 -39.37 90.29
N ILE C 46 -0.26 -39.55 89.58
CA ILE C 46 -0.22 -39.50 88.10
C ILE C 46 -1.05 -40.65 87.52
N MET C 47 -0.88 -41.83 88.10
CA MET C 47 -1.60 -43.04 87.66
C MET C 47 -3.10 -42.94 87.91
N GLN C 48 -3.47 -42.20 88.95
CA GLN C 48 -4.88 -41.94 89.33
C GLN C 48 -5.54 -41.00 88.34
N LEU C 49 -4.75 -40.03 87.86
CA LEU C 49 -5.20 -39.04 86.88
C LEU C 49 -5.30 -39.63 85.47
N LEU C 50 -4.80 -40.87 85.31
CA LEU C 50 -4.85 -41.58 84.04
C LEU C 50 -5.89 -42.70 84.13
N ASN C 51 -6.60 -42.69 85.26
CA ASN C 51 -7.69 -43.60 85.63
C ASN C 51 -7.36 -45.09 85.67
N LEU C 52 -6.21 -45.39 86.27
CA LEU C 52 -5.72 -46.76 86.39
C LEU C 52 -6.04 -47.28 87.80
N ASP C 53 -6.51 -48.52 87.87
CA ASP C 53 -6.86 -49.17 89.14
C ASP C 53 -5.61 -49.62 89.90
N LEU C 54 -5.34 -48.94 91.01
CA LEU C 54 -4.19 -49.23 91.87
C LEU C 54 -4.48 -50.36 92.86
N ALA C 55 -5.73 -50.85 92.83
CA ALA C 55 -6.19 -51.95 93.68
C ALA C 55 -5.74 -53.29 93.10
N ASP C 56 -5.31 -53.25 91.83
CA ASP C 56 -4.82 -54.41 91.11
C ASP C 56 -3.43 -54.75 91.63
N ASP C 57 -3.22 -56.03 91.94
CA ASP C 57 -1.98 -56.60 92.46
C ASP C 57 -0.69 -56.35 91.65
N SER C 58 -0.86 -55.91 90.40
CA SER C 58 0.23 -55.62 89.48
C SER C 58 0.59 -54.13 89.40
N LEU C 59 -0.43 -53.28 89.21
CA LEU C 59 -0.25 -51.82 89.13
C LEU C 59 0.02 -51.15 90.49
N MET C 60 -0.18 -51.91 91.57
CA MET C 60 0.01 -51.46 92.96
C MET C 60 1.47 -51.20 93.31
N GLU C 61 2.36 -52.07 92.85
CA GLU C 61 3.78 -51.92 93.12
C GLU C 61 4.55 -51.07 92.12
N THR C 62 3.86 -50.62 91.05
CA THR C 62 4.47 -49.79 90.01
C THR C 62 5.05 -48.43 90.47
N PRO C 63 4.34 -47.66 91.34
CA PRO C 63 4.91 -46.37 91.78
C PRO C 63 6.20 -46.54 92.58
N HIS C 64 6.28 -47.65 93.32
CA HIS C 64 7.45 -48.00 94.13
C HIS C 64 8.64 -48.35 93.24
N ARG C 65 8.37 -49.06 92.14
CA ARG C 65 9.41 -49.48 91.19
C ARG C 65 9.98 -48.36 90.34
N ILE C 66 9.13 -47.37 90.00
CA ILE C 66 9.54 -46.21 89.19
C ILE C 66 10.40 -45.30 90.08
N ALA C 67 10.07 -45.29 91.37
CA ALA C 67 10.80 -44.50 92.34
C ALA C 67 12.18 -45.11 92.57
N LYS C 68 12.22 -46.44 92.69
CA LYS C 68 13.44 -47.22 92.91
C LYS C 68 14.36 -47.11 91.71
N MET C 69 13.76 -46.97 90.52
CA MET C 69 14.47 -46.85 89.27
C MET C 69 15.14 -45.48 89.15
N TYR C 70 14.38 -44.43 89.48
CA TYR C 70 14.86 -43.04 89.42
C TYR C 70 15.92 -42.68 90.43
N VAL C 71 15.81 -43.21 91.65
CA VAL C 71 16.73 -42.90 92.74
C VAL C 71 17.99 -43.78 92.83
N ASP C 72 17.83 -45.09 92.69
CA ASP C 72 18.94 -46.04 92.82
C ASP C 72 19.56 -46.60 91.55
N GLU C 73 18.79 -46.65 90.46
CA GLU C 73 19.26 -47.29 89.22
C GLU C 73 19.70 -46.51 87.99
N ILE C 74 18.73 -46.15 87.14
CA ILE C 74 18.99 -45.45 85.87
C ILE C 74 19.63 -44.06 85.87
N PHE C 75 19.62 -43.38 87.02
CA PHE C 75 20.18 -42.04 87.16
C PHE C 75 21.36 -42.01 88.13
N SER C 76 22.01 -43.16 88.30
CA SER C 76 23.15 -43.33 89.21
C SER C 76 24.37 -42.49 88.84
N GLY C 77 24.46 -42.10 87.57
CA GLY C 77 25.55 -41.30 87.07
C GLY C 77 25.56 -39.83 87.46
N LEU C 78 24.50 -39.40 88.16
CA LEU C 78 24.37 -38.02 88.63
C LEU C 78 25.17 -37.80 89.93
N ASP C 79 25.55 -38.91 90.57
CA ASP C 79 26.31 -38.89 91.81
C ASP C 79 27.71 -39.45 91.55
N TYR C 80 28.71 -38.57 91.62
CA TYR C 80 30.11 -38.92 91.39
C TYR C 80 30.75 -39.92 92.37
N ALA C 81 29.96 -40.38 93.35
CA ALA C 81 30.41 -41.38 94.33
C ALA C 81 30.38 -42.73 93.63
N ASN C 82 29.56 -42.79 92.57
CA ASN C 82 29.37 -43.99 91.75
C ASN C 82 30.36 -44.07 90.59
N PHE C 83 31.27 -43.08 90.53
CA PHE C 83 32.31 -43.00 89.49
C PHE C 83 33.25 -44.18 89.65
N PRO C 84 33.58 -44.87 88.53
CA PRO C 84 34.48 -46.02 88.62
C PRO C 84 35.87 -45.74 89.17
N LYS C 85 36.44 -46.73 89.85
CA LYS C 85 37.77 -46.65 90.44
C LYS C 85 38.75 -46.85 89.29
N ILE C 86 39.29 -45.74 88.77
CA ILE C 86 40.22 -45.75 87.63
C ILE C 86 41.60 -46.31 87.97
N THR C 87 42.10 -47.17 87.07
CA THR C 87 43.44 -47.73 87.22
C THR C 87 44.23 -47.43 85.95
N LEU C 88 45.33 -46.70 86.15
CA LEU C 88 46.23 -46.34 85.06
C LEU C 88 47.55 -47.08 85.20
N ILE C 89 47.97 -47.74 84.13
CA ILE C 89 49.21 -48.51 84.08
C ILE C 89 50.23 -47.58 83.40
N GLU C 90 51.41 -47.43 83.99
CA GLU C 90 52.49 -46.57 83.45
C GLU C 90 52.94 -47.12 82.09
N ASN C 91 53.14 -46.23 81.12
CA ASN C 91 53.59 -46.61 79.79
C ASN C 91 55.09 -46.94 79.82
N LYS C 92 55.35 -48.17 80.29
CA LYS C 92 56.71 -48.74 80.39
C LYS C 92 57.09 -49.23 78.99
N MET C 93 56.05 -49.60 78.24
CA MET C 93 56.15 -50.12 76.87
C MET C 93 56.45 -49.04 75.80
N LYS C 94 56.28 -47.76 76.17
CA LYS C 94 56.47 -46.56 75.30
C LYS C 94 55.62 -46.67 74.02
N VAL C 95 54.49 -47.39 74.16
CA VAL C 95 53.53 -47.65 73.09
C VAL C 95 52.94 -46.40 72.46
N ASP C 96 53.32 -46.23 71.21
CA ASP C 96 52.91 -45.11 70.37
C ASP C 96 51.78 -45.56 69.44
N GLU C 97 51.12 -46.67 69.80
CA GLU C 97 50.04 -47.20 68.98
C GLU C 97 48.64 -47.25 69.60
N MET C 98 47.61 -47.53 68.80
CA MET C 98 46.25 -47.47 69.32
C MET C 98 45.42 -48.63 69.84
N VAL C 99 44.52 -48.25 70.76
CA VAL C 99 43.58 -49.14 71.42
C VAL C 99 42.15 -48.67 71.06
N THR C 100 41.29 -49.61 70.67
CA THR C 100 39.90 -49.29 70.32
C THR C 100 38.98 -50.24 71.04
N VAL C 101 38.04 -49.71 71.81
CA VAL C 101 37.04 -50.54 72.48
C VAL C 101 35.72 -50.22 71.77
N ARG C 102 35.28 -51.16 70.94
CA ARG C 102 34.04 -51.04 70.16
C ARG C 102 32.88 -51.77 70.78
N ASP C 103 31.69 -51.46 70.30
CA ASP C 103 30.42 -52.06 70.75
C ASP C 103 30.20 -52.10 72.26
N ILE C 104 30.48 -50.98 72.91
CA ILE C 104 30.29 -50.85 74.37
C ILE C 104 28.80 -50.70 74.64
N THR C 105 28.26 -51.52 75.55
CA THR C 105 26.85 -51.45 75.91
C THR C 105 26.61 -50.11 76.58
N LEU C 106 25.69 -49.34 76.00
CA LEU C 106 25.29 -48.04 76.50
C LEU C 106 23.78 -48.07 76.70
N THR C 107 23.34 -47.78 77.92
CA THR C 107 21.93 -47.73 78.31
C THR C 107 21.66 -46.34 78.91
N SER C 108 20.90 -45.52 78.20
CA SER C 108 20.60 -44.16 78.68
C SER C 108 19.10 -43.81 78.72
N THR C 109 18.80 -42.52 78.84
CA THR C 109 17.44 -42.01 78.98
C THR C 109 17.33 -40.60 78.34
N CYS C 110 16.32 -40.39 77.46
CA CYS C 110 15.99 -39.12 76.72
C CYS C 110 15.74 -38.07 77.85
N GLU C 111 16.54 -37.00 77.90
CA GLU C 111 16.38 -35.94 78.90
C GLU C 111 15.09 -35.19 78.62
N HIS C 112 14.73 -35.20 77.34
CA HIS C 112 13.54 -34.53 76.86
C HIS C 112 12.22 -35.19 77.24
N SER C 113 12.21 -36.52 77.37
CA SER C 113 10.98 -37.25 77.68
C SER C 113 11.08 -38.43 78.65
N PHE C 114 12.26 -38.64 79.24
CA PHE C 114 12.55 -39.75 80.17
C PHE C 114 12.36 -41.16 79.58
N VAL C 115 12.63 -41.26 78.27
CA VAL C 115 12.48 -42.53 77.54
C VAL C 115 13.85 -43.14 77.25
N THR C 116 13.86 -44.46 77.14
CA THR C 116 15.03 -45.29 76.83
C THR C 116 15.79 -44.89 75.54
N ILE C 117 17.11 -44.94 75.62
CA ILE C 117 18.01 -44.69 74.50
C ILE C 117 18.84 -45.96 74.50
N ASP C 118 18.84 -46.66 73.38
CA ASP C 118 19.61 -47.88 73.27
C ASP C 118 20.85 -47.55 72.42
N GLY C 119 22.01 -47.65 73.05
CA GLY C 119 23.23 -47.32 72.36
C GLY C 119 24.40 -48.27 72.40
N LYS C 120 25.35 -47.95 71.55
CA LYS C 120 26.62 -48.66 71.39
C LYS C 120 27.67 -47.57 71.33
N ALA C 121 28.74 -47.71 72.11
CA ALA C 121 29.82 -46.71 72.08
C ALA C 121 31.09 -47.31 71.54
N THR C 122 31.88 -46.48 70.86
CA THR C 122 33.16 -46.90 70.32
C THR C 122 34.17 -45.82 70.75
N VAL C 123 35.09 -46.23 71.61
CA VAL C 123 36.13 -45.34 72.11
C VAL C 123 37.49 -45.81 71.61
N ALA C 124 38.27 -44.85 71.15
CA ALA C 124 39.61 -45.10 70.64
C ALA C 124 40.60 -44.08 71.15
N TYR C 125 41.83 -44.54 71.40
CA TYR C 125 42.88 -43.63 71.86
C TYR C 125 44.27 -44.15 71.62
N ILE C 126 45.22 -43.21 71.64
CA ILE C 126 46.64 -43.50 71.51
C ILE C 126 47.24 -43.22 72.91
N PRO C 127 47.75 -44.26 73.61
CA PRO C 127 48.35 -44.05 74.94
C PRO C 127 49.60 -43.16 74.85
N LYS C 128 49.67 -42.16 75.74
CA LYS C 128 50.82 -41.27 75.80
C LYS C 128 51.72 -41.76 76.94
N ASP C 129 51.42 -41.34 78.17
CA ASP C 129 52.20 -41.74 79.34
C ASP C 129 51.47 -42.79 80.17
N SER C 130 50.20 -43.03 79.84
CA SER C 130 49.40 -44.02 80.56
C SER C 130 48.43 -44.83 79.71
N VAL C 131 48.23 -46.07 80.15
CA VAL C 131 47.32 -47.05 79.54
C VAL C 131 46.26 -47.32 80.61
N ILE C 132 45.03 -46.90 80.32
CA ILE C 132 43.89 -47.08 81.21
C ILE C 132 43.43 -48.53 81.11
N GLY C 133 42.88 -49.05 82.20
CA GLY C 133 42.36 -50.40 82.21
C GLY C 133 41.14 -50.48 81.30
N LEU C 134 41.06 -51.53 80.50
CA LEU C 134 39.97 -51.73 79.53
C LEU C 134 38.53 -51.58 80.02
N SER C 135 38.19 -52.24 81.14
CA SER C 135 36.85 -52.20 81.70
C SER C 135 36.42 -50.81 82.12
N LYS C 136 37.41 -49.98 82.49
CA LYS C 136 37.17 -48.60 82.94
C LYS C 136 36.56 -47.70 81.87
N ILE C 137 36.88 -47.99 80.60
CA ILE C 137 36.34 -47.25 79.46
C ILE C 137 34.83 -47.56 79.39
N ASN C 138 34.49 -48.84 79.51
CA ASN C 138 33.11 -49.31 79.51
C ASN C 138 32.37 -48.66 80.68
N ARG C 139 33.02 -48.67 81.85
CA ARG C 139 32.44 -48.12 83.09
C ARG C 139 32.25 -46.63 83.09
N ILE C 140 33.10 -45.90 82.34
CA ILE C 140 33.00 -44.45 82.21
C ILE C 140 31.83 -44.09 81.29
N VAL C 141 31.69 -44.83 80.20
CA VAL C 141 30.61 -44.62 79.22
C VAL C 141 29.26 -44.82 79.93
N GLN C 142 29.18 -45.89 80.71
CA GLN C 142 27.97 -46.21 81.45
C GLN C 142 27.64 -45.26 82.60
N PHE C 143 28.68 -44.64 83.18
CA PHE C 143 28.50 -43.68 84.29
C PHE C 143 27.75 -42.48 83.74
N PHE C 144 28.25 -41.95 82.64
CA PHE C 144 27.65 -40.80 81.98
C PHE C 144 26.35 -41.12 81.25
N ALA C 145 26.14 -42.39 80.91
CA ALA C 145 24.91 -42.82 80.25
C ALA C 145 23.77 -42.90 81.26
N GLN C 146 24.10 -43.30 82.49
CA GLN C 146 23.09 -43.43 83.55
C GLN C 146 22.66 -42.10 84.16
N ARG C 147 22.05 -41.24 83.35
CA ARG C 147 21.57 -39.94 83.76
C ARG C 147 20.69 -39.38 82.62
N PRO C 148 19.82 -38.37 82.89
CA PRO C 148 18.99 -37.81 81.80
C PRO C 148 19.92 -37.14 80.76
N GLN C 149 20.17 -37.85 79.66
CA GLN C 149 21.08 -37.35 78.64
C GLN C 149 20.60 -36.74 77.32
N VAL C 150 21.55 -36.06 76.68
CA VAL C 150 21.45 -35.43 75.36
C VAL C 150 22.67 -36.11 74.71
N GLN C 151 22.44 -36.88 73.65
CA GLN C 151 23.51 -37.62 72.98
C GLN C 151 24.80 -36.87 72.61
N GLU C 152 24.66 -35.62 72.15
CA GLU C 152 25.80 -34.78 71.77
C GLU C 152 26.61 -34.36 72.98
N ARG C 153 25.94 -34.22 74.11
CA ARG C 153 26.55 -33.84 75.37
C ARG C 153 27.26 -35.05 75.92
N LEU C 154 26.58 -36.20 75.91
CA LEU C 154 27.11 -37.48 76.39
C LEU C 154 28.42 -37.84 75.71
N THR C 155 28.45 -37.70 74.38
CA THR C 155 29.63 -37.99 73.57
C THR C 155 30.86 -37.18 74.04
N GLN C 156 30.63 -35.91 74.34
CA GLN C 156 31.70 -35.02 74.79
C GLN C 156 32.13 -35.23 76.23
N GLN C 157 31.16 -35.53 77.09
CA GLN C 157 31.45 -35.78 78.49
C GLN C 157 32.39 -36.96 78.61
N ILE C 158 32.19 -37.97 77.74
CA ILE C 158 33.05 -39.15 77.71
C ILE C 158 34.43 -38.75 77.15
N LEU C 159 34.46 -38.00 76.04
CA LEU C 159 35.72 -37.55 75.41
C LEU C 159 36.62 -36.80 76.37
N ILE C 160 36.11 -35.69 76.93
CA ILE C 160 36.84 -34.85 77.89
C ILE C 160 37.30 -35.66 79.10
N ALA C 161 36.41 -36.52 79.63
CA ALA C 161 36.72 -37.39 80.77
C ALA C 161 37.94 -38.28 80.51
N LEU C 162 37.97 -38.90 79.33
CA LEU C 162 39.05 -39.78 78.95
C LEU C 162 40.30 -38.99 78.57
N GLN C 163 40.10 -37.78 78.04
CA GLN C 163 41.20 -36.90 77.64
C GLN C 163 41.98 -36.39 78.86
N THR C 164 41.22 -36.15 79.94
CA THR C 164 41.72 -35.68 81.23
C THR C 164 42.50 -36.77 81.96
N LEU C 165 41.89 -37.95 82.12
CA LEU C 165 42.52 -39.07 82.81
C LEU C 165 43.78 -39.65 82.15
N LEU C 166 43.80 -39.59 80.83
CA LEU C 166 44.89 -40.12 80.03
C LEU C 166 45.99 -39.15 79.73
N GLY C 167 45.69 -37.86 79.94
CA GLY C 167 46.66 -36.79 79.70
C GLY C 167 46.99 -36.60 78.24
N THR C 168 46.07 -36.98 77.36
CA THR C 168 46.25 -36.82 75.91
C THR C 168 44.98 -36.29 75.31
N ASN C 169 45.13 -35.62 74.17
CA ASN C 169 44.00 -35.10 73.42
C ASN C 169 43.57 -36.15 72.39
N ASN C 170 44.50 -37.09 72.11
CA ASN C 170 44.30 -38.18 71.15
C ASN C 170 43.32 -39.25 71.63
N VAL C 171 42.04 -38.87 71.62
CA VAL C 171 40.93 -39.74 72.02
C VAL C 171 39.81 -39.47 71.03
N ALA C 172 39.06 -40.53 70.72
CA ALA C 172 37.94 -40.45 69.79
C ALA C 172 36.75 -41.20 70.39
N VAL C 173 35.60 -40.53 70.42
CA VAL C 173 34.37 -41.14 70.96
C VAL C 173 33.24 -41.06 69.92
N SER C 174 32.60 -42.21 69.69
CA SER C 174 31.48 -42.33 68.77
C SER C 174 30.37 -43.13 69.40
N ILE C 175 29.17 -42.54 69.44
CA ILE C 175 27.99 -43.19 70.00
C ILE C 175 26.94 -43.41 68.92
N ASP C 176 26.53 -44.66 68.80
CA ASP C 176 25.50 -45.07 67.86
C ASP C 176 24.29 -45.39 68.72
N ALA C 177 23.20 -44.65 68.55
CA ALA C 177 22.01 -44.88 69.36
C ALA C 177 20.63 -44.77 68.71
N VAL C 178 19.68 -45.48 69.31
CA VAL C 178 18.26 -45.49 68.91
C VAL C 178 17.53 -44.82 70.09
N HIS C 179 16.85 -43.73 69.79
CA HIS C 179 16.06 -42.98 70.78
C HIS C 179 14.62 -43.45 70.63
N TYR C 180 14.03 -43.95 71.72
CA TYR C 180 12.65 -44.41 71.68
C TYR C 180 11.62 -43.30 71.67
N CYS C 181 12.10 -42.05 71.79
CA CYS C 181 11.28 -40.84 71.71
C CYS C 181 11.10 -40.50 70.20
N VAL C 182 11.88 -41.18 69.35
CA VAL C 182 11.86 -41.04 67.88
C VAL C 182 11.25 -42.30 67.20
N LYS C 183 11.54 -43.45 67.78
CA LYS C 183 11.10 -44.73 67.24
C LYS C 183 9.66 -45.18 67.58
N ALA C 184 9.35 -45.17 68.87
CA ALA C 184 8.06 -45.63 69.38
C ALA C 184 7.01 -44.58 69.64
N ARG C 185 7.21 -43.38 69.09
CA ARG C 185 6.32 -42.25 69.32
C ARG C 185 6.67 -41.08 68.38
N GLY C 186 5.76 -40.12 68.28
CA GLY C 186 5.99 -38.95 67.44
C GLY C 186 6.04 -39.29 65.98
N ILE C 187 7.23 -39.12 65.37
CA ILE C 187 7.44 -39.39 63.95
C ILE C 187 7.42 -40.88 63.69
N ARG C 188 7.62 -41.66 64.76
CA ARG C 188 7.61 -43.12 64.75
C ARG C 188 8.51 -43.72 63.66
N ASP C 189 9.80 -43.37 63.72
CA ASP C 189 10.77 -43.88 62.76
C ASP C 189 11.40 -45.17 63.28
N ALA C 190 10.92 -46.29 62.75
CA ALA C 190 11.37 -47.60 63.17
C ALA C 190 12.77 -48.00 62.69
N THR C 191 13.31 -47.28 61.71
CA THR C 191 14.62 -47.62 61.17
C THR C 191 15.78 -46.64 61.43
N SER C 192 15.49 -45.38 61.81
CA SER C 192 16.59 -44.45 62.05
C SER C 192 17.44 -44.71 63.27
N ALA C 193 18.67 -44.25 63.16
CA ALA C 193 19.66 -44.34 64.23
C ALA C 193 20.55 -43.11 64.11
N THR C 194 20.95 -42.60 65.27
CA THR C 194 21.80 -41.42 65.37
C THR C 194 23.22 -41.75 65.85
N THR C 195 24.21 -41.32 65.05
CA THR C 195 25.61 -41.47 65.40
C THR C 195 26.17 -40.05 65.68
N THR C 196 26.75 -39.89 66.88
CA THR C 196 27.37 -38.64 67.30
C THR C 196 28.84 -38.97 67.57
N THR C 197 29.74 -38.35 66.81
CA THR C 197 31.18 -38.59 66.96
C THR C 197 32.03 -37.38 67.35
N SER C 198 32.83 -37.56 68.41
CA SER C 198 33.73 -36.52 68.92
C SER C 198 35.16 -36.97 68.73
N LEU C 199 35.88 -36.18 67.95
CA LEU C 199 37.27 -36.44 67.63
C LEU C 199 38.20 -35.41 68.26
N GLY C 200 39.24 -35.91 68.92
CA GLY C 200 40.19 -35.03 69.56
C GLY C 200 41.61 -35.33 69.10
N GLY C 201 42.49 -34.35 69.25
CA GLY C 201 43.88 -34.50 68.88
C GLY C 201 44.19 -34.98 67.48
N LEU C 202 44.97 -36.06 67.39
CA LEU C 202 45.35 -36.61 66.09
C LEU C 202 44.16 -37.13 65.31
N PHE C 203 43.08 -37.46 66.03
CA PHE C 203 41.83 -37.95 65.43
C PHE C 203 41.03 -36.82 64.80
N LYS C 204 41.41 -35.57 65.10
CA LYS C 204 40.75 -34.39 64.57
C LYS C 204 41.70 -33.63 63.64
N SER C 205 42.75 -33.04 64.23
CA SER C 205 43.77 -32.23 63.55
C SER C 205 44.52 -32.93 62.41
N SER C 206 45.23 -34.01 62.74
CA SER C 206 45.99 -34.81 61.77
C SER C 206 45.00 -35.59 60.91
N GLN C 207 45.19 -35.53 59.61
CA GLN C 207 44.29 -36.18 58.66
C GLN C 207 44.33 -37.69 58.54
N ASN C 208 45.47 -38.29 58.89
CA ASN C 208 45.64 -39.74 58.85
C ASN C 208 44.79 -40.46 59.90
N THR C 209 45.06 -40.15 61.17
CA THR C 209 44.37 -40.75 62.30
C THR C 209 42.87 -40.51 62.39
N ARG C 210 42.38 -39.51 61.66
CA ARG C 210 40.95 -39.16 61.60
C ARG C 210 40.17 -40.22 60.83
N HIS C 211 40.77 -40.69 59.73
CA HIS C 211 40.18 -41.69 58.84
C HIS C 211 40.46 -43.11 59.31
N GLU C 212 41.30 -43.26 60.33
CA GLU C 212 41.65 -44.57 60.91
C GLU C 212 40.56 -45.05 61.87
N PHE C 213 39.90 -44.09 62.51
CA PHE C 213 38.81 -44.36 63.46
C PHE C 213 37.48 -44.47 62.76
N LEU C 214 37.09 -43.39 62.09
CA LEU C 214 35.81 -43.27 61.37
C LEU C 214 35.45 -44.36 60.38
N ARG C 215 36.45 -45.11 59.94
CA ARG C 215 36.28 -46.22 59.02
C ARG C 215 35.95 -47.46 59.88
N ALA C 216 36.69 -47.63 60.98
CA ALA C 216 36.53 -48.73 61.93
C ALA C 216 35.40 -48.53 62.94
N VAL C 217 34.54 -47.55 62.66
CA VAL C 217 33.36 -47.24 63.48
C VAL C 217 32.22 -47.94 62.75
N ARG C 218 31.23 -48.38 63.53
CA ARG C 218 30.02 -49.07 63.07
C ARG C 218 30.30 -50.54 62.67
N HIS C 219 30.43 -51.37 63.70
CA HIS C 219 30.69 -52.81 63.53
C HIS C 219 29.57 -53.64 64.16
N HIS C 220 29.29 -54.77 63.51
CA HIS C 220 28.25 -55.71 63.93
C HIS C 220 28.92 -57.04 64.26
N ASN C 221 28.89 -57.41 65.55
CA ASN C 221 29.48 -58.64 66.11
C ASN C 221 31.00 -58.77 66.00
N PRO D 1 -4.55 -16.72 63.43
CA PRO D 1 -3.71 -17.92 63.15
C PRO D 1 -3.29 -17.99 61.67
N SER D 2 -1.99 -18.14 61.42
CA SER D 2 -1.46 -18.20 60.05
C SER D 2 -0.44 -19.34 59.81
N LEU D 3 0.86 -19.00 59.79
CA LEU D 3 1.94 -19.98 59.60
C LEU D 3 2.87 -20.07 60.80
N SER D 4 4.17 -20.19 60.54
CA SER D 4 5.22 -20.30 61.58
C SER D 4 6.50 -19.58 61.14
N LYS D 5 7.32 -19.20 62.12
CA LYS D 5 8.59 -18.50 61.89
C LYS D 5 9.58 -19.37 61.15
N GLU D 6 9.77 -20.60 61.65
CA GLU D 6 10.67 -21.60 61.08
C GLU D 6 10.26 -22.06 59.68
N ALA D 7 8.96 -22.11 59.46
CA ALA D 7 8.37 -22.49 58.18
C ALA D 7 8.64 -21.40 57.14
N ALA D 8 8.57 -20.16 57.62
CA ALA D 8 8.80 -18.97 56.83
C ALA D 8 10.25 -18.79 56.35
N LEU D 9 11.23 -19.08 57.22
CA LEU D 9 12.66 -18.95 56.85
C LEU D 9 13.07 -19.96 55.79
N VAL D 10 12.54 -21.17 55.95
CA VAL D 10 12.80 -22.27 55.05
C VAL D 10 12.14 -21.99 53.72
N HIS D 11 10.88 -21.52 53.78
CA HIS D 11 10.11 -21.20 52.58
C HIS D 11 10.84 -20.19 51.71
N GLU D 12 11.27 -19.08 52.29
CA GLU D 12 11.96 -18.06 51.51
C GLU D 12 13.35 -18.41 51.03
N ALA D 13 14.02 -19.27 51.80
CA ALA D 13 15.35 -19.73 51.47
C ALA D 13 15.28 -20.63 50.23
N LEU D 14 14.19 -21.38 50.13
CA LEU D 14 13.95 -22.28 49.02
C LEU D 14 13.46 -21.54 47.78
N VAL D 15 12.64 -20.50 47.99
CA VAL D 15 12.11 -19.65 46.91
C VAL D 15 13.27 -18.87 46.28
N ALA D 16 14.22 -18.44 47.11
CA ALA D 16 15.40 -17.70 46.68
C ALA D 16 16.36 -18.50 45.80
N ARG D 17 16.24 -19.83 45.86
CA ARG D 17 17.06 -20.77 45.08
C ARG D 17 16.26 -21.56 44.02
N GLY D 18 14.99 -21.20 43.85
CA GLY D 18 14.13 -21.85 42.86
C GLY D 18 13.78 -23.29 43.18
N LEU D 19 13.64 -23.57 44.48
CA LEU D 19 13.33 -24.90 45.00
C LEU D 19 11.92 -24.98 45.58
N GLU D 20 11.26 -23.83 45.61
CA GLU D 20 9.88 -23.73 46.08
C GLU D 20 9.09 -22.70 45.28
N THR D 21 7.76 -22.79 45.41
CA THR D 21 6.80 -21.88 44.77
C THR D 21 6.78 -20.55 45.53
N PRO D 22 7.01 -19.41 44.84
CA PRO D 22 7.01 -18.09 45.49
C PRO D 22 5.67 -17.76 46.14
N LEU D 23 5.70 -17.15 47.32
CA LEU D 23 4.45 -16.81 48.00
C LEU D 23 3.70 -15.66 47.29
N ARG D 24 2.49 -16.02 46.87
CA ARG D 24 1.54 -15.18 46.13
C ARG D 24 0.49 -14.54 47.07
N PRO D 25 -0.22 -13.46 46.62
CA PRO D 25 -1.25 -12.81 47.45
C PRO D 25 -2.32 -13.75 48.00
N PRO D 26 -2.71 -13.59 49.29
CA PRO D 26 -3.72 -14.44 49.92
C PRO D 26 -5.07 -14.42 49.20
N VAL D 27 -5.36 -15.51 48.49
CA VAL D 27 -6.60 -15.63 47.75
C VAL D 27 -7.70 -16.04 48.76
N HIS D 28 -8.15 -17.28 48.67
CA HIS D 28 -9.21 -17.97 49.45
C HIS D 28 -9.89 -18.80 48.38
N GLU D 29 -10.48 -19.94 48.74
CA GLU D 29 -11.18 -20.74 47.73
C GLU D 29 -12.14 -21.79 48.27
N MET D 30 -11.75 -23.04 48.06
CA MET D 30 -12.54 -24.21 48.42
C MET D 30 -12.39 -24.73 49.83
N ASP D 31 -13.45 -25.40 50.25
CA ASP D 31 -13.55 -26.05 51.56
C ASP D 31 -12.84 -27.37 51.27
N ASN D 32 -12.06 -27.85 52.23
CA ASN D 32 -11.30 -29.10 52.09
C ASN D 32 -12.12 -30.34 51.75
N GLU D 33 -13.36 -30.37 52.23
CA GLU D 33 -14.26 -31.49 51.96
C GLU D 33 -14.92 -31.42 50.58
N THR D 34 -14.89 -30.24 49.95
CA THR D 34 -15.46 -30.08 48.61
C THR D 34 -14.40 -30.53 47.61
N ARG D 35 -13.12 -30.31 47.96
CA ARG D 35 -11.98 -30.72 47.11
C ARG D 35 -11.94 -32.23 46.97
N LYS D 36 -12.18 -32.91 48.09
CA LYS D 36 -12.22 -34.37 48.16
C LYS D 36 -13.39 -34.95 47.36
N SER D 37 -14.56 -34.31 47.47
CA SER D 37 -15.79 -34.73 46.77
C SER D 37 -15.65 -34.58 45.26
N LEU D 38 -14.98 -33.52 44.84
CA LEU D 38 -14.74 -33.24 43.42
C LEU D 38 -13.72 -34.20 42.82
N ILE D 39 -12.65 -34.49 43.57
CA ILE D 39 -11.58 -35.41 43.16
C ILE D 39 -12.16 -36.84 43.11
N ALA D 40 -12.99 -37.17 44.11
CA ALA D 40 -13.65 -38.47 44.21
C ALA D 40 -14.58 -38.66 43.01
N GLY D 41 -15.22 -37.56 42.61
CA GLY D 41 -16.11 -37.56 41.47
C GLY D 41 -15.35 -37.79 40.17
N HIS D 42 -14.16 -37.21 40.07
CA HIS D 42 -13.31 -37.35 38.89
C HIS D 42 -12.66 -38.73 38.83
N MET D 43 -12.45 -39.34 40.00
CA MET D 43 -11.88 -40.68 40.10
C MET D 43 -12.93 -41.73 39.75
N THR D 44 -14.19 -41.41 40.03
CA THR D 44 -15.33 -42.28 39.73
C THR D 44 -15.46 -42.35 38.21
N GLU D 45 -15.16 -41.24 37.54
CA GLU D 45 -15.19 -41.13 36.09
C GLU D 45 -14.08 -41.95 35.45
N ILE D 46 -12.86 -41.85 36.00
CA ILE D 46 -11.68 -42.59 35.52
C ILE D 46 -11.89 -44.11 35.56
N MET D 47 -12.46 -44.57 36.68
CA MET D 47 -12.74 -45.98 36.92
C MET D 47 -13.86 -46.53 36.01
N GLN D 48 -14.78 -45.65 35.62
CA GLN D 48 -15.89 -45.99 34.73
C GLN D 48 -15.34 -46.17 33.32
N LEU D 49 -14.35 -45.35 32.97
CA LEU D 49 -13.68 -45.40 31.67
C LEU D 49 -12.73 -46.59 31.55
N LEU D 50 -12.55 -47.32 32.65
CA LEU D 50 -11.68 -48.49 32.70
C LEU D 50 -12.52 -49.76 32.88
N ASN D 51 -13.84 -49.59 32.75
CA ASN D 51 -14.86 -50.63 32.86
C ASN D 51 -14.88 -51.39 34.18
N LEU D 52 -14.79 -50.64 35.27
CA LEU D 52 -14.79 -51.21 36.61
C LEU D 52 -16.18 -51.07 37.26
N ASP D 53 -16.67 -52.16 37.85
CA ASP D 53 -17.97 -52.18 38.51
C ASP D 53 -17.94 -51.46 39.86
N LEU D 54 -18.49 -50.25 39.86
CA LEU D 54 -18.57 -49.43 41.06
C LEU D 54 -19.75 -49.79 41.95
N ALA D 55 -20.49 -50.82 41.54
CA ALA D 55 -21.64 -51.33 42.29
C ALA D 55 -21.18 -52.35 43.33
N ASP D 56 -19.92 -52.80 43.19
CA ASP D 56 -19.31 -53.77 44.11
C ASP D 56 -18.89 -53.00 45.37
N ASP D 57 -19.22 -53.57 46.53
CA ASP D 57 -18.93 -52.98 47.84
C ASP D 57 -17.47 -52.71 48.22
N SER D 58 -16.54 -53.03 47.31
CA SER D 58 -15.11 -52.80 47.53
C SER D 58 -14.58 -51.62 46.71
N LEU D 59 -14.90 -51.61 45.40
CA LEU D 59 -14.46 -50.53 44.51
C LEU D 59 -15.30 -49.27 44.63
N MET D 60 -16.36 -49.37 45.43
CA MET D 60 -17.32 -48.31 45.71
C MET D 60 -16.69 -47.18 46.53
N GLU D 61 -15.91 -47.55 47.55
CA GLU D 61 -15.24 -46.59 48.42
C GLU D 61 -13.86 -46.15 47.98
N THR D 62 -13.37 -46.70 46.85
CA THR D 62 -12.06 -46.36 46.30
C THR D 62 -11.89 -44.88 45.87
N PRO D 63 -12.89 -44.27 45.17
CA PRO D 63 -12.70 -42.86 44.78
C PRO D 63 -12.57 -41.91 45.97
N HIS D 64 -13.28 -42.22 47.04
CA HIS D 64 -13.31 -41.45 48.29
C HIS D 64 -11.95 -41.54 49.00
N ARG D 65 -11.33 -42.73 48.94
CA ARG D 65 -10.03 -43.00 49.56
C ARG D 65 -8.87 -42.35 48.83
N ILE D 66 -8.92 -42.35 47.49
CA ILE D 66 -7.87 -41.73 46.66
C ILE D 66 -7.96 -40.22 46.83
N ALA D 67 -9.17 -39.75 47.09
CA ALA D 67 -9.41 -38.34 47.31
C ALA D 67 -8.84 -37.91 48.66
N LYS D 68 -9.08 -38.72 49.69
CA LYS D 68 -8.60 -38.46 51.05
C LYS D 68 -7.07 -38.53 51.10
N MET D 69 -6.54 -39.39 50.24
CA MET D 69 -5.11 -39.62 50.13
C MET D 69 -4.37 -38.39 49.60
N TYR D 70 -4.86 -37.85 48.49
CA TYR D 70 -4.30 -36.68 47.82
C TYR D 70 -4.39 -35.36 48.59
N VAL D 71 -5.51 -35.15 49.29
CA VAL D 71 -5.75 -33.93 50.04
C VAL D 71 -5.20 -33.90 51.48
N ASP D 72 -5.49 -34.93 52.27
CA ASP D 72 -5.08 -35.01 53.68
C ASP D 72 -3.83 -35.81 54.06
N GLU D 73 -3.42 -36.75 53.21
CA GLU D 73 -2.30 -37.64 53.56
C GLU D 73 -0.95 -37.53 52.85
N ILE D 74 -0.84 -38.12 51.67
CA ILE D 74 0.41 -38.18 50.92
C ILE D 74 1.00 -36.92 50.33
N PHE D 75 0.24 -35.83 50.29
CA PHE D 75 0.72 -34.57 49.74
C PHE D 75 0.63 -33.44 50.76
N SER D 76 0.60 -33.80 52.05
CA SER D 76 0.49 -32.81 53.13
C SER D 76 1.70 -31.88 53.30
N GLY D 77 2.79 -32.22 52.60
CA GLY D 77 4.00 -31.44 52.62
C GLY D 77 3.93 -30.18 51.76
N LEU D 78 2.87 -30.08 50.97
CA LEU D 78 2.66 -28.92 50.11
C LEU D 78 2.11 -27.71 50.89
N ASP D 79 1.61 -27.98 52.09
CA ASP D 79 1.06 -26.96 52.97
C ASP D 79 2.04 -26.75 54.14
N TYR D 80 2.64 -25.56 54.24
CA TYR D 80 3.61 -25.23 55.30
C TYR D 80 3.06 -25.10 56.73
N ALA D 81 1.78 -25.43 56.89
CA ALA D 81 1.12 -25.39 58.20
C ALA D 81 1.44 -26.71 58.88
N ASN D 82 1.79 -27.70 58.06
CA ASN D 82 2.17 -29.03 58.50
C ASN D 82 3.66 -29.14 58.74
N PHE D 83 4.37 -28.02 58.59
CA PHE D 83 5.81 -27.95 58.83
C PHE D 83 6.05 -28.25 60.31
N PRO D 84 7.06 -29.09 60.63
CA PRO D 84 7.36 -29.42 62.02
C PRO D 84 7.78 -28.23 62.87
N LYS D 85 7.46 -28.31 64.16
CA LYS D 85 7.81 -27.30 65.14
C LYS D 85 9.28 -27.57 65.47
N ILE D 86 10.18 -26.77 64.90
CA ILE D 86 11.62 -26.94 65.11
C ILE D 86 12.10 -26.39 66.46
N THR D 87 12.92 -27.19 67.16
CA THR D 87 13.50 -26.77 68.44
C THR D 87 15.01 -26.83 68.28
N LEU D 88 15.67 -25.70 68.57
CA LEU D 88 17.12 -25.60 68.48
C LEU D 88 17.70 -25.33 69.86
N ILE D 89 18.67 -26.15 70.23
CA ILE D 89 19.35 -26.04 71.52
C ILE D 89 20.62 -25.23 71.27
N GLU D 90 20.87 -24.22 72.12
CA GLU D 90 22.05 -23.37 72.00
C GLU D 90 23.32 -24.18 72.27
N ASN D 91 24.28 -24.04 71.37
CA ASN D 91 25.53 -24.77 71.45
C ASN D 91 26.51 -24.12 72.45
N LYS D 92 26.25 -24.26 73.74
CA LYS D 92 27.18 -23.76 74.72
C LYS D 92 27.99 -24.92 75.32
N MET D 93 28.06 -25.91 74.44
CA MET D 93 28.77 -27.18 74.56
C MET D 93 30.02 -26.82 73.74
N LYS D 94 29.79 -25.90 72.76
CA LYS D 94 30.75 -25.34 71.76
C LYS D 94 31.39 -26.44 70.94
N VAL D 95 30.64 -27.53 70.74
CA VAL D 95 31.22 -28.66 70.06
C VAL D 95 31.28 -28.68 68.55
N ASP D 96 32.51 -28.97 68.14
CA ASP D 96 32.99 -29.13 66.79
C ASP D 96 32.88 -30.62 66.37
N GLU D 97 31.86 -31.32 66.90
CA GLU D 97 31.59 -32.74 66.58
C GLU D 97 30.58 -32.93 65.44
N MET D 98 30.46 -34.16 64.93
CA MET D 98 29.46 -34.40 63.89
C MET D 98 28.36 -35.38 64.24
N VAL D 99 27.15 -35.00 63.84
CA VAL D 99 25.94 -35.78 64.08
C VAL D 99 25.43 -36.39 62.77
N THR D 100 25.17 -37.70 62.77
CA THR D 100 24.67 -38.39 61.58
C THR D 100 23.40 -39.17 61.91
N VAL D 101 22.31 -38.83 61.24
CA VAL D 101 21.05 -39.54 61.43
C VAL D 101 20.88 -40.33 60.14
N ARG D 102 21.04 -41.63 60.27
CA ARG D 102 20.95 -42.55 59.13
C ARG D 102 19.65 -43.34 59.08
N ASP D 103 19.43 -43.97 57.92
CA ASP D 103 18.25 -44.79 57.63
C ASP D 103 16.93 -44.19 58.06
N ILE D 104 16.75 -42.91 57.75
CA ILE D 104 15.52 -42.18 58.05
C ILE D 104 14.46 -42.60 57.05
N THR D 105 13.31 -43.05 57.56
CA THR D 105 12.19 -43.49 56.76
C THR D 105 11.73 -42.32 55.86
N LEU D 106 11.77 -42.56 54.56
CA LEU D 106 11.36 -41.58 53.55
C LEU D 106 10.29 -42.22 52.68
N THR D 107 9.09 -41.65 52.72
CA THR D 107 7.96 -42.14 51.94
C THR D 107 7.49 -41.02 51.03
N SER D 108 7.73 -41.17 49.73
CA SER D 108 7.35 -40.16 48.76
C SER D 108 6.49 -40.69 47.60
N THR D 109 6.28 -39.83 46.60
CA THR D 109 5.52 -40.13 45.40
C THR D 109 6.19 -39.38 44.26
N CYS D 110 6.48 -40.07 43.15
CA CYS D 110 7.11 -39.43 41.98
C CYS D 110 6.09 -38.51 41.29
N GLU D 111 6.48 -37.28 40.97
CA GLU D 111 5.57 -36.34 40.30
C GLU D 111 5.31 -36.64 38.83
N HIS D 112 6.11 -37.54 38.27
CA HIS D 112 6.00 -37.91 36.89
C HIS D 112 4.86 -38.90 36.63
N SER D 113 4.58 -39.75 37.63
CA SER D 113 3.55 -40.78 37.49
C SER D 113 2.66 -41.03 38.70
N PHE D 114 2.85 -40.25 39.77
CA PHE D 114 2.12 -40.39 41.03
C PHE D 114 2.23 -41.81 41.64
N VAL D 115 3.39 -42.43 41.42
CA VAL D 115 3.69 -43.77 41.91
C VAL D 115 4.67 -43.67 43.09
N THR D 116 4.53 -44.61 44.02
CA THR D 116 5.32 -44.73 45.24
C THR D 116 6.85 -44.72 45.06
N ILE D 117 7.52 -44.00 45.96
CA ILE D 117 8.98 -43.95 46.04
C ILE D 117 9.29 -44.43 47.46
N ASP D 118 10.02 -45.53 47.57
CA ASP D 118 10.41 -46.09 48.85
C ASP D 118 11.87 -45.70 49.06
N GLY D 119 12.09 -44.84 50.05
CA GLY D 119 13.44 -44.39 50.31
C GLY D 119 13.92 -44.41 51.74
N LYS D 120 15.21 -44.12 51.87
CA LYS D 120 15.88 -44.07 53.16
C LYS D 120 16.81 -42.87 53.04
N ALA D 121 16.75 -41.99 54.03
CA ALA D 121 17.61 -40.81 54.03
C ALA D 121 18.71 -40.85 55.08
N THR D 122 19.83 -40.22 54.76
CA THR D 122 20.98 -40.12 55.67
C THR D 122 21.34 -38.63 55.71
N VAL D 123 21.36 -38.08 56.91
CA VAL D 123 21.68 -36.68 57.08
C VAL D 123 22.83 -36.54 58.07
N ALA D 124 23.79 -35.69 57.73
CA ALA D 124 24.92 -35.39 58.59
C ALA D 124 25.17 -33.90 58.63
N TYR D 125 25.62 -33.42 59.80
CA TYR D 125 25.94 -32.03 59.98
C TYR D 125 26.91 -31.85 61.12
N ILE D 126 27.59 -30.70 61.11
CA ILE D 126 28.56 -30.32 62.14
C ILE D 126 27.94 -29.09 62.82
N PRO D 127 27.50 -29.21 64.10
CA PRO D 127 26.92 -28.06 64.80
C PRO D 127 27.83 -26.82 64.85
N LYS D 128 27.25 -25.66 64.57
CA LYS D 128 27.99 -24.40 64.65
C LYS D 128 27.49 -23.71 65.91
N ASP D 129 26.45 -22.89 65.79
CA ASP D 129 25.91 -22.16 66.93
C ASP D 129 24.68 -22.83 67.53
N SER D 130 24.19 -23.87 66.87
CA SER D 130 23.01 -24.60 67.35
C SER D 130 22.99 -26.09 67.00
N VAL D 131 22.28 -26.84 67.84
CA VAL D 131 22.08 -28.28 67.69
C VAL D 131 20.56 -28.45 67.50
N ILE D 132 20.14 -29.08 66.40
CA ILE D 132 18.71 -29.30 66.12
C ILE D 132 18.25 -30.53 66.85
N GLY D 133 16.96 -30.56 67.18
CA GLY D 133 16.35 -31.69 67.84
C GLY D 133 16.37 -32.86 66.88
N LEU D 134 16.82 -34.02 67.34
CA LEU D 134 16.95 -35.20 66.49
C LEU D 134 15.77 -35.58 65.61
N SER D 135 14.60 -35.75 66.23
CA SER D 135 13.38 -36.15 65.51
C SER D 135 12.98 -35.16 64.43
N LYS D 136 13.36 -33.89 64.60
CA LYS D 136 13.04 -32.84 63.64
C LYS D 136 13.72 -33.05 62.29
N ILE D 137 14.84 -33.76 62.27
CA ILE D 137 15.56 -34.05 61.02
C ILE D 137 14.72 -35.07 60.22
N ASN D 138 14.14 -36.04 60.94
CA ASN D 138 13.28 -37.06 60.35
C ASN D 138 12.01 -36.38 59.82
N ARG D 139 11.44 -35.48 60.63
CA ARG D 139 10.21 -34.75 60.30
C ARG D 139 10.37 -33.82 59.10
N ILE D 140 11.54 -33.19 58.95
CA ILE D 140 11.83 -32.30 57.80
C ILE D 140 11.92 -33.14 56.53
N VAL D 141 12.56 -34.30 56.63
CA VAL D 141 12.74 -35.21 55.50
C VAL D 141 11.36 -35.66 55.04
N GLN D 142 10.52 -36.00 56.00
CA GLN D 142 9.17 -36.46 55.70
C GLN D 142 8.23 -35.34 55.24
N PHE D 143 8.52 -34.11 55.64
CA PHE D 143 7.70 -32.98 55.23
C PHE D 143 7.85 -32.78 53.72
N PHE D 144 9.10 -32.71 53.26
CA PHE D 144 9.37 -32.53 51.86
C PHE D 144 9.12 -33.75 51.02
N ALA D 145 9.15 -34.92 51.66
CA ALA D 145 8.88 -36.18 50.95
C ALA D 145 7.41 -36.37 50.61
N GLN D 146 6.50 -35.91 51.50
CA GLN D 146 5.04 -36.04 51.31
C GLN D 146 4.60 -34.98 50.32
N ARG D 147 5.05 -35.14 49.08
CA ARG D 147 4.80 -34.20 48.00
C ARG D 147 5.04 -34.89 46.66
N PRO D 148 4.54 -34.31 45.54
CA PRO D 148 4.81 -34.95 44.25
C PRO D 148 6.27 -34.55 44.02
N GLN D 149 7.19 -35.51 44.19
CA GLN D 149 8.62 -35.24 44.08
C GLN D 149 9.47 -35.72 42.92
N VAL D 150 10.67 -35.13 42.88
CA VAL D 150 11.77 -35.42 41.96
C VAL D 150 12.90 -35.59 43.00
N GLN D 151 13.52 -36.77 43.02
CA GLN D 151 14.59 -37.13 43.97
C GLN D 151 15.73 -36.15 44.15
N GLU D 152 16.17 -35.57 43.04
CA GLU D 152 17.27 -34.60 43.04
C GLU D 152 16.92 -33.27 43.69
N ARG D 153 15.66 -32.86 43.54
CA ARG D 153 15.14 -31.62 44.09
C ARG D 153 14.87 -31.84 45.59
N LEU D 154 14.31 -33.01 45.91
CA LEU D 154 13.99 -33.43 47.29
C LEU D 154 15.23 -33.39 48.16
N THR D 155 16.36 -33.83 47.61
CA THR D 155 17.64 -33.84 48.31
C THR D 155 18.12 -32.40 48.59
N GLN D 156 17.94 -31.50 47.62
CA GLN D 156 18.34 -30.10 47.74
C GLN D 156 17.49 -29.32 48.73
N GLN D 157 16.20 -29.63 48.77
CA GLN D 157 15.25 -28.97 49.65
C GLN D 157 15.58 -29.25 51.11
N ILE D 158 15.91 -30.51 51.40
CA ILE D 158 16.26 -30.95 52.74
C ILE D 158 17.61 -30.34 53.14
N LEU D 159 18.51 -30.17 52.15
CA LEU D 159 19.84 -29.61 52.40
C LEU D 159 19.73 -28.17 52.83
N ILE D 160 19.15 -27.35 51.96
CA ILE D 160 18.96 -25.92 52.17
C ILE D 160 18.15 -25.61 53.45
N ALA D 161 17.10 -26.38 53.68
CA ALA D 161 16.24 -26.23 54.86
C ALA D 161 17.03 -26.44 56.15
N LEU D 162 17.87 -27.48 56.15
CA LEU D 162 18.69 -27.78 57.31
C LEU D 162 19.84 -26.78 57.48
N GLN D 163 20.40 -26.31 56.36
CA GLN D 163 21.46 -25.30 56.37
C GLN D 163 20.96 -23.96 56.93
N THR D 164 19.75 -23.57 56.54
CA THR D 164 19.11 -22.32 56.97
C THR D 164 18.77 -22.32 58.47
N LEU D 165 18.16 -23.41 58.94
CA LEU D 165 17.74 -23.61 60.32
C LEU D 165 18.92 -23.74 61.27
N LEU D 166 20.01 -24.31 60.79
CA LEU D 166 21.21 -24.50 61.59
C LEU D 166 22.22 -23.38 61.49
N GLY D 167 22.08 -22.53 60.47
CA GLY D 167 22.99 -21.43 60.24
C GLY D 167 24.41 -21.86 59.88
N THR D 168 24.53 -23.00 59.20
CA THR D 168 25.80 -23.57 58.76
C THR D 168 25.65 -24.22 57.39
N ASN D 169 26.72 -24.16 56.60
CA ASN D 169 26.74 -24.78 55.28
C ASN D 169 27.12 -26.25 55.45
N ASN D 170 27.75 -26.55 56.60
CA ASN D 170 28.22 -27.90 56.93
C ASN D 170 27.14 -28.93 57.18
N VAL D 171 26.40 -29.26 56.12
CA VAL D 171 25.33 -30.25 56.15
C VAL D 171 25.49 -31.12 54.90
N ALA D 172 25.21 -32.42 55.05
CA ALA D 172 25.24 -33.39 53.95
C ALA D 172 23.95 -34.21 53.99
N VAL D 173 23.29 -34.33 52.83
CA VAL D 173 22.02 -35.09 52.72
C VAL D 173 22.17 -36.10 51.58
N SER D 174 21.77 -37.34 51.87
CA SER D 174 21.84 -38.42 50.90
C SER D 174 20.54 -39.22 50.92
N ILE D 175 19.91 -39.42 49.76
CA ILE D 175 18.69 -40.23 49.69
C ILE D 175 18.91 -41.46 48.82
N ASP D 176 18.62 -42.63 49.39
CA ASP D 176 18.72 -43.91 48.71
C ASP D 176 17.28 -44.34 48.49
N ALA D 177 16.84 -44.39 47.23
CA ALA D 177 15.46 -44.75 46.91
C ALA D 177 15.18 -45.67 45.74
N VAL D 178 14.05 -46.38 45.86
CA VAL D 178 13.54 -47.28 44.83
C VAL D 178 12.27 -46.63 44.27
N HIS D 179 12.27 -46.35 42.97
CA HIS D 179 11.11 -45.75 42.33
C HIS D 179 10.33 -46.92 41.77
N TYR D 180 9.04 -47.00 42.12
CA TYR D 180 8.21 -48.10 41.61
C TYR D 180 7.76 -47.92 40.16
N CYS D 181 8.05 -46.75 39.59
CA CYS D 181 7.75 -46.44 38.20
C CYS D 181 8.91 -46.97 37.36
N VAL D 182 10.00 -47.33 38.05
CA VAL D 182 11.20 -47.90 37.45
C VAL D 182 11.18 -49.41 37.71
N LYS D 183 10.71 -49.80 38.89
CA LYS D 183 10.66 -51.20 39.29
C LYS D 183 9.47 -52.04 38.83
N ALA D 184 8.26 -51.56 39.10
CA ALA D 184 7.02 -52.27 38.78
C ALA D 184 6.31 -51.86 37.48
N ARG D 185 7.05 -51.20 36.59
CA ARG D 185 6.51 -50.69 35.34
C ARG D 185 7.66 -50.28 34.41
N GLY D 186 7.35 -50.10 33.12
CA GLY D 186 8.33 -49.68 32.11
C GLY D 186 9.50 -50.62 31.90
N ILE D 187 10.67 -50.21 32.39
CA ILE D 187 11.90 -51.01 32.27
C ILE D 187 11.87 -52.25 33.19
N ARG D 188 10.98 -52.20 34.19
CA ARG D 188 10.76 -53.27 35.18
C ARG D 188 12.06 -53.79 35.79
N ASP D 189 12.92 -52.87 36.20
CA ASP D 189 14.20 -53.19 36.82
C ASP D 189 13.91 -53.49 38.29
N ALA D 190 13.90 -54.76 38.65
CA ALA D 190 13.61 -55.18 40.02
C ALA D 190 14.74 -55.03 41.04
N THR D 191 15.95 -54.75 40.56
CA THR D 191 17.10 -54.65 41.43
C THR D 191 17.72 -53.28 41.66
N SER D 192 17.44 -52.31 40.76
CA SER D 192 18.01 -50.98 40.88
C SER D 192 17.45 -50.08 41.97
N ALA D 193 18.27 -49.12 42.36
CA ALA D 193 17.94 -48.12 43.37
C ALA D 193 18.77 -46.91 42.98
N THR D 194 18.25 -45.72 43.27
CA THR D 194 18.97 -44.48 42.99
C THR D 194 19.42 -43.79 44.29
N THR D 195 20.63 -43.26 44.30
CA THR D 195 21.22 -42.54 45.43
C THR D 195 21.54 -41.14 44.94
N THR D 196 20.96 -40.14 45.58
CA THR D 196 21.19 -38.73 45.24
C THR D 196 21.77 -38.08 46.47
N THR D 197 22.98 -37.54 46.34
CA THR D 197 23.64 -36.92 47.48
C THR D 197 23.96 -35.45 47.30
N SER D 198 23.60 -34.64 48.29
CA SER D 198 23.87 -33.21 48.31
C SER D 198 24.86 -32.86 49.43
N LEU D 199 26.02 -32.35 49.05
CA LEU D 199 27.06 -31.99 50.01
C LEU D 199 27.28 -30.48 50.10
N GLY D 200 27.30 -29.98 51.33
CA GLY D 200 27.50 -28.57 51.55
C GLY D 200 28.63 -28.32 52.54
N GLY D 201 29.21 -27.13 52.49
CA GLY D 201 30.28 -26.73 53.39
C GLY D 201 31.51 -27.61 53.36
N LEU D 202 31.95 -28.04 54.53
CA LEU D 202 33.14 -28.89 54.68
C LEU D 202 32.97 -30.26 54.02
N PHE D 203 31.72 -30.70 53.87
CA PHE D 203 31.42 -31.97 53.25
C PHE D 203 31.61 -31.89 51.74
N LYS D 204 31.79 -30.66 51.25
CA LYS D 204 31.97 -30.40 49.83
C LYS D 204 33.37 -29.89 49.56
N SER D 205 33.64 -28.64 49.97
CA SER D 205 34.92 -27.97 49.76
C SER D 205 36.14 -28.70 50.36
N SER D 206 36.12 -28.92 51.67
CA SER D 206 37.20 -29.63 52.37
C SER D 206 37.16 -31.11 51.99
N GLN D 207 38.33 -31.63 51.62
CA GLN D 207 38.51 -33.02 51.19
C GLN D 207 38.34 -34.06 52.29
N ASN D 208 38.66 -33.64 53.52
CA ASN D 208 38.58 -34.45 54.74
C ASN D 208 37.16 -34.93 55.05
N THR D 209 36.29 -33.97 55.36
CA THR D 209 34.90 -34.18 55.74
C THR D 209 34.00 -34.74 54.63
N ARG D 210 34.50 -34.66 53.40
CA ARG D 210 33.82 -35.15 52.20
C ARG D 210 33.73 -36.67 52.22
N HIS D 211 34.83 -37.31 52.59
CA HIS D 211 34.92 -38.77 52.66
C HIS D 211 34.52 -39.34 54.03
N GLU D 212 34.19 -38.47 54.98
CA GLU D 212 33.75 -38.87 56.34
C GLU D 212 32.30 -39.36 56.30
N PHE D 213 31.50 -38.66 55.50
CA PHE D 213 30.10 -38.92 55.27
C PHE D 213 29.89 -40.04 54.26
N LEU D 214 30.32 -39.78 53.02
CA LEU D 214 30.20 -40.68 51.87
C LEU D 214 30.59 -42.15 52.06
N ARG D 215 31.37 -42.41 53.09
CA ARG D 215 31.85 -43.75 53.47
C ARG D 215 30.80 -44.37 54.40
N ALA D 216 30.33 -43.57 55.35
CA ALA D 216 29.31 -43.98 56.33
C ALA D 216 27.88 -43.85 55.75
N VAL D 217 27.80 -43.78 54.43
CA VAL D 217 26.53 -43.70 53.70
C VAL D 217 26.19 -45.10 53.24
N ARG D 218 24.89 -45.41 53.28
CA ARG D 218 24.29 -46.71 52.91
C ARG D 218 24.63 -47.81 53.93
N HIS D 219 23.81 -47.87 54.98
CA HIS D 219 23.95 -48.85 56.05
C HIS D 219 22.68 -49.67 56.13
N HIS D 220 22.83 -50.93 56.52
CA HIS D 220 21.70 -51.85 56.66
C HIS D 220 21.61 -52.27 58.13
N ASN D 221 20.52 -51.82 58.78
CA ASN D 221 20.19 -52.07 60.19
C ASN D 221 21.21 -51.57 61.22
N PRO E 1 8.69 -41.57 8.42
CA PRO E 1 9.23 -42.10 9.70
C PRO E 1 10.66 -42.65 9.50
N SER E 2 11.58 -42.19 10.34
CA SER E 2 13.00 -42.60 10.26
C SER E 2 13.57 -43.08 11.60
N LEU E 3 14.45 -42.28 12.20
CA LEU E 3 15.10 -42.59 13.48
C LEU E 3 14.75 -41.55 14.54
N SER E 4 15.71 -41.26 15.43
CA SER E 4 15.53 -40.28 16.51
C SER E 4 16.70 -39.30 16.58
N LYS E 5 16.44 -38.13 17.17
CA LYS E 5 17.42 -37.06 17.34
C LYS E 5 18.53 -37.42 18.32
N GLU E 6 18.12 -37.92 19.50
CA GLU E 6 19.04 -38.35 20.57
C GLU E 6 19.80 -39.61 20.17
N ALA E 7 19.15 -40.46 19.37
CA ALA E 7 19.76 -41.71 18.87
C ALA E 7 20.88 -41.42 17.89
N ALA E 8 20.70 -40.37 17.09
CA ALA E 8 21.67 -39.93 16.11
C ALA E 8 22.93 -39.34 16.73
N LEU E 9 22.77 -38.46 17.73
CA LEU E 9 23.89 -37.79 18.42
C LEU E 9 24.80 -38.80 19.12
N VAL E 10 24.16 -39.84 19.67
CA VAL E 10 24.84 -40.94 20.38
C VAL E 10 25.60 -41.80 19.38
N HIS E 11 24.88 -42.26 18.34
CA HIS E 11 25.44 -43.11 17.26
C HIS E 11 26.69 -42.51 16.64
N GLU E 12 26.62 -41.23 16.24
CA GLU E 12 27.76 -40.54 15.63
C GLU E 12 28.91 -40.27 16.60
N ALA E 13 28.60 -40.14 17.89
CA ALA E 13 29.60 -39.89 18.94
C ALA E 13 30.39 -41.17 19.21
N LEU E 14 29.71 -42.30 19.04
CA LEU E 14 30.31 -43.62 19.20
C LEU E 14 31.09 -44.05 17.94
N VAL E 15 30.59 -43.69 16.76
CA VAL E 15 31.26 -43.99 15.49
C VAL E 15 32.55 -43.18 15.39
N ALA E 16 32.52 -41.95 15.93
CA ALA E 16 33.68 -41.06 15.94
C ALA E 16 34.80 -41.55 16.88
N ARG E 17 34.44 -42.49 17.75
CA ARG E 17 35.36 -43.08 18.72
C ARG E 17 35.68 -44.54 18.37
N GLY E 18 34.99 -45.06 17.35
CA GLY E 18 35.17 -46.43 16.89
C GLY E 18 34.61 -47.44 17.87
N LEU E 19 33.52 -47.02 18.53
CA LEU E 19 32.86 -47.83 19.55
C LEU E 19 31.61 -48.56 19.14
N GLU E 20 31.03 -48.23 17.98
CA GLU E 20 29.83 -48.94 17.54
C GLU E 20 30.19 -50.36 17.13
N THR E 21 29.51 -51.32 17.77
CA THR E 21 29.68 -52.77 17.56
C THR E 21 29.90 -53.06 16.06
N PRO E 22 31.11 -53.59 15.69
CA PRO E 22 31.49 -53.91 14.30
C PRO E 22 30.37 -54.44 13.39
N LEU E 23 29.83 -53.51 12.60
CA LEU E 23 28.75 -53.77 11.66
C LEU E 23 29.10 -53.38 10.23
N ARG E 24 28.58 -54.17 9.28
CA ARG E 24 28.77 -53.98 7.84
C ARG E 24 27.55 -53.22 7.31
N PRO E 25 27.67 -52.47 6.18
CA PRO E 25 26.51 -51.74 5.63
C PRO E 25 25.37 -52.70 5.22
N PRO E 26 24.11 -52.44 5.66
CA PRO E 26 22.93 -53.25 5.36
C PRO E 26 22.55 -53.46 3.88
N VAL E 27 23.03 -52.55 3.02
CA VAL E 27 22.79 -52.52 1.56
C VAL E 27 21.28 -52.47 1.19
N HIS E 28 20.61 -53.61 1.24
CA HIS E 28 19.17 -53.73 0.95
C HIS E 28 18.38 -54.07 2.22
N GLU E 29 17.06 -53.81 2.20
CA GLU E 29 16.19 -54.11 3.34
C GLU E 29 15.34 -55.36 3.12
N MET E 30 15.78 -56.46 3.73
CA MET E 30 15.16 -57.78 3.67
C MET E 30 14.05 -57.93 4.73
N ASP E 31 12.92 -58.48 4.30
CA ASP E 31 11.73 -58.71 5.14
C ASP E 31 12.07 -59.41 6.49
N ASN E 32 11.60 -58.81 7.59
CA ASN E 32 11.84 -59.29 8.96
C ASN E 32 11.36 -60.72 9.25
N GLU E 33 10.22 -61.09 8.66
CA GLU E 33 9.60 -62.40 8.82
C GLU E 33 10.28 -63.48 7.98
N THR E 34 11.01 -63.05 6.94
CA THR E 34 11.77 -63.93 6.04
C THR E 34 13.10 -64.28 6.70
N ARG E 35 13.68 -63.30 7.41
CA ARG E 35 14.95 -63.50 8.12
C ARG E 35 14.81 -64.49 9.26
N LYS E 36 13.61 -64.55 9.84
CA LYS E 36 13.30 -65.48 10.93
C LYS E 36 13.19 -66.90 10.39
N SER E 37 12.47 -67.06 9.27
CA SER E 37 12.27 -68.35 8.60
C SER E 37 13.56 -68.92 8.03
N LEU E 38 14.46 -68.00 7.63
CA LEU E 38 15.78 -68.34 7.09
C LEU E 38 16.67 -68.87 8.20
N ILE E 39 16.69 -68.15 9.33
CA ILE E 39 17.50 -68.51 10.51
C ILE E 39 16.96 -69.81 11.12
N ALA E 40 15.64 -69.92 11.16
CA ALA E 40 14.95 -71.11 11.68
C ALA E 40 15.33 -72.33 10.84
N GLY E 41 15.42 -72.14 9.53
CA GLY E 41 15.81 -73.20 8.60
C GLY E 41 17.26 -73.62 8.77
N HIS E 42 18.12 -72.66 9.11
CA HIS E 42 19.55 -72.93 9.34
C HIS E 42 19.76 -73.62 10.68
N MET E 43 18.89 -73.34 11.65
CA MET E 43 18.96 -73.96 12.98
C MET E 43 18.44 -75.40 12.93
N THR E 44 17.49 -75.64 12.02
CA THR E 44 16.87 -76.96 11.82
C THR E 44 17.92 -77.93 11.28
N GLU E 45 18.84 -77.38 10.47
CA GLU E 45 19.95 -78.12 9.87
C GLU E 45 21.02 -78.43 10.92
N ILE E 46 21.31 -77.45 11.80
CA ILE E 46 22.30 -77.57 12.89
C ILE E 46 21.87 -78.66 13.86
N MET E 47 20.57 -78.66 14.17
CA MET E 47 19.97 -79.64 15.07
C MET E 47 19.98 -81.06 14.47
N GLN E 48 19.87 -81.13 13.14
CA GLN E 48 19.89 -82.40 12.40
C GLN E 48 21.29 -83.01 12.41
N LEU E 49 22.30 -82.13 12.34
CA LEU E 49 23.72 -82.53 12.36
C LEU E 49 24.19 -82.93 13.76
N LEU E 50 23.29 -82.81 14.73
CA LEU E 50 23.57 -83.15 16.13
C LEU E 50 22.75 -84.33 16.66
N ASN E 51 22.12 -85.07 15.73
CA ASN E 51 21.28 -86.25 16.03
C ASN E 51 19.96 -85.99 16.78
N LEU E 52 19.45 -84.77 16.69
CA LEU E 52 18.20 -84.42 17.38
C LEU E 52 16.91 -84.73 16.59
N ASP E 53 15.97 -85.37 17.28
CA ASP E 53 14.66 -85.77 16.72
C ASP E 53 13.73 -84.56 16.63
N LEU E 54 13.59 -84.03 15.41
CA LEU E 54 12.73 -82.87 15.14
C LEU E 54 11.25 -83.21 15.03
N ALA E 55 10.95 -84.52 15.08
CA ALA E 55 9.59 -85.04 15.01
C ALA E 55 8.94 -84.96 16.39
N ASP E 56 9.76 -84.67 17.39
CA ASP E 56 9.34 -84.51 18.78
C ASP E 56 8.63 -83.15 18.93
N ASP E 57 7.48 -83.20 19.58
CA ASP E 57 6.61 -82.05 19.87
C ASP E 57 7.22 -80.87 20.63
N SER E 58 8.43 -81.07 21.19
CA SER E 58 9.14 -80.04 21.94
C SER E 58 10.31 -79.41 21.15
N LEU E 59 11.14 -80.24 20.51
CA LEU E 59 12.29 -79.80 19.71
C LEU E 59 11.91 -79.24 18.34
N MET E 60 10.63 -79.42 18.00
CA MET E 60 10.01 -78.98 16.74
C MET E 60 9.94 -77.45 16.65
N GLU E 61 9.52 -76.81 17.75
CA GLU E 61 9.38 -75.36 17.83
C GLU E 61 10.64 -74.60 18.24
N THR E 62 11.72 -75.32 18.54
CA THR E 62 13.00 -74.74 18.94
C THR E 62 13.70 -73.87 17.87
N PRO E 63 13.69 -74.26 16.55
CA PRO E 63 14.36 -73.39 15.57
C PRO E 63 13.64 -72.04 15.39
N HIS E 64 12.31 -72.09 15.53
CA HIS E 64 11.41 -70.94 15.43
C HIS E 64 11.67 -69.97 16.59
N ARG E 65 11.93 -70.53 17.77
CA ARG E 65 12.20 -69.77 19.00
C ARG E 65 13.56 -69.08 19.00
N ILE E 66 14.59 -69.76 18.48
CA ILE E 66 15.96 -69.22 18.40
C ILE E 66 16.02 -68.13 17.33
N ALA E 67 15.12 -68.23 16.34
CA ALA E 67 15.02 -67.25 15.26
C ALA E 67 14.37 -65.97 15.78
N LYS E 68 13.28 -66.17 16.53
CA LYS E 68 12.46 -65.11 17.16
C LYS E 68 13.30 -64.33 18.18
N MET E 69 14.22 -65.04 18.82
CA MET E 69 15.10 -64.50 19.83
C MET E 69 16.17 -63.60 19.25
N TYR E 70 16.83 -64.08 18.19
CA TYR E 70 17.91 -63.37 17.52
C TYR E 70 17.50 -62.11 16.76
N VAL E 71 16.30 -62.13 16.19
CA VAL E 71 15.78 -61.00 15.40
C VAL E 71 14.97 -59.97 16.20
N ASP E 72 13.98 -60.45 16.97
CA ASP E 72 13.10 -59.55 17.73
C ASP E 72 13.42 -59.28 19.21
N GLU E 73 14.16 -60.18 19.86
CA GLU E 73 14.45 -60.03 21.30
C GLU E 73 15.83 -59.62 21.82
N ILE E 74 16.75 -60.59 21.95
CA ILE E 74 18.07 -60.36 22.52
C ILE E 74 19.07 -59.48 21.77
N PHE E 75 18.82 -59.20 20.48
CA PHE E 75 19.72 -58.34 19.69
C PHE E 75 19.03 -57.04 19.20
N SER E 76 17.96 -56.64 19.88
CA SER E 76 17.20 -55.43 19.53
C SER E 76 17.97 -54.10 19.66
N GLY E 77 19.11 -54.16 20.35
CA GLY E 77 19.95 -52.99 20.54
C GLY E 77 20.83 -52.62 19.37
N LEU E 78 20.81 -53.44 18.31
CA LEU E 78 21.60 -53.18 17.09
C LEU E 78 20.81 -52.29 16.13
N ASP E 79 19.53 -52.10 16.48
CA ASP E 79 18.56 -51.31 15.72
C ASP E 79 18.28 -50.05 16.57
N TYR E 80 18.76 -48.89 16.09
CA TYR E 80 18.59 -47.61 16.80
C TYR E 80 17.17 -47.05 16.85
N ALA E 81 16.22 -47.82 16.30
CA ALA E 81 14.81 -47.47 16.30
C ALA E 81 14.24 -47.85 17.67
N ASN E 82 14.95 -48.76 18.35
CA ASN E 82 14.59 -49.26 19.68
C ASN E 82 15.24 -48.42 20.79
N PHE E 83 15.98 -47.38 20.39
CA PHE E 83 16.65 -46.47 21.32
C PHE E 83 15.63 -45.75 22.18
N PRO E 84 15.83 -45.74 23.52
CA PRO E 84 14.91 -45.07 24.45
C PRO E 84 14.71 -43.59 24.17
N LYS E 85 13.46 -43.16 24.32
CA LYS E 85 13.06 -41.78 24.12
C LYS E 85 13.52 -40.96 25.32
N ILE E 86 14.71 -40.39 25.20
CA ILE E 86 15.35 -39.61 26.27
C ILE E 86 14.75 -38.24 26.55
N THR E 87 14.45 -38.01 27.84
CA THR E 87 13.89 -36.75 28.33
C THR E 87 14.82 -36.15 29.37
N LEU E 88 15.28 -34.93 29.10
CA LEU E 88 16.17 -34.19 29.99
C LEU E 88 15.46 -32.97 30.57
N ILE E 89 15.54 -32.79 31.89
CA ILE E 89 14.95 -31.64 32.57
C ILE E 89 16.12 -30.65 32.76
N GLU E 90 15.85 -29.37 32.51
CA GLU E 90 16.86 -28.32 32.65
C GLU E 90 17.26 -28.14 34.12
N ASN E 91 18.56 -27.96 34.36
CA ASN E 91 19.09 -27.76 35.70
C ASN E 91 18.81 -26.34 36.21
N LYS E 92 17.55 -26.17 36.64
CA LYS E 92 17.01 -24.93 37.20
C LYS E 92 17.41 -24.87 38.67
N MET E 93 17.71 -26.04 39.24
CA MET E 93 18.12 -26.16 40.64
C MET E 93 19.63 -25.96 40.84
N LYS E 94 20.36 -25.80 39.71
CA LYS E 94 21.84 -25.61 39.63
C LYS E 94 22.62 -26.67 40.44
N VAL E 95 22.03 -27.88 40.50
CA VAL E 95 22.53 -29.06 41.22
C VAL E 95 23.98 -29.42 40.86
N ASP E 96 24.91 -29.07 41.73
CA ASP E 96 26.28 -29.45 41.46
C ASP E 96 26.65 -30.66 42.32
N GLU E 97 25.64 -31.53 42.52
CA GLU E 97 25.79 -32.73 43.32
C GLU E 97 25.48 -34.04 42.60
N MET E 98 25.91 -35.19 43.14
CA MET E 98 25.74 -36.46 42.42
C MET E 98 24.57 -37.42 42.53
N VAL E 99 24.32 -38.10 41.40
CA VAL E 99 23.26 -39.09 41.23
C VAL E 99 23.90 -40.43 40.87
N THR E 100 23.53 -41.48 41.59
CA THR E 100 24.06 -42.82 41.36
C THR E 100 22.93 -43.81 41.25
N VAL E 101 22.85 -44.51 40.12
CA VAL E 101 21.83 -45.53 39.94
C VAL E 101 22.62 -46.82 39.98
N ARG E 102 22.51 -47.56 41.09
CA ARG E 102 23.20 -48.83 41.30
C ARG E 102 22.34 -50.05 41.00
N ASP E 103 22.97 -51.22 40.93
CA ASP E 103 22.33 -52.51 40.65
C ASP E 103 21.34 -52.56 39.47
N ILE E 104 21.75 -52.01 38.32
CA ILE E 104 20.89 -51.99 37.13
C ILE E 104 20.92 -53.38 36.49
N THR E 105 19.75 -53.98 36.26
CA THR E 105 19.63 -55.31 35.61
C THR E 105 20.21 -55.21 34.20
N LEU E 106 21.31 -55.91 33.99
CA LEU E 106 21.99 -55.96 32.68
C LEU E 106 21.95 -57.40 32.18
N THR E 107 21.31 -57.58 31.02
CA THR E 107 21.20 -58.89 30.39
C THR E 107 21.84 -58.76 29.02
N SER E 108 22.96 -59.47 28.83
CA SER E 108 23.67 -59.40 27.56
C SER E 108 24.02 -60.80 27.01
N THR E 109 24.78 -60.80 25.91
CA THR E 109 25.19 -62.02 25.22
C THR E 109 26.63 -61.81 24.77
N CYS E 110 27.52 -62.77 25.04
CA CYS E 110 28.92 -62.66 24.62
C CYS E 110 29.03 -62.78 23.09
N GLU E 111 29.78 -61.86 22.46
CA GLU E 111 29.94 -61.87 21.00
C GLU E 111 30.77 -63.05 20.53
N HIS E 112 31.60 -63.52 21.45
CA HIS E 112 32.51 -64.62 21.27
C HIS E 112 31.85 -65.99 21.07
N SER E 113 30.79 -66.27 21.82
CA SER E 113 30.15 -67.59 21.72
C SER E 113 28.63 -67.62 21.83
N PHE E 114 28.00 -66.45 21.74
CA PHE E 114 26.55 -66.28 21.81
C PHE E 114 25.86 -66.82 23.07
N VAL E 115 26.63 -66.83 24.16
CA VAL E 115 26.18 -67.32 25.48
C VAL E 115 25.89 -66.14 26.43
N THR E 116 24.89 -66.33 27.29
CA THR E 116 24.40 -65.38 28.29
C THR E 116 25.42 -64.76 29.25
N ILE E 117 25.30 -63.44 29.40
CA ILE E 117 26.10 -62.65 30.35
C ILE E 117 25.06 -62.11 31.34
N ASP E 118 25.25 -62.44 32.62
CA ASP E 118 24.37 -61.96 33.69
C ASP E 118 25.12 -60.87 34.43
N GLY E 119 24.63 -59.64 34.29
CA GLY E 119 25.29 -58.53 34.94
C GLY E 119 24.45 -57.53 35.70
N LYS E 120 25.17 -56.62 36.35
CA LYS E 120 24.61 -55.53 37.14
C LYS E 120 25.45 -54.32 36.83
N ALA E 121 24.80 -53.19 36.56
CA ALA E 121 25.53 -51.96 36.26
C ALA E 121 25.37 -50.87 37.32
N THR E 122 26.42 -50.08 37.49
CA THR E 122 26.41 -48.95 38.42
C THR E 122 26.83 -47.74 37.61
N VAL E 123 25.91 -46.78 37.51
CA VAL E 123 26.11 -45.53 36.78
C VAL E 123 25.99 -44.33 37.72
N ALA E 124 27.02 -43.48 37.70
CA ALA E 124 27.06 -42.26 38.49
C ALA E 124 27.41 -41.08 37.63
N TYR E 125 26.78 -39.94 37.89
CA TYR E 125 27.06 -38.71 37.18
C TYR E 125 26.81 -37.47 38.05
N ILE E 126 27.37 -36.34 37.63
CA ILE E 126 27.21 -35.05 38.32
C ILE E 126 26.52 -34.16 37.28
N PRO E 127 25.23 -33.82 37.50
CA PRO E 127 24.46 -32.96 36.57
C PRO E 127 25.14 -31.61 36.34
N LYS E 128 25.23 -31.22 35.07
CA LYS E 128 25.84 -29.96 34.69
C LYS E 128 24.70 -29.03 34.37
N ASP E 129 24.26 -29.02 33.11
CA ASP E 129 23.17 -28.17 32.67
C ASP E 129 21.89 -28.97 32.48
N SER E 130 21.97 -30.28 32.70
CA SER E 130 20.82 -31.17 32.55
C SER E 130 20.85 -32.40 33.47
N VAL E 131 19.66 -32.83 33.86
CA VAL E 131 19.43 -33.99 34.71
C VAL E 131 18.66 -34.95 33.80
N ILE E 132 19.15 -36.18 33.66
CA ILE E 132 18.48 -37.19 32.83
C ILE E 132 17.44 -37.90 33.68
N GLY E 133 16.41 -38.40 33.01
CA GLY E 133 15.33 -39.13 33.65
C GLY E 133 15.93 -40.44 34.11
N LEU E 134 15.61 -40.85 35.34
CA LEU E 134 16.17 -42.07 35.95
C LEU E 134 16.08 -43.39 35.21
N SER E 135 14.88 -43.74 34.72
CA SER E 135 14.69 -44.99 33.99
C SER E 135 15.43 -45.00 32.65
N LYS E 136 15.73 -43.81 32.12
CA LYS E 136 16.45 -43.68 30.85
C LYS E 136 17.90 -44.16 30.95
N ILE E 137 18.41 -44.22 32.19
CA ILE E 137 19.77 -44.70 32.45
C ILE E 137 19.72 -46.23 32.35
N ASN E 138 18.65 -46.79 32.92
CA ASN E 138 18.41 -48.24 32.94
C ASN E 138 18.17 -48.73 31.51
N ARG E 139 17.45 -47.93 30.73
CA ARG E 139 17.13 -48.24 29.35
C ARG E 139 18.32 -48.10 28.40
N ILE E 140 19.23 -47.15 28.69
CA ILE E 140 20.45 -46.94 27.89
C ILE E 140 21.37 -48.14 28.07
N VAL E 141 21.49 -48.59 29.32
CA VAL E 141 22.31 -49.75 29.71
C VAL E 141 21.80 -51.01 29.02
N GLN E 142 20.47 -51.14 28.97
CA GLN E 142 19.83 -52.29 28.34
C GLN E 142 19.83 -52.27 26.82
N PHE E 143 19.82 -51.07 26.24
CA PHE E 143 19.86 -50.91 24.79
C PHE E 143 21.17 -51.48 24.27
N PHE E 144 22.29 -51.03 24.85
CA PHE E 144 23.60 -51.51 24.42
C PHE E 144 23.92 -52.93 24.88
N ALA E 145 23.18 -53.41 25.88
CA ALA E 145 23.36 -54.77 26.41
C ALA E 145 22.72 -55.79 25.48
N GLN E 146 21.56 -55.44 24.91
CA GLN E 146 20.85 -56.34 23.98
C GLN E 146 21.57 -56.33 22.60
N ARG E 147 22.83 -56.78 22.61
CA ARG E 147 23.72 -56.83 21.45
C ARG E 147 24.78 -57.90 21.70
N PRO E 148 25.40 -58.45 20.62
CA PRO E 148 26.45 -59.44 20.86
C PRO E 148 27.59 -58.53 21.38
N GLN E 149 27.86 -58.63 22.68
CA GLN E 149 28.84 -57.76 23.32
C GLN E 149 30.16 -58.25 23.88
N VAL E 150 31.00 -57.27 24.14
CA VAL E 150 32.32 -57.39 24.75
C VAL E 150 32.12 -56.43 25.94
N GLN E 151 32.36 -56.91 27.17
CA GLN E 151 32.16 -56.14 28.40
C GLN E 151 32.89 -54.78 28.46
N GLU E 152 34.12 -54.76 27.97
CA GLU E 152 34.95 -53.56 27.95
C GLU E 152 34.43 -52.48 27.01
N ARG E 153 33.84 -52.93 25.91
CA ARG E 153 33.26 -52.06 24.88
C ARG E 153 31.91 -51.58 25.39
N LEU E 154 31.16 -52.49 26.03
CA LEU E 154 29.83 -52.24 26.59
C LEU E 154 29.85 -51.11 27.62
N THR E 155 30.83 -51.15 28.50
CA THR E 155 31.02 -50.14 29.54
C THR E 155 31.25 -48.75 28.93
N GLN E 156 32.09 -48.71 27.89
CA GLN E 156 32.44 -47.48 27.18
C GLN E 156 31.32 -46.88 26.39
N GLN E 157 30.51 -47.75 25.78
CA GLN E 157 29.36 -47.33 24.98
C GLN E 157 28.33 -46.62 25.85
N ILE E 158 28.16 -47.12 27.08
CA ILE E 158 27.23 -46.50 28.04
C ILE E 158 27.83 -45.16 28.49
N LEU E 159 29.14 -45.16 28.80
CA LEU E 159 29.84 -43.96 29.24
C LEU E 159 29.71 -42.80 28.26
N ILE E 160 30.16 -43.01 27.03
CA ILE E 160 30.14 -41.99 25.97
C ILE E 160 28.71 -41.57 25.64
N ALA E 161 27.78 -42.52 25.69
CA ALA E 161 26.37 -42.23 25.40
C ALA E 161 25.79 -41.28 26.43
N LEU E 162 26.09 -41.54 27.70
CA LEU E 162 25.64 -40.70 28.82
C LEU E 162 26.36 -39.36 28.82
N GLN E 163 27.66 -39.37 28.49
CA GLN E 163 28.47 -38.14 28.44
C GLN E 163 27.98 -37.16 27.38
N THR E 164 27.54 -37.69 26.24
CA THR E 164 27.03 -36.90 25.11
C THR E 164 25.67 -36.30 25.43
N LEU E 165 24.78 -37.13 25.97
CA LEU E 165 23.43 -36.71 26.33
C LEU E 165 23.35 -35.70 27.46
N LEU E 166 24.27 -35.81 28.41
CA LEU E 166 24.31 -34.93 29.56
C LEU E 166 25.15 -33.69 29.36
N GLY E 167 26.04 -33.73 28.36
CA GLY E 167 26.92 -32.62 28.05
C GLY E 167 28.00 -32.40 29.10
N THR E 168 28.40 -33.48 29.76
CA THR E 168 29.42 -33.44 30.82
C THR E 168 30.27 -34.66 30.65
N ASN E 169 31.50 -34.60 31.13
CA ASN E 169 32.39 -35.73 31.06
C ASN E 169 32.36 -36.42 32.42
N ASN E 170 31.73 -35.75 33.40
CA ASN E 170 31.60 -36.25 34.78
C ASN E 170 30.59 -37.39 34.88
N VAL E 171 30.97 -38.54 34.35
CA VAL E 171 30.14 -39.74 34.37
C VAL E 171 31.07 -40.90 34.69
N ALA E 172 30.53 -41.90 35.38
CA ALA E 172 31.27 -43.11 35.76
C ALA E 172 30.33 -44.29 35.54
N VAL E 173 30.83 -45.32 34.85
CA VAL E 173 30.06 -46.53 34.55
C VAL E 173 30.86 -47.75 34.97
N SER E 174 30.21 -48.64 35.71
CA SER E 174 30.83 -49.88 36.16
C SER E 174 29.86 -51.02 35.95
N ILE E 175 30.33 -52.09 35.30
CA ILE E 175 29.51 -53.28 35.06
C ILE E 175 30.17 -54.49 35.70
N ASP E 176 29.41 -55.14 36.58
CA ASP E 176 29.83 -56.35 37.29
C ASP E 176 29.07 -57.49 36.61
N ALA E 177 29.80 -58.44 36.05
CA ALA E 177 29.17 -59.53 35.32
C ALA E 177 29.75 -60.93 35.42
N VAL E 178 28.89 -61.89 35.13
CA VAL E 178 29.21 -63.31 35.11
C VAL E 178 28.95 -63.72 33.66
N HIS E 179 30.00 -64.25 33.02
CA HIS E 179 29.96 -64.74 31.66
C HIS E 179 29.78 -66.24 31.75
N TYR E 180 28.71 -66.76 31.16
CA TYR E 180 28.46 -68.20 31.22
C TYR E 180 29.34 -69.06 30.32
N CYS E 181 30.18 -68.40 29.54
CA CYS E 181 31.13 -69.08 28.68
C CYS E 181 32.40 -69.33 29.48
N VAL E 182 32.48 -68.70 30.65
CA VAL E 182 33.60 -68.85 31.59
C VAL E 182 33.16 -69.75 32.76
N LYS E 183 31.89 -69.61 33.15
CA LYS E 183 31.32 -70.36 34.28
C LYS E 183 30.80 -71.76 33.96
N ALA E 184 29.92 -71.83 32.98
CA ALA E 184 29.29 -73.09 32.58
C ALA E 184 29.96 -73.82 31.42
N ARG E 185 31.18 -73.41 31.10
CA ARG E 185 31.92 -73.98 29.98
C ARG E 185 33.42 -73.68 30.12
N GLY E 186 34.22 -74.41 29.36
CA GLY E 186 35.67 -74.24 29.33
C GLY E 186 36.40 -74.37 30.64
N ILE E 187 36.79 -73.22 31.20
CA ILE E 187 37.53 -73.18 32.47
C ILE E 187 36.65 -73.56 33.65
N ARG E 188 35.33 -73.47 33.45
CA ARG E 188 34.32 -73.82 34.45
C ARG E 188 34.54 -73.18 35.84
N ASP E 189 34.68 -71.85 35.84
CA ASP E 189 34.90 -71.06 37.05
C ASP E 189 33.56 -70.62 37.64
N ALA E 190 33.09 -71.42 38.61
CA ALA E 190 31.81 -71.21 39.27
C ALA E 190 31.69 -69.99 40.18
N THR E 191 32.84 -69.50 40.67
CA THR E 191 32.85 -68.35 41.57
C THR E 191 33.25 -66.98 41.00
N SER E 192 34.07 -66.95 39.95
CA SER E 192 34.51 -65.67 39.35
C SER E 192 33.46 -64.78 38.69
N ALA E 193 33.75 -63.48 38.73
CA ALA E 193 32.93 -62.44 38.13
C ALA E 193 33.90 -61.38 37.64
N THR E 194 33.48 -60.62 36.65
CA THR E 194 34.30 -59.57 36.07
C THR E 194 33.68 -58.18 36.26
N THR E 195 34.52 -57.24 36.69
CA THR E 195 34.11 -55.85 36.88
C THR E 195 34.91 -54.95 35.92
N THR E 196 34.20 -54.26 35.03
CA THR E 196 34.80 -53.34 34.07
C THR E 196 34.31 -51.93 34.41
N THR E 197 35.24 -51.04 34.78
CA THR E 197 34.89 -49.66 35.15
C THR E 197 35.49 -48.57 34.24
N SER E 198 34.63 -47.72 33.69
CA SER E 198 35.02 -46.61 32.81
C SER E 198 34.75 -45.29 33.51
N LEU E 199 35.81 -44.63 33.95
CA LEU E 199 35.71 -43.35 34.66
C LEU E 199 35.91 -42.17 33.73
N GLY E 200 35.09 -41.13 33.91
CA GLY E 200 35.21 -39.93 33.10
C GLY E 200 35.19 -38.66 33.94
N GLY E 201 35.77 -37.59 33.38
CA GLY E 201 35.82 -36.28 34.04
C GLY E 201 36.42 -36.24 35.43
N LEU E 202 35.66 -35.72 36.40
CA LEU E 202 36.09 -35.61 37.79
C LEU E 202 36.23 -36.99 38.46
N PHE E 203 35.56 -37.99 37.89
CA PHE E 203 35.63 -39.37 38.38
C PHE E 203 36.94 -40.00 37.93
N LYS E 204 37.63 -39.33 37.00
CA LYS E 204 38.91 -39.77 36.47
C LYS E 204 40.05 -38.84 36.89
N SER E 205 40.10 -37.64 36.31
CA SER E 205 41.13 -36.62 36.58
C SER E 205 41.27 -36.22 38.05
N SER E 206 40.18 -35.72 38.64
CA SER E 206 40.17 -35.33 40.05
C SER E 206 40.25 -36.55 40.97
N GLN E 207 41.17 -36.46 41.91
CA GLN E 207 41.48 -37.49 42.91
C GLN E 207 40.33 -37.81 43.88
N ASN E 208 39.61 -36.76 44.26
CA ASN E 208 38.48 -36.81 45.18
C ASN E 208 37.26 -37.60 44.71
N THR E 209 36.66 -37.15 43.61
CA THR E 209 35.46 -37.77 43.03
C THR E 209 35.70 -39.16 42.45
N ARG E 210 36.98 -39.51 42.31
CA ARG E 210 37.41 -40.81 41.80
C ARG E 210 37.08 -41.90 42.81
N HIS E 211 37.43 -41.67 44.07
CA HIS E 211 37.17 -42.64 45.14
C HIS E 211 35.80 -42.50 45.81
N GLU E 212 34.97 -41.60 45.27
CA GLU E 212 33.60 -41.37 45.75
C GLU E 212 32.65 -42.41 45.14
N PHE E 213 32.96 -42.76 43.89
CA PHE E 213 32.20 -43.73 43.11
C PHE E 213 32.67 -45.14 43.44
N LEU E 214 33.94 -45.39 43.11
CA LEU E 214 34.65 -46.65 43.28
C LEU E 214 34.50 -47.40 44.61
N ARG E 215 34.15 -46.64 45.65
CA ARG E 215 33.92 -47.16 47.00
C ARG E 215 32.47 -47.64 47.09
N ALA E 216 31.54 -46.83 46.59
CA ALA E 216 30.11 -47.13 46.57
C ALA E 216 29.71 -48.02 45.37
N VAL E 217 30.69 -48.74 44.82
CA VAL E 217 30.51 -49.68 43.71
C VAL E 217 30.48 -51.07 44.35
N ARG E 218 29.63 -51.92 43.78
CA ARG E 218 29.40 -53.32 44.20
C ARG E 218 28.60 -53.40 45.52
N HIS E 219 27.27 -53.26 45.37
CA HIS E 219 26.31 -53.32 46.47
C HIS E 219 25.38 -54.51 46.29
N HIS E 220 24.94 -55.09 47.42
CA HIS E 220 24.01 -56.22 47.40
C HIS E 220 22.76 -55.78 48.16
N ASN E 221 21.65 -55.66 47.42
CA ASN E 221 20.33 -55.25 47.93
C ASN E 221 20.28 -53.87 48.60
N PRO F 1 2.28 68.01 -17.30
CA PRO F 1 1.22 67.62 -18.27
C PRO F 1 0.23 68.76 -18.59
N SER F 2 -0.02 68.94 -19.88
CA SER F 2 -0.92 70.00 -20.39
C SER F 2 -1.97 69.42 -21.35
N LEU F 3 -1.81 69.70 -22.65
CA LEU F 3 -2.74 69.22 -23.70
C LEU F 3 -2.03 68.34 -24.74
N SER F 4 -2.38 68.49 -26.02
CA SER F 4 -1.80 67.68 -27.11
C SER F 4 -1.49 68.50 -28.37
N LYS F 5 -0.55 67.98 -29.18
CA LYS F 5 -0.10 68.60 -30.44
C LYS F 5 -1.20 68.75 -31.47
N GLU F 6 -1.85 67.62 -31.79
CA GLU F 6 -2.92 67.54 -32.78
C GLU F 6 -4.19 68.25 -32.31
N ALA F 7 -4.38 68.29 -30.98
CA ALA F 7 -5.51 68.95 -30.35
C ALA F 7 -5.37 70.46 -30.51
N ALA F 8 -4.14 70.95 -30.43
CA ALA F 8 -3.81 72.37 -30.57
C ALA F 8 -3.94 72.87 -32.01
N LEU F 9 -3.51 72.06 -32.99
CA LEU F 9 -3.59 72.44 -34.41
C LEU F 9 -5.04 72.58 -34.87
N VAL F 10 -5.91 71.68 -34.38
CA VAL F 10 -7.35 71.68 -34.69
C VAL F 10 -8.00 72.87 -33.99
N HIS F 11 -7.71 73.04 -32.69
CA HIS F 11 -8.24 74.15 -31.88
C HIS F 11 -8.01 75.50 -32.53
N GLU F 12 -6.75 75.79 -32.85
CA GLU F 12 -6.36 77.05 -33.49
C GLU F 12 -6.89 77.23 -34.91
N ALA F 13 -7.17 76.12 -35.60
CA ALA F 13 -7.72 76.15 -36.95
C ALA F 13 -9.21 76.50 -36.88
N LEU F 14 -9.84 76.12 -35.77
CA LEU F 14 -11.25 76.42 -35.54
C LEU F 14 -11.45 77.84 -35.03
N VAL F 15 -10.53 78.33 -34.20
CA VAL F 15 -10.57 79.70 -33.65
C VAL F 15 -10.42 80.69 -34.81
N ALA F 16 -9.50 80.37 -35.73
CA ALA F 16 -9.20 81.17 -36.92
C ALA F 16 -10.39 81.31 -37.89
N ARG F 17 -11.33 80.37 -37.78
CA ARG F 17 -12.55 80.33 -38.61
C ARG F 17 -13.79 80.76 -37.85
N GLY F 18 -13.64 80.97 -36.55
CA GLY F 18 -14.76 81.39 -35.70
C GLY F 18 -15.72 80.27 -35.36
N LEU F 19 -15.21 79.04 -35.38
CA LEU F 19 -16.02 77.85 -35.09
C LEU F 19 -15.92 77.43 -33.61
N GLU F 20 -15.01 78.08 -32.88
CA GLU F 20 -14.76 77.83 -31.45
C GLU F 20 -13.91 78.98 -30.89
N THR F 21 -14.46 79.70 -29.91
CA THR F 21 -13.78 80.83 -29.24
C THR F 21 -13.17 80.26 -27.91
N PRO F 22 -11.85 80.46 -27.66
CA PRO F 22 -10.40 80.58 -27.22
C PRO F 22 -10.04 79.56 -26.13
N LEU F 23 -9.00 79.90 -25.35
CA LEU F 23 -8.54 79.04 -24.24
C LEU F 23 -9.41 79.20 -23.01
N ARG F 24 -9.42 78.16 -22.17
CA ARG F 24 -10.22 78.08 -20.94
C ARG F 24 -9.70 78.74 -19.63
N PRO F 25 -10.39 79.77 -19.12
CA PRO F 25 -9.95 80.42 -17.87
C PRO F 25 -11.09 80.30 -16.81
N PRO F 26 -11.12 79.21 -16.00
CA PRO F 26 -12.17 79.06 -14.99
C PRO F 26 -11.99 79.95 -13.76
N VAL F 27 -10.99 80.84 -13.85
CA VAL F 27 -10.57 81.84 -12.84
C VAL F 27 -9.99 81.25 -11.54
N HIS F 28 -10.15 79.93 -11.35
CA HIS F 28 -9.64 79.20 -10.18
C HIS F 28 -9.28 77.76 -10.55
N GLU F 29 -8.45 77.13 -9.71
CA GLU F 29 -8.04 75.72 -9.89
C GLU F 29 -9.20 74.86 -9.34
N MET F 30 -10.41 75.41 -9.45
CA MET F 30 -11.68 74.84 -8.98
C MET F 30 -11.82 73.34 -9.15
N ASP F 31 -12.22 72.69 -8.07
CA ASP F 31 -12.44 71.25 -8.02
C ASP F 31 -13.66 70.83 -8.84
N ASN F 32 -13.45 69.75 -9.60
CA ASN F 32 -14.43 69.11 -10.48
C ASN F 32 -15.62 68.63 -9.64
N GLU F 33 -15.31 68.13 -8.44
CA GLU F 33 -16.30 67.63 -7.50
C GLU F 33 -17.12 68.74 -6.84
N THR F 34 -16.60 69.96 -6.88
CA THR F 34 -17.28 71.13 -6.34
C THR F 34 -18.31 71.63 -7.35
N ARG F 35 -17.98 71.58 -8.65
CA ARG F 35 -18.90 72.01 -9.73
C ARG F 35 -20.13 71.12 -9.78
N LYS F 36 -19.90 69.82 -9.50
CA LYS F 36 -20.96 68.81 -9.48
C LYS F 36 -21.95 69.03 -8.32
N SER F 37 -21.42 69.32 -7.13
CA SER F 37 -22.25 69.55 -5.93
C SER F 37 -23.06 70.85 -6.03
N LEU F 38 -22.49 71.85 -6.71
CA LEU F 38 -23.14 73.14 -6.92
C LEU F 38 -24.26 73.05 -7.97
N ILE F 39 -24.02 72.30 -9.05
CA ILE F 39 -25.02 72.10 -10.11
C ILE F 39 -26.13 71.21 -9.56
N ALA F 40 -25.74 70.24 -8.72
CA ALA F 40 -26.68 69.33 -8.07
C ALA F 40 -27.57 70.13 -7.12
N GLY F 41 -26.96 71.11 -6.46
CA GLY F 41 -27.66 72.01 -5.53
C GLY F 41 -28.66 72.91 -6.25
N HIS F 42 -28.31 73.33 -7.47
CA HIS F 42 -29.15 74.17 -8.31
C HIS F 42 -30.30 73.39 -8.96
N MET F 43 -30.04 72.10 -9.26
CA MET F 43 -31.07 71.24 -9.86
C MET F 43 -32.08 70.81 -8.79
N THR F 44 -31.60 70.77 -7.53
CA THR F 44 -32.40 70.42 -6.35
C THR F 44 -33.45 71.51 -6.15
N GLU F 45 -33.04 72.75 -6.40
CA GLU F 45 -33.91 73.91 -6.29
C GLU F 45 -34.95 73.95 -7.41
N ILE F 46 -34.54 73.57 -8.63
CA ILE F 46 -35.42 73.55 -9.81
C ILE F 46 -36.55 72.53 -9.66
N MET F 47 -36.20 71.35 -9.15
CA MET F 47 -37.15 70.26 -8.94
C MET F 47 -38.14 70.57 -7.80
N GLN F 48 -37.70 71.40 -6.85
CA GLN F 48 -38.55 71.82 -5.73
C GLN F 48 -39.55 72.87 -6.21
N LEU F 49 -39.15 73.62 -7.25
CA LEU F 49 -39.99 74.66 -7.87
C LEU F 49 -40.99 74.05 -8.87
N LEU F 50 -40.88 72.73 -9.08
CA LEU F 50 -41.77 71.98 -9.96
C LEU F 50 -42.65 71.04 -9.13
N ASN F 51 -42.60 71.22 -7.80
CA ASN F 51 -43.36 70.44 -6.80
C ASN F 51 -43.05 68.94 -6.76
N LEU F 52 -41.78 68.59 -6.91
CA LEU F 52 -41.35 67.20 -6.90
C LEU F 52 -40.80 66.77 -5.56
N ASP F 53 -41.32 65.64 -5.05
CA ASP F 53 -40.91 65.06 -3.76
C ASP F 53 -39.50 64.47 -3.81
N LEU F 54 -38.56 65.18 -3.18
CA LEU F 54 -37.16 64.76 -3.12
C LEU F 54 -36.91 63.74 -2.02
N ALA F 55 -37.97 63.41 -1.27
CA ALA F 55 -37.92 62.43 -0.19
C ALA F 55 -38.05 61.01 -0.75
N ASP F 56 -38.45 60.91 -2.01
CA ASP F 56 -38.59 59.65 -2.75
C ASP F 56 -37.19 59.12 -3.06
N ASP F 57 -36.95 57.84 -2.77
CA ASP F 57 -35.62 57.23 -2.99
C ASP F 57 -35.09 57.11 -4.44
N SER F 58 -35.87 57.61 -5.41
CA SER F 58 -35.47 57.58 -6.82
C SER F 58 -35.19 59.00 -7.35
N LEU F 59 -36.02 59.97 -6.97
CA LEU F 59 -35.84 61.37 -7.38
C LEU F 59 -34.78 62.09 -6.55
N MET F 60 -34.35 61.43 -5.48
CA MET F 60 -33.34 61.93 -4.55
C MET F 60 -31.96 61.99 -5.19
N GLU F 61 -31.68 60.98 -6.01
CA GLU F 61 -30.40 60.85 -6.70
C GLU F 61 -30.34 61.53 -8.06
N THR F 62 -31.47 62.10 -8.51
CA THR F 62 -31.56 62.78 -9.80
C THR F 62 -30.70 64.04 -9.96
N PRO F 63 -30.61 64.94 -8.93
CA PRO F 63 -29.77 66.12 -9.13
C PRO F 63 -28.27 65.77 -9.25
N HIS F 64 -27.89 64.70 -8.56
CA HIS F 64 -26.50 64.18 -8.55
C HIS F 64 -26.12 63.61 -9.92
N ARG F 65 -27.09 62.96 -10.58
CA ARG F 65 -26.89 62.35 -11.89
C ARG F 65 -26.85 63.35 -13.03
N ILE F 66 -27.67 64.41 -12.93
CA ILE F 66 -27.72 65.45 -13.96
C ILE F 66 -26.41 66.23 -13.89
N ALA F 67 -25.88 66.35 -12.67
CA ALA F 67 -24.62 67.05 -12.43
C ALA F 67 -23.44 66.26 -13.00
N LYS F 68 -23.43 64.94 -12.76
CA LYS F 68 -22.38 64.03 -13.23
C LYS F 68 -22.38 63.91 -14.77
N MET F 69 -23.56 64.10 -15.35
CA MET F 69 -23.78 64.04 -16.80
C MET F 69 -23.24 65.27 -17.50
N TYR F 70 -23.53 66.45 -16.95
CA TYR F 70 -23.08 67.72 -17.50
C TYR F 70 -21.58 67.96 -17.39
N VAL F 71 -20.99 67.50 -16.29
CA VAL F 71 -19.57 67.72 -16.04
C VAL F 71 -18.60 66.65 -16.55
N ASP F 72 -18.94 65.37 -16.40
CA ASP F 72 -18.04 64.30 -16.82
C ASP F 72 -18.44 63.52 -18.07
N GLU F 73 -19.72 63.58 -18.46
CA GLU F 73 -20.19 62.79 -19.60
C GLU F 73 -20.55 63.40 -20.94
N ILE F 74 -21.74 64.03 -21.03
CA ILE F 74 -22.23 64.57 -22.31
C ILE F 74 -21.60 65.83 -22.89
N PHE F 75 -20.83 66.57 -22.09
CA PHE F 75 -20.17 67.79 -22.57
C PHE F 75 -18.66 67.65 -22.44
N SER F 76 -18.17 66.42 -22.57
CA SER F 76 -16.75 66.09 -22.45
C SER F 76 -15.90 66.69 -23.56
N GLY F 77 -16.55 66.98 -24.68
CA GLY F 77 -15.87 67.55 -25.82
C GLY F 77 -15.51 69.02 -25.71
N LEU F 78 -15.85 69.64 -24.58
CA LEU F 78 -15.55 71.05 -24.34
C LEU F 78 -14.13 71.20 -23.84
N ASP F 79 -13.56 70.07 -23.41
CA ASP F 79 -12.20 70.00 -22.89
C ASP F 79 -11.30 69.27 -23.91
N TYR F 80 -10.30 69.99 -24.43
CA TYR F 80 -9.37 69.44 -25.41
C TYR F 80 -8.38 68.38 -24.89
N ALA F 81 -8.54 67.98 -23.63
CA ALA F 81 -7.71 66.96 -23.01
C ALA F 81 -8.35 65.60 -23.33
N ASN F 82 -9.63 65.67 -23.71
CA ASN F 82 -10.42 64.50 -24.11
C ASN F 82 -10.32 64.26 -25.61
N PHE F 83 -9.55 65.10 -26.30
CA PHE F 83 -9.34 64.96 -27.74
C PHE F 83 -8.62 63.64 -28.02
N PRO F 84 -9.11 62.86 -29.02
CA PRO F 84 -8.50 61.58 -29.39
C PRO F 84 -7.04 61.64 -29.82
N LYS F 85 -6.28 60.60 -29.49
CA LYS F 85 -4.86 60.50 -29.83
C LYS F 85 -4.75 60.11 -31.31
N ILE F 86 -4.62 61.12 -32.18
CA ILE F 86 -4.56 60.92 -33.63
C ILE F 86 -3.30 60.21 -34.14
N THR F 87 -3.52 59.18 -34.97
CA THR F 87 -2.43 58.42 -35.57
C THR F 87 -2.57 58.52 -37.08
N LEU F 88 -1.54 59.06 -37.73
CA LEU F 88 -1.52 59.22 -39.18
C LEU F 88 -0.44 58.31 -39.74
N ILE F 89 -0.80 57.50 -40.73
CA ILE F 89 0.13 56.58 -41.37
C ILE F 89 0.53 57.23 -42.69
N GLU F 90 1.84 57.25 -42.94
CA GLU F 90 2.45 57.84 -44.15
C GLU F 90 1.89 57.19 -45.40
N ASN F 91 1.38 58.00 -46.33
CA ASN F 91 0.83 57.45 -47.58
C ASN F 91 2.02 57.11 -48.45
N LYS F 92 2.68 56.00 -48.10
CA LYS F 92 3.82 55.61 -48.87
C LYS F 92 3.55 54.95 -50.19
N MET F 93 2.33 54.44 -50.40
CA MET F 93 2.07 54.06 -51.78
C MET F 93 0.96 54.77 -52.49
N LYS F 94 1.23 56.07 -52.43
CA LYS F 94 0.53 57.20 -52.99
C LYS F 94 -0.87 57.01 -53.51
N VAL F 95 -1.74 56.44 -52.69
CA VAL F 95 -3.06 56.17 -53.19
C VAL F 95 -3.98 57.37 -53.28
N ASP F 96 -4.45 57.51 -54.51
CA ASP F 96 -5.35 58.52 -54.99
C ASP F 96 -6.81 57.95 -54.93
N GLU F 97 -7.03 57.05 -53.96
CA GLU F 97 -8.35 56.41 -53.72
C GLU F 97 -9.24 57.14 -52.70
N MET F 98 -10.50 56.73 -52.58
CA MET F 98 -11.38 57.35 -51.60
C MET F 98 -11.86 56.45 -50.47
N VAL F 99 -11.87 57.02 -49.26
CA VAL F 99 -12.27 56.33 -48.05
C VAL F 99 -13.53 56.98 -47.50
N THR F 100 -14.53 56.17 -47.19
CA THR F 100 -15.79 56.67 -46.65
C THR F 100 -16.15 55.87 -45.40
N VAL F 101 -16.37 56.58 -44.29
CA VAL F 101 -16.79 55.94 -43.05
C VAL F 101 -18.21 56.43 -42.87
N ARG F 102 -19.16 55.52 -43.10
CA ARG F 102 -20.57 55.84 -42.97
C ARG F 102 -21.23 55.33 -41.69
N ASP F 103 -22.42 55.85 -41.43
CA ASP F 103 -23.26 55.53 -40.27
C ASP F 103 -22.55 55.64 -38.92
N ILE F 104 -21.76 56.70 -38.76
CA ILE F 104 -21.03 56.92 -37.50
C ILE F 104 -22.04 57.36 -36.43
N THR F 105 -22.02 56.67 -35.29
CA THR F 105 -22.87 56.97 -34.14
C THR F 105 -22.52 58.36 -33.63
N LEU F 106 -23.53 59.22 -33.64
CA LEU F 106 -23.40 60.60 -33.19
C LEU F 106 -24.42 60.87 -32.09
N THR F 107 -23.91 61.13 -30.89
CA THR F 107 -24.75 61.45 -29.75
C THR F 107 -24.46 62.90 -29.34
N SER F 108 -25.45 63.78 -29.48
CA SER F 108 -25.25 65.19 -29.16
C SER F 108 -26.39 65.81 -28.31
N THR F 109 -26.36 67.13 -28.17
CA THR F 109 -27.34 67.88 -27.38
C THR F 109 -27.63 69.26 -28.01
N CYS F 110 -28.93 69.57 -28.18
CA CYS F 110 -29.51 70.83 -28.74
C CYS F 110 -29.04 71.96 -27.79
N GLU F 111 -28.16 72.87 -28.24
CA GLU F 111 -27.67 73.96 -27.37
C GLU F 111 -28.75 74.97 -27.05
N HIS F 112 -29.81 74.90 -27.83
CA HIS F 112 -30.96 75.76 -27.72
C HIS F 112 -31.90 75.35 -26.58
N SER F 113 -31.85 74.07 -26.17
CA SER F 113 -32.73 73.54 -25.14
C SER F 113 -32.20 72.42 -24.26
N PHE F 114 -30.92 72.08 -24.43
CA PHE F 114 -30.28 70.98 -23.70
C PHE F 114 -30.97 69.62 -23.86
N VAL F 115 -31.52 69.40 -25.05
CA VAL F 115 -32.24 68.18 -25.41
C VAL F 115 -31.48 67.30 -26.43
N THR F 116 -31.64 65.99 -26.28
CA THR F 116 -31.00 64.99 -27.14
C THR F 116 -31.11 65.16 -28.68
N ILE F 117 -29.97 64.93 -29.33
CA ILE F 117 -29.88 64.94 -30.78
C ILE F 117 -29.30 63.56 -31.09
N ASP F 118 -30.09 62.76 -31.80
CA ASP F 118 -29.67 61.44 -32.19
C ASP F 118 -29.32 61.57 -33.66
N GLY F 119 -28.06 61.28 -33.98
CA GLY F 119 -27.64 61.35 -35.35
C GLY F 119 -26.69 60.29 -35.84
N LYS F 120 -26.44 60.38 -37.15
CA LYS F 120 -25.53 59.49 -37.85
C LYS F 120 -24.71 60.39 -38.75
N ALA F 121 -23.39 60.19 -38.74
CA ALA F 121 -22.51 60.98 -39.59
C ALA F 121 -21.85 60.13 -40.65
N THR F 122 -21.54 60.76 -41.78
CA THR F 122 -20.86 60.13 -42.89
C THR F 122 -19.72 61.06 -43.24
N VAL F 123 -18.50 60.50 -43.24
CA VAL F 123 -17.29 61.22 -43.54
C VAL F 123 -16.56 60.56 -44.70
N ALA F 124 -16.22 61.36 -45.70
CA ALA F 124 -15.48 60.88 -46.86
C ALA F 124 -14.25 61.74 -47.14
N TYR F 125 -13.16 61.08 -47.56
CA TYR F 125 -11.93 61.79 -47.89
C TYR F 125 -11.07 61.05 -48.90
N ILE F 126 -10.21 61.80 -49.56
CA ILE F 126 -9.26 61.29 -50.55
C ILE F 126 -7.88 61.58 -49.92
N PRO F 127 -7.14 60.53 -49.51
CA PRO F 127 -5.81 60.70 -48.90
C PRO F 127 -4.80 61.47 -49.79
N LYS F 128 -4.09 62.38 -49.15
CA LYS F 128 -3.08 63.18 -49.81
C LYS F 128 -1.74 62.52 -49.45
N ASP F 129 -1.10 63.01 -48.39
CA ASP F 129 0.18 62.47 -47.95
C ASP F 129 0.03 61.66 -46.66
N SER F 130 -1.21 61.55 -46.17
CA SER F 130 -1.51 60.79 -44.95
C SER F 130 -2.89 60.14 -44.91
N VAL F 131 -2.93 58.94 -44.31
CA VAL F 131 -4.15 58.16 -44.13
C VAL F 131 -4.39 58.12 -42.61
N ILE F 132 -5.53 58.66 -42.17
CA ILE F 132 -5.88 58.68 -40.75
C ILE F 132 -6.38 57.31 -40.32
N GLY F 133 -6.22 57.00 -39.03
CA GLY F 133 -6.70 55.75 -38.47
C GLY F 133 -8.21 55.80 -38.48
N LEU F 134 -8.86 54.71 -38.90
CA LEU F 134 -10.31 54.65 -39.01
C LEU F 134 -11.15 55.04 -37.82
N SER F 135 -10.78 54.55 -36.63
CA SER F 135 -11.55 54.87 -35.42
C SER F 135 -11.45 56.33 -35.03
N LYS F 136 -10.32 56.96 -35.38
CA LYS F 136 -10.07 58.37 -35.06
C LYS F 136 -11.06 59.28 -35.74
N ILE F 137 -11.71 58.80 -36.80
CA ILE F 137 -12.73 59.58 -37.51
C ILE F 137 -13.99 59.58 -36.66
N ASN F 138 -14.35 58.41 -36.12
CA ASN F 138 -15.52 58.22 -35.25
C ASN F 138 -15.33 59.00 -33.95
N ARG F 139 -14.08 59.02 -33.48
CA ARG F 139 -13.71 59.70 -32.24
C ARG F 139 -13.73 61.21 -32.33
N ILE F 140 -13.39 61.74 -33.51
CA ILE F 140 -13.41 63.20 -33.75
C ILE F 140 -14.85 63.65 -33.82
N VAL F 141 -15.67 62.87 -34.53
CA VAL F 141 -17.11 63.14 -34.69
C VAL F 141 -17.74 63.26 -33.30
N GLN F 142 -17.53 62.22 -32.48
CA GLN F 142 -18.05 62.18 -31.11
C GLN F 142 -17.45 63.22 -30.16
N PHE F 143 -16.22 63.65 -30.43
CA PHE F 143 -15.56 64.66 -29.60
C PHE F 143 -16.39 65.94 -29.67
N PHE F 144 -16.57 66.44 -30.90
CA PHE F 144 -17.35 67.64 -31.15
C PHE F 144 -18.83 67.50 -30.84
N ALA F 145 -19.34 66.26 -30.91
CA ALA F 145 -20.75 65.99 -30.65
C ALA F 145 -21.09 66.08 -29.17
N GLN F 146 -20.14 65.69 -28.31
CA GLN F 146 -20.33 65.74 -26.86
C GLN F 146 -20.08 67.19 -26.42
N ARG F 147 -21.00 68.06 -26.83
CA ARG F 147 -20.94 69.50 -26.58
C ARG F 147 -22.33 70.08 -26.79
N PRO F 148 -22.61 71.29 -26.25
CA PRO F 148 -23.94 71.87 -26.50
C PRO F 148 -23.82 72.36 -27.96
N GLN F 149 -24.48 71.66 -28.89
CA GLN F 149 -24.34 71.96 -30.31
C GLN F 149 -25.44 72.59 -31.17
N VAL F 150 -25.00 72.96 -32.37
CA VAL F 150 -25.80 73.52 -33.46
C VAL F 150 -25.30 72.61 -34.61
N GLN F 151 -26.21 71.87 -35.24
CA GLN F 151 -25.87 70.91 -36.30
C GLN F 151 -25.00 71.43 -37.44
N GLU F 152 -25.30 72.65 -37.88
CA GLU F 152 -24.56 73.32 -38.94
C GLU F 152 -23.11 73.63 -38.55
N ARG F 153 -22.92 74.06 -37.29
CA ARG F 153 -21.59 74.36 -36.76
C ARG F 153 -20.81 73.08 -36.52
N LEU F 154 -21.51 72.05 -36.01
CA LEU F 154 -20.94 70.72 -35.73
C LEU F 154 -20.34 70.08 -37.02
N THR F 155 -21.08 70.16 -38.12
CA THR F 155 -20.66 69.62 -39.42
C THR F 155 -19.37 70.28 -39.89
N GLN F 156 -19.29 71.61 -39.75
CA GLN F 156 -18.11 72.41 -40.12
C GLN F 156 -16.90 72.12 -39.27
N GLN F 157 -17.11 72.04 -37.95
CA GLN F 157 -16.04 71.74 -37.01
C GLN F 157 -15.34 70.43 -37.36
N ILE F 158 -16.13 69.40 -37.70
CA ILE F 158 -15.62 68.08 -38.07
C ILE F 158 -14.87 68.14 -39.42
N LEU F 159 -15.37 68.95 -40.35
CA LEU F 159 -14.77 69.13 -41.66
C LEU F 159 -13.38 69.74 -41.54
N ILE F 160 -13.32 70.93 -40.93
CA ILE F 160 -12.08 71.69 -40.76
C ILE F 160 -11.06 70.91 -39.93
N ALA F 161 -11.54 70.18 -38.92
CA ALA F 161 -10.70 69.38 -38.04
C ALA F 161 -10.02 68.28 -38.83
N LEU F 162 -10.78 67.64 -39.73
CA LEU F 162 -10.27 66.57 -40.57
C LEU F 162 -9.37 67.11 -41.67
N GLN F 163 -9.74 68.26 -42.25
CA GLN F 163 -8.95 68.93 -43.30
C GLN F 163 -7.58 69.35 -42.81
N THR F 164 -7.52 69.78 -41.56
CA THR F 164 -6.28 70.23 -40.92
C THR F 164 -5.31 69.09 -40.69
N LEU F 165 -5.80 68.00 -40.09
CA LEU F 165 -4.98 66.84 -39.77
C LEU F 165 -4.51 66.04 -40.97
N LEU F 166 -5.36 65.99 -42.00
CA LEU F 166 -5.05 65.25 -43.22
C LEU F 166 -4.25 66.04 -44.23
N GLY F 167 -4.29 67.36 -44.10
CA GLY F 167 -3.57 68.25 -45.00
C GLY F 167 -4.17 68.33 -46.39
N THR F 168 -5.45 67.99 -46.50
CA THR F 168 -6.17 68.04 -47.77
C THR F 168 -7.45 68.77 -47.53
N ASN F 169 -7.95 69.38 -48.58
CA ASN F 169 -9.21 70.10 -48.54
C ASN F 169 -10.28 69.13 -49.04
N ASN F 170 -9.81 68.01 -49.63
CA ASN F 170 -10.67 66.95 -50.17
C ASN F 170 -11.30 66.08 -49.07
N VAL F 171 -12.19 66.70 -48.30
CA VAL F 171 -12.90 66.03 -47.22
C VAL F 171 -14.35 66.45 -47.32
N ALA F 172 -15.26 65.53 -47.02
CA ALA F 172 -16.71 65.78 -47.04
C ALA F 172 -17.33 65.21 -45.77
N VAL F 173 -18.21 65.99 -45.15
CA VAL F 173 -18.90 65.59 -43.92
C VAL F 173 -20.42 65.79 -44.03
N SER F 174 -21.20 64.78 -43.67
CA SER F 174 -22.66 64.86 -43.70
C SER F 174 -23.24 64.27 -42.40
N ILE F 175 -24.12 65.03 -41.74
CA ILE F 175 -24.76 64.59 -40.50
C ILE F 175 -26.27 64.54 -40.67
N ASP F 176 -26.83 63.35 -40.46
CA ASP F 176 -28.26 63.13 -40.54
C ASP F 176 -28.68 63.00 -39.07
N ALA F 177 -29.52 63.93 -38.60
CA ALA F 177 -29.96 63.90 -37.22
C ALA F 177 -31.40 64.22 -36.95
N VAL F 178 -31.88 63.73 -35.80
CA VAL F 178 -33.24 64.00 -35.35
C VAL F 178 -33.06 64.78 -34.04
N HIS F 179 -33.64 65.98 -33.99
CA HIS F 179 -33.61 66.81 -32.80
C HIS F 179 -34.85 66.53 -31.98
N TYR F 180 -34.68 66.10 -30.73
CA TYR F 180 -35.85 65.84 -29.90
C TYR F 180 -36.53 67.14 -29.45
N CYS F 181 -35.87 68.27 -29.76
CA CYS F 181 -36.41 69.60 -29.49
C CYS F 181 -37.44 69.91 -30.60
N VAL F 182 -37.41 69.09 -31.66
CA VAL F 182 -38.31 69.18 -32.82
C VAL F 182 -39.34 68.03 -32.81
N LYS F 183 -38.87 66.83 -32.46
CA LYS F 183 -39.73 65.65 -32.44
C LYS F 183 -40.70 65.47 -31.24
N ALA F 184 -40.16 65.60 -30.04
CA ALA F 184 -40.92 65.35 -28.81
C ALA F 184 -41.50 66.55 -28.10
N ARG F 185 -41.44 67.70 -28.76
CA ARG F 185 -41.85 68.96 -28.16
C ARG F 185 -42.15 69.96 -29.30
N GLY F 186 -42.74 71.11 -28.97
CA GLY F 186 -43.06 72.15 -29.95
C GLY F 186 -43.96 71.79 -31.13
N ILE F 187 -43.37 71.65 -32.33
CA ILE F 187 -44.11 71.28 -33.55
C ILE F 187 -44.48 69.79 -33.57
N ARG F 188 -43.77 69.02 -32.74
CA ARG F 188 -43.99 67.57 -32.56
C ARG F 188 -44.02 66.80 -33.88
N ASP F 189 -42.93 66.94 -34.63
CA ASP F 189 -42.79 66.28 -35.93
C ASP F 189 -42.05 64.96 -35.71
N ALA F 190 -42.84 63.89 -35.62
CA ALA F 190 -42.33 62.54 -35.38
C ALA F 190 -41.57 61.92 -36.54
N THR F 191 -41.80 62.45 -37.75
CA THR F 191 -41.19 61.91 -38.95
C THR F 191 -39.99 62.64 -39.54
N SER F 192 -39.85 63.94 -39.27
CA SER F 192 -38.73 64.70 -39.84
C SER F 192 -37.37 64.43 -39.24
N ALA F 193 -36.35 64.71 -40.07
CA ALA F 193 -34.94 64.55 -39.77
C ALA F 193 -34.19 65.55 -40.62
N THR F 194 -33.08 66.05 -40.08
CA THR F 194 -32.24 67.05 -40.73
C THR F 194 -30.86 66.55 -41.15
N THR F 195 -30.52 66.86 -42.40
CA THR F 195 -29.23 66.52 -42.99
C THR F 195 -28.47 67.80 -43.27
N THR F 196 -27.27 67.92 -42.71
CA THR F 196 -26.42 69.09 -42.92
C THR F 196 -25.12 68.58 -43.49
N THR F 197 -24.86 68.95 -44.74
CA THR F 197 -23.66 68.48 -45.41
C THR F 197 -22.63 69.56 -45.72
N SER F 198 -21.37 69.26 -45.39
CA SER F 198 -20.24 70.15 -45.66
C SER F 198 -19.25 69.53 -46.61
N LEU F 199 -19.14 70.14 -47.80
CA LEU F 199 -18.24 69.68 -48.87
C LEU F 199 -17.01 70.57 -49.05
N GLY F 200 -15.85 69.94 -49.09
CA GLY F 200 -14.61 70.66 -49.27
C GLY F 200 -13.80 70.07 -50.41
N GLY F 201 -12.91 70.88 -50.99
CA GLY F 201 -12.02 70.46 -52.07
C GLY F 201 -12.71 69.90 -53.30
N LEU F 202 -12.29 68.72 -53.73
CA LEU F 202 -12.84 68.04 -54.92
C LEU F 202 -14.32 67.71 -54.77
N PHE F 203 -14.77 67.59 -53.53
CA PHE F 203 -16.16 67.29 -53.22
C PHE F 203 -17.02 68.54 -53.42
N LYS F 204 -16.37 69.70 -53.48
CA LYS F 204 -17.06 70.96 -53.69
C LYS F 204 -16.80 71.48 -55.10
N SER F 205 -15.59 71.99 -55.33
CA SER F 205 -15.14 72.58 -56.61
C SER F 205 -15.37 71.72 -57.85
N SER F 206 -14.73 70.56 -57.92
CA SER F 206 -14.88 69.67 -59.06
C SER F 206 -16.23 68.96 -59.00
N GLN F 207 -16.87 68.91 -60.16
CA GLN F 207 -18.20 68.33 -60.36
C GLN F 207 -18.32 66.81 -60.14
N ASN F 208 -17.27 66.08 -60.51
CA ASN F 208 -17.20 64.62 -60.40
C ASN F 208 -17.34 64.06 -58.98
N THR F 209 -16.34 64.36 -58.14
CA THR F 209 -16.26 63.89 -56.77
C THR F 209 -17.39 64.37 -55.86
N ARG F 210 -18.11 65.40 -56.30
CA ARG F 210 -19.24 65.95 -55.54
C ARG F 210 -20.41 64.98 -55.52
N HIS F 211 -20.71 64.44 -56.70
CA HIS F 211 -21.80 63.51 -56.88
C HIS F 211 -21.40 62.09 -56.48
N GLU F 212 -20.12 61.90 -56.16
CA GLU F 212 -19.59 60.61 -55.72
C GLU F 212 -19.93 60.33 -54.26
N PHE F 213 -19.94 61.40 -53.46
CA PHE F 213 -20.23 61.33 -52.04
C PHE F 213 -21.73 61.39 -51.77
N LEU F 214 -22.35 62.51 -52.16
CA LEU F 214 -23.77 62.80 -51.96
C LEU F 214 -24.77 61.72 -52.38
N ARG F 215 -24.32 60.84 -53.27
CA ARG F 215 -25.09 59.71 -53.78
C ARG F 215 -25.04 58.58 -52.75
N ALA F 216 -23.81 58.29 -52.30
CA ALA F 216 -23.51 57.26 -51.31
C ALA F 216 -23.76 57.71 -49.86
N VAL F 217 -24.50 58.81 -49.70
CA VAL F 217 -24.84 59.33 -48.36
C VAL F 217 -26.27 58.89 -48.07
N ARG F 218 -26.50 58.57 -46.79
CA ARG F 218 -27.76 58.11 -46.20
C ARG F 218 -28.01 56.65 -46.60
N HIS F 219 -27.43 55.77 -45.80
CA HIS F 219 -27.54 54.32 -45.97
C HIS F 219 -28.13 53.74 -44.68
N HIS F 220 -28.83 52.62 -44.81
CA HIS F 220 -29.41 51.91 -43.67
C HIS F 220 -28.83 50.49 -43.70
N ASN F 221 -28.07 50.16 -42.64
CA ASN F 221 -27.39 48.86 -42.46
C ASN F 221 -26.39 48.45 -43.55
N PRO G 1 -51.82 95.38 -29.87
CA PRO G 1 -51.29 94.22 -30.63
C PRO G 1 -51.98 93.98 -31.99
N SER G 2 -51.18 93.67 -33.01
CA SER G 2 -51.65 93.43 -34.37
C SER G 2 -51.10 92.13 -34.99
N LEU G 3 -50.04 92.24 -35.79
CA LEU G 3 -49.38 91.10 -36.45
C LEU G 3 -47.91 91.00 -36.05
N SER G 4 -47.06 90.57 -36.99
CA SER G 4 -45.62 90.38 -36.77
C SER G 4 -44.82 90.85 -37.99
N LYS G 5 -43.52 91.12 -37.77
CA LYS G 5 -42.60 91.58 -38.81
C LYS G 5 -42.37 90.57 -39.93
N GLU G 6 -41.96 89.36 -39.55
CA GLU G 6 -41.69 88.27 -40.48
C GLU G 6 -42.93 87.79 -41.24
N ALA G 7 -44.08 87.88 -40.57
CA ALA G 7 -45.39 87.50 -41.14
C ALA G 7 -45.76 88.46 -42.25
N ALA G 8 -45.40 89.73 -42.04
CA ALA G 8 -45.65 90.81 -42.98
C ALA G 8 -44.79 90.68 -44.24
N LEU G 9 -43.49 90.40 -44.09
CA LEU G 9 -42.57 90.26 -45.24
C LEU G 9 -42.99 89.17 -46.18
N VAL G 10 -43.35 88.04 -45.58
CA VAL G 10 -43.79 86.85 -46.31
C VAL G 10 -45.11 87.13 -47.01
N HIS G 11 -46.02 87.81 -46.31
CA HIS G 11 -47.34 88.14 -46.85
C HIS G 11 -47.22 89.00 -48.11
N GLU G 12 -46.37 90.02 -48.01
CA GLU G 12 -46.13 90.98 -49.10
C GLU G 12 -45.42 90.35 -50.27
N ALA G 13 -44.53 89.41 -49.97
CA ALA G 13 -43.74 88.70 -50.98
C ALA G 13 -44.65 87.78 -51.80
N LEU G 14 -45.60 87.14 -51.14
CA LEU G 14 -46.55 86.23 -51.80
C LEU G 14 -47.61 86.98 -52.62
N VAL G 15 -48.12 88.09 -52.08
CA VAL G 15 -49.12 88.94 -52.75
C VAL G 15 -48.48 89.55 -54.01
N ALA G 16 -47.20 89.91 -53.89
CA ALA G 16 -46.43 90.47 -55.00
C ALA G 16 -46.24 89.47 -56.14
N ARG G 17 -46.46 88.18 -55.86
CA ARG G 17 -46.33 87.09 -56.83
C ARG G 17 -47.64 86.37 -57.17
N GLY G 18 -48.74 86.84 -56.58
CA GLY G 18 -50.05 86.27 -56.82
C GLY G 18 -50.29 84.91 -56.19
N LEU G 19 -49.61 84.65 -55.07
CA LEU G 19 -49.71 83.40 -54.31
C LEU G 19 -50.58 83.56 -53.06
N GLU G 20 -51.01 84.79 -52.80
CA GLU G 20 -51.86 85.08 -51.63
C GLU G 20 -52.89 86.17 -51.94
N THR G 21 -53.86 86.29 -51.02
CA THR G 21 -54.93 87.28 -51.11
C THR G 21 -54.38 88.62 -50.58
N PRO G 22 -54.57 89.73 -51.34
CA PRO G 22 -54.09 91.05 -50.92
C PRO G 22 -54.78 91.53 -49.65
N LEU G 23 -54.06 92.34 -48.88
CA LEU G 23 -54.58 92.93 -47.63
C LEU G 23 -55.68 93.95 -48.00
N ARG G 24 -56.76 93.96 -47.23
CA ARG G 24 -57.94 94.80 -47.47
C ARG G 24 -58.34 95.60 -46.21
N PRO G 25 -59.14 96.71 -46.35
CA PRO G 25 -59.58 97.51 -45.20
C PRO G 25 -60.30 96.69 -44.10
N PRO G 26 -60.00 96.95 -42.79
CA PRO G 26 -60.52 96.33 -41.55
C PRO G 26 -61.79 95.47 -41.37
N VAL G 27 -62.76 95.51 -42.31
CA VAL G 27 -64.03 94.74 -42.25
C VAL G 27 -64.74 95.06 -40.91
N HIS G 28 -64.44 94.23 -39.90
CA HIS G 28 -64.88 94.26 -38.49
C HIS G 28 -64.47 92.93 -37.88
N GLU G 29 -64.24 92.91 -36.57
CA GLU G 29 -63.84 91.67 -35.92
C GLU G 29 -65.02 90.94 -35.32
N MET G 30 -65.70 90.18 -36.18
CA MET G 30 -66.88 89.35 -35.84
C MET G 30 -66.52 88.36 -34.73
N ASP G 31 -67.47 88.06 -33.85
CA ASP G 31 -67.25 87.13 -32.76
C ASP G 31 -66.96 85.71 -33.27
N ASN G 32 -65.80 85.21 -32.84
CA ASN G 32 -65.27 83.89 -33.17
C ASN G 32 -66.28 82.78 -32.86
N GLU G 33 -66.96 82.90 -31.73
CA GLU G 33 -67.96 81.94 -31.28
C GLU G 33 -69.31 82.03 -32.02
N THR G 34 -69.53 83.16 -32.71
CA THR G 34 -70.74 83.38 -33.49
C THR G 34 -70.58 82.66 -34.83
N ARG G 35 -69.36 82.69 -35.36
CA ARG G 35 -69.02 82.03 -36.63
C ARG G 35 -69.21 80.53 -36.51
N LYS G 36 -68.81 80.00 -35.36
CA LYS G 36 -68.92 78.59 -35.02
C LYS G 36 -70.36 78.12 -34.94
N SER G 37 -71.20 78.91 -34.26
CA SER G 37 -72.63 78.60 -34.08
C SER G 37 -73.44 78.69 -35.38
N LEU G 38 -73.03 79.60 -36.27
CA LEU G 38 -73.68 79.78 -37.57
C LEU G 38 -73.30 78.65 -38.55
N ILE G 39 -72.02 78.26 -38.54
CA ILE G 39 -71.51 77.16 -39.38
C ILE G 39 -72.12 75.84 -38.88
N ALA G 40 -72.21 75.72 -37.55
CA ALA G 40 -72.79 74.55 -36.88
C ALA G 40 -74.27 74.45 -37.27
N GLY G 41 -74.93 75.61 -37.32
CA GLY G 41 -76.34 75.70 -37.69
C GLY G 41 -76.53 75.29 -39.15
N HIS G 42 -75.59 75.65 -40.02
CA HIS G 42 -75.67 75.29 -41.44
C HIS G 42 -75.35 73.82 -41.67
N MET G 43 -74.47 73.25 -40.82
CA MET G 43 -74.11 71.83 -40.91
C MET G 43 -75.26 70.96 -40.42
N THR G 44 -76.03 71.50 -39.46
CA THR G 44 -77.20 70.87 -38.85
C THR G 44 -78.26 70.71 -39.94
N GLU G 45 -78.37 71.72 -40.80
CA GLU G 45 -79.34 71.69 -41.89
C GLU G 45 -78.91 70.74 -43.02
N ILE G 46 -77.59 70.65 -43.25
CA ILE G 46 -76.99 69.77 -44.26
C ILE G 46 -77.24 68.29 -43.89
N MET G 47 -77.07 67.98 -42.60
CA MET G 47 -77.27 66.63 -42.09
C MET G 47 -78.73 66.19 -42.07
N GLN G 48 -79.63 67.18 -41.94
CA GLN G 48 -81.08 66.93 -41.94
C GLN G 48 -81.57 66.60 -43.35
N LEU G 49 -80.91 67.19 -44.34
CA LEU G 49 -81.23 66.97 -45.75
C LEU G 49 -80.55 65.69 -46.29
N LEU G 50 -79.88 64.97 -45.38
CA LEU G 50 -79.19 63.71 -45.66
C LEU G 50 -79.87 62.56 -44.91
N ASN G 51 -81.01 62.88 -44.29
CA ASN G 51 -81.87 61.96 -43.50
C ASN G 51 -81.18 61.36 -42.27
N LEU G 52 -80.37 62.17 -41.59
CA LEU G 52 -79.63 61.72 -40.41
C LEU G 52 -80.29 62.17 -39.09
N ASP G 53 -80.39 61.21 -38.16
CA ASP G 53 -80.99 61.40 -36.83
C ASP G 53 -80.06 62.22 -35.93
N LEU G 54 -80.45 63.47 -35.68
CA LEU G 54 -79.70 64.37 -34.82
C LEU G 54 -80.06 64.22 -33.34
N ALA G 55 -81.02 63.33 -33.06
CA ALA G 55 -81.48 63.03 -31.69
C ALA G 55 -80.53 62.00 -31.06
N ASP G 56 -79.70 61.39 -31.91
CA ASP G 56 -78.70 60.41 -31.52
C ASP G 56 -77.57 61.15 -30.82
N ASP G 57 -77.23 60.69 -29.61
CA ASP G 57 -76.19 61.29 -28.77
C ASP G 57 -74.76 61.37 -29.33
N SER G 58 -74.58 60.86 -30.55
CA SER G 58 -73.27 60.87 -31.22
C SER G 58 -73.25 61.86 -32.40
N LEU G 59 -74.32 61.86 -33.21
CA LEU G 59 -74.48 62.77 -34.36
C LEU G 59 -74.90 64.18 -33.96
N MET G 60 -75.29 64.32 -32.70
CA MET G 60 -75.76 65.56 -32.07
C MET G 60 -74.63 66.59 -31.95
N GLU G 61 -73.44 66.10 -31.64
CA GLU G 61 -72.26 66.92 -31.44
C GLU G 61 -71.42 67.17 -32.70
N THR G 62 -71.76 66.47 -33.78
CA THR G 62 -71.06 66.58 -35.07
C THR G 62 -71.04 67.99 -35.71
N PRO G 63 -72.18 68.74 -35.71
CA PRO G 63 -72.12 70.08 -36.33
C PRO G 63 -71.22 71.06 -35.57
N HIS G 64 -71.17 70.94 -34.25
CA HIS G 64 -70.32 71.80 -33.41
C HIS G 64 -68.84 71.49 -33.67
N ARG G 65 -68.56 70.20 -33.89
CA ARG G 65 -67.19 69.75 -34.14
C ARG G 65 -66.63 70.14 -35.49
N ILE G 66 -67.48 70.10 -36.53
CA ILE G 66 -67.08 70.48 -37.89
C ILE G 66 -66.87 72.00 -37.93
N ALA G 67 -67.58 72.71 -37.06
CA ALA G 67 -67.49 74.15 -36.92
C ALA G 67 -66.18 74.56 -36.23
N LYS G 68 -65.86 73.86 -35.14
CA LYS G 68 -64.65 74.09 -34.34
C LYS G 68 -63.41 73.79 -35.18
N MET G 69 -63.58 72.84 -36.10
CA MET G 69 -62.53 72.38 -37.00
C MET G 69 -62.19 73.46 -38.02
N TYR G 70 -63.22 73.94 -38.72
CA TYR G 70 -63.09 74.97 -39.77
C TYR G 70 -62.60 76.34 -39.26
N VAL G 71 -63.03 76.70 -38.06
CA VAL G 71 -62.69 77.99 -37.47
C VAL G 71 -61.37 78.06 -36.68
N ASP G 72 -61.12 77.09 -35.81
CA ASP G 72 -59.91 77.12 -34.98
C ASP G 72 -58.83 76.09 -35.22
N GLU G 73 -59.11 75.07 -36.02
CA GLU G 73 -58.13 73.99 -36.23
C GLU G 73 -57.46 73.80 -37.59
N ILE G 74 -58.15 73.16 -38.54
CA ILE G 74 -57.59 72.88 -39.87
C ILE G 74 -57.33 74.04 -40.81
N PHE G 75 -57.97 75.19 -40.60
CA PHE G 75 -57.78 76.36 -41.47
C PHE G 75 -57.11 77.53 -40.76
N SER G 76 -56.30 77.21 -39.74
CA SER G 76 -55.61 78.22 -38.94
C SER G 76 -54.53 79.02 -39.68
N GLY G 77 -54.09 78.49 -40.82
CA GLY G 77 -53.07 79.14 -41.63
C GLY G 77 -53.54 80.31 -42.49
N LEU G 78 -54.84 80.58 -42.45
CA LEU G 78 -55.45 81.68 -43.20
C LEU G 78 -55.25 83.01 -42.46
N ASP G 79 -54.94 82.91 -41.17
CA ASP G 79 -54.72 84.06 -40.31
C ASP G 79 -53.23 84.12 -39.97
N TYR G 80 -52.58 85.21 -40.35
CA TYR G 80 -51.15 85.42 -40.13
C TYR G 80 -50.76 85.73 -38.70
N ALA G 81 -51.75 85.62 -37.81
CA ALA G 81 -51.55 85.84 -36.39
C ALA G 81 -50.97 84.53 -35.86
N ASN G 82 -51.27 83.46 -36.60
CA ASN G 82 -50.83 82.11 -36.29
C ASN G 82 -49.46 81.78 -36.90
N PHE G 83 -48.88 82.76 -37.60
CA PHE G 83 -47.56 82.62 -38.25
C PHE G 83 -46.49 82.39 -37.17
N PRO G 84 -45.58 81.43 -37.41
CA PRO G 84 -44.51 81.11 -36.45
C PRO G 84 -43.52 82.23 -36.19
N LYS G 85 -43.05 82.31 -34.94
CA LYS G 85 -42.06 83.30 -34.50
C LYS G 85 -40.72 82.86 -35.05
N ILE G 86 -40.32 83.44 -36.19
CA ILE G 86 -39.07 83.10 -36.84
C ILE G 86 -37.83 83.64 -36.12
N THR G 87 -36.85 82.74 -35.94
CA THR G 87 -35.59 83.08 -35.31
C THR G 87 -34.47 82.74 -36.29
N LEU G 88 -33.70 83.75 -36.66
CA LEU G 88 -32.58 83.60 -37.58
C LEU G 88 -31.28 83.84 -36.85
N ILE G 89 -30.35 82.90 -36.98
CA ILE G 89 -29.04 83.09 -36.38
C ILE G 89 -28.03 83.49 -37.45
N GLU G 90 -27.27 84.53 -37.09
CA GLU G 90 -26.21 85.18 -37.87
C GLU G 90 -25.19 84.16 -38.38
N ASN G 91 -24.92 84.20 -39.70
CA ASN G 91 -23.96 83.31 -40.34
C ASN G 91 -22.52 83.76 -40.04
N LYS G 92 -22.14 83.47 -38.79
CA LYS G 92 -20.82 83.77 -38.21
C LYS G 92 -19.83 82.71 -38.69
N MET G 93 -20.38 81.51 -38.98
CA MET G 93 -19.61 80.35 -39.42
C MET G 93 -19.26 80.36 -40.91
N LYS G 94 -19.80 81.34 -41.64
CA LYS G 94 -19.61 81.54 -43.11
C LYS G 94 -19.97 80.30 -43.96
N VAL G 95 -20.84 79.45 -43.38
CA VAL G 95 -21.32 78.19 -43.97
C VAL G 95 -21.84 78.33 -45.39
N ASP G 96 -21.02 77.80 -46.29
CA ASP G 96 -21.27 77.77 -47.71
C ASP G 96 -21.81 76.40 -48.12
N GLU G 97 -22.40 75.70 -47.15
CA GLU G 97 -22.92 74.36 -47.38
C GLU G 97 -24.39 74.09 -47.08
N MET G 98 -24.94 72.94 -47.53
CA MET G 98 -26.37 72.67 -47.36
C MET G 98 -27.06 71.92 -46.23
N VAL G 99 -28.27 72.41 -45.94
CA VAL G 99 -29.16 71.90 -44.90
C VAL G 99 -30.42 71.38 -45.57
N THR G 100 -30.82 70.16 -45.22
CA THR G 100 -32.03 69.53 -45.74
C THR G 100 -32.89 68.94 -44.61
N VAL G 101 -34.15 69.36 -44.54
CA VAL G 101 -35.08 68.84 -43.54
C VAL G 101 -36.07 68.04 -44.36
N ARG G 102 -35.96 66.71 -44.27
CA ARG G 102 -36.82 65.81 -45.02
C ARG G 102 -37.94 65.24 -44.17
N ASP G 103 -38.88 64.57 -44.83
CA ASP G 103 -40.04 63.92 -44.21
C ASP G 103 -40.85 64.74 -43.19
N ILE G 104 -41.07 66.02 -43.50
CA ILE G 104 -41.84 66.91 -42.62
C ILE G 104 -43.33 66.57 -42.70
N THR G 105 -43.95 66.40 -41.53
CA THR G 105 -45.39 66.10 -41.42
C THR G 105 -46.17 67.29 -42.01
N LEU G 106 -46.96 66.98 -43.03
CA LEU G 106 -47.77 67.96 -43.74
C LEU G 106 -49.19 67.44 -43.76
N THR G 107 -50.08 68.20 -43.15
CA THR G 107 -51.50 67.86 -43.08
C THR G 107 -52.27 69.00 -43.72
N SER G 108 -52.96 68.71 -44.82
CA SER G 108 -53.74 69.73 -45.51
C SER G 108 -55.13 69.25 -45.88
N THR G 109 -55.84 70.12 -46.60
CA THR G 109 -57.21 69.89 -47.04
C THR G 109 -57.27 70.43 -48.47
N CYS G 110 -57.82 69.66 -49.41
CA CYS G 110 -57.93 70.11 -50.81
C CYS G 110 -59.03 71.16 -50.89
N GLU G 111 -58.75 72.27 -51.59
CA GLU G 111 -59.73 73.34 -51.73
C GLU G 111 -60.90 72.97 -52.61
N HIS G 112 -60.70 71.95 -53.43
CA HIS G 112 -61.71 71.46 -54.35
C HIS G 112 -62.88 70.70 -53.72
N SER G 113 -62.60 69.89 -52.71
CA SER G 113 -63.64 69.07 -52.08
C SER G 113 -63.65 69.03 -50.55
N PHE G 114 -62.76 69.81 -49.93
CA PHE G 114 -62.58 69.88 -48.47
C PHE G 114 -62.22 68.53 -47.83
N VAL G 115 -61.47 67.73 -48.59
CA VAL G 115 -61.03 66.40 -48.18
C VAL G 115 -59.53 66.39 -47.89
N THR G 116 -59.17 65.56 -46.90
CA THR G 116 -57.82 65.36 -46.41
C THR G 116 -56.75 65.08 -47.46
N ILE G 117 -55.58 65.72 -47.25
CA ILE G 117 -54.39 65.54 -48.08
C ILE G 117 -53.32 65.18 -47.03
N ASP G 118 -52.81 63.95 -47.13
CA ASP G 118 -51.77 63.43 -46.23
C ASP G 118 -50.47 63.56 -46.99
N GLY G 119 -49.54 64.32 -46.44
CA GLY G 119 -48.27 64.51 -47.12
C GLY G 119 -47.00 64.61 -46.29
N LYS G 120 -45.89 64.61 -47.02
CA LYS G 120 -44.55 64.72 -46.48
C LYS G 120 -43.81 65.76 -47.30
N ALA G 121 -43.16 66.72 -46.63
CA ALA G 121 -42.41 67.75 -47.32
C ALA G 121 -40.91 67.64 -47.07
N THR G 122 -40.14 67.99 -48.09
CA THR G 122 -38.68 67.97 -48.04
C THR G 122 -38.25 69.37 -48.43
N VAL G 123 -37.41 69.96 -47.59
CA VAL G 123 -36.94 71.31 -47.80
C VAL G 123 -35.43 71.34 -47.68
N ALA G 124 -34.78 71.91 -48.69
CA ALA G 124 -33.33 72.05 -48.73
C ALA G 124 -32.97 73.47 -49.08
N TYR G 125 -31.89 73.96 -48.49
CA TYR G 125 -31.40 75.30 -48.75
C TYR G 125 -29.92 75.42 -48.46
N ILE G 126 -29.32 76.48 -48.99
CA ILE G 126 -27.92 76.78 -48.79
C ILE G 126 -27.93 78.13 -48.09
N PRO G 127 -27.49 78.18 -46.80
CA PRO G 127 -27.46 79.43 -46.04
C PRO G 127 -26.53 80.47 -46.69
N LYS G 128 -26.97 81.72 -46.73
CA LYS G 128 -26.17 82.81 -47.27
C LYS G 128 -25.71 83.60 -46.03
N ASP G 129 -26.52 84.57 -45.60
CA ASP G 129 -26.18 85.39 -44.44
C ASP G 129 -26.93 85.02 -43.17
N SER G 130 -27.88 84.08 -43.30
CA SER G 130 -28.68 83.64 -42.16
C SER G 130 -29.06 82.16 -42.20
N VAL G 131 -29.10 81.56 -41.01
CA VAL G 131 -29.44 80.15 -40.81
C VAL G 131 -30.75 80.14 -40.02
N ILE G 132 -31.81 79.65 -40.63
CA ILE G 132 -33.11 79.60 -39.97
C ILE G 132 -33.22 78.41 -39.00
N GLY G 133 -33.95 78.64 -37.91
CA GLY G 133 -34.20 77.62 -36.89
C GLY G 133 -34.90 76.43 -37.50
N LEU G 134 -34.34 75.23 -37.30
CA LEU G 134 -34.88 73.99 -37.86
C LEU G 134 -36.38 73.74 -37.74
N SER G 135 -36.94 73.95 -36.54
CA SER G 135 -38.37 73.71 -36.33
C SER G 135 -39.23 74.73 -37.06
N LYS G 136 -38.66 75.90 -37.36
CA LYS G 136 -39.39 76.96 -38.07
C LYS G 136 -39.73 76.57 -39.49
N ILE G 137 -38.93 75.68 -40.08
CA ILE G 137 -39.15 75.16 -41.44
C ILE G 137 -40.42 74.27 -41.38
N ASN G 138 -40.49 73.42 -40.35
CA ASN G 138 -41.64 72.53 -40.13
C ASN G 138 -42.92 73.34 -39.84
N ARG G 139 -42.76 74.43 -39.11
CA ARG G 139 -43.85 75.31 -38.74
C ARG G 139 -44.36 76.13 -39.95
N ILE G 140 -43.45 76.56 -40.83
CA ILE G 140 -43.82 77.32 -42.05
C ILE G 140 -44.59 76.42 -43.05
N VAL G 141 -44.18 75.15 -43.13
CA VAL G 141 -44.82 74.17 -43.99
C VAL G 141 -46.23 73.90 -43.47
N GLN G 142 -46.34 73.66 -42.17
CA GLN G 142 -47.62 73.39 -41.52
C GLN G 142 -48.55 74.61 -41.44
N PHE G 143 -47.98 75.81 -41.55
CA PHE G 143 -48.79 77.03 -41.55
C PHE G 143 -49.60 77.04 -42.86
N PHE G 144 -48.89 77.07 -43.99
CA PHE G 144 -49.48 77.11 -45.31
C PHE G 144 -50.31 75.88 -45.65
N ALA G 145 -50.03 74.78 -44.95
CA ALA G 145 -50.74 73.53 -45.15
C ALA G 145 -52.12 73.58 -44.51
N GLN G 146 -52.23 74.21 -43.33
CA GLN G 146 -53.51 74.34 -42.63
C GLN G 146 -54.38 75.41 -43.30
N ARG G 147 -54.79 75.13 -44.55
CA ARG G 147 -55.57 76.03 -45.40
C ARG G 147 -56.25 75.20 -46.49
N PRO G 148 -57.30 75.75 -47.16
CA PRO G 148 -57.93 74.97 -48.24
C PRO G 148 -56.86 75.11 -49.35
N GLN G 149 -56.21 74.02 -49.70
CA GLN G 149 -55.09 74.06 -50.64
C GLN G 149 -55.09 73.39 -52.01
N VAL G 150 -54.12 73.83 -52.80
CA VAL G 150 -53.82 73.33 -54.12
C VAL G 150 -52.34 73.01 -53.91
N GLN G 151 -51.95 71.75 -54.18
CA GLN G 151 -50.58 71.28 -53.95
C GLN G 151 -49.46 72.08 -54.61
N GLU G 152 -49.67 72.46 -55.87
CA GLU G 152 -48.70 73.24 -56.63
C GLU G 152 -48.50 74.63 -56.02
N ARG G 153 -49.61 75.22 -55.56
CA ARG G 153 -49.59 76.54 -54.92
C ARG G 153 -48.85 76.49 -53.59
N LEU G 154 -49.18 75.48 -52.78
CA LEU G 154 -48.59 75.23 -51.46
C LEU G 154 -47.06 75.13 -51.53
N THR G 155 -46.57 74.38 -52.51
CA THR G 155 -45.14 74.17 -52.75
C THR G 155 -44.42 75.50 -53.01
N GLN G 156 -45.04 76.34 -53.85
CA GLN G 156 -44.53 77.67 -54.19
C GLN G 156 -44.60 78.65 -53.04
N GLN G 157 -45.67 78.60 -52.26
CA GLN G 157 -45.86 79.46 -51.08
C GLN G 157 -44.75 79.23 -50.08
N ILE G 158 -44.36 77.96 -49.93
CA ILE G 158 -43.30 77.57 -48.98
C ILE G 158 -41.94 78.05 -49.50
N LEU G 159 -41.71 77.89 -50.80
CA LEU G 159 -40.47 78.30 -51.48
C LEU G 159 -40.18 79.79 -51.34
N ILE G 160 -41.16 80.60 -51.75
CA ILE G 160 -41.07 82.06 -51.71
C ILE G 160 -40.93 82.57 -50.29
N ALA G 161 -41.66 81.96 -49.35
CA ALA G 161 -41.61 82.32 -47.94
C ALA G 161 -40.20 82.11 -47.38
N LEU G 162 -39.63 80.94 -47.64
CA LEU G 162 -38.29 80.60 -47.17
C LEU G 162 -37.25 81.45 -47.86
N GLN G 163 -37.44 81.71 -49.16
CA GLN G 163 -36.53 82.55 -49.94
C GLN G 163 -36.41 83.98 -49.40
N THR G 164 -37.56 84.56 -49.04
CA THR G 164 -37.66 85.92 -48.51
C THR G 164 -37.04 86.05 -47.12
N LEU G 165 -37.33 85.08 -46.25
CA LEU G 165 -36.83 85.05 -44.87
C LEU G 165 -35.32 84.84 -44.78
N LEU G 166 -34.82 84.00 -45.67
CA LEU G 166 -33.40 83.66 -45.75
C LEU G 166 -32.57 84.60 -46.62
N GLY G 167 -33.27 85.30 -47.52
CA GLY G 167 -32.62 86.25 -48.39
C GLY G 167 -31.78 85.62 -49.49
N THR G 168 -32.18 84.43 -49.92
CA THR G 168 -31.48 83.69 -50.97
C THR G 168 -32.51 82.97 -51.82
N ASN G 169 -32.13 82.75 -53.06
CA ASN G 169 -32.97 82.02 -53.99
C ASN G 169 -32.66 80.52 -53.86
N ASN G 170 -31.48 80.19 -53.31
CA ASN G 170 -31.04 78.80 -53.15
C ASN G 170 -31.82 78.01 -52.10
N VAL G 171 -33.07 77.69 -52.45
CA VAL G 171 -34.03 76.95 -51.64
C VAL G 171 -34.73 75.98 -52.59
N ALA G 172 -35.04 74.80 -52.09
CA ALA G 172 -35.72 73.79 -52.87
C ALA G 172 -36.77 73.18 -51.96
N VAL G 173 -38.00 73.07 -52.48
CA VAL G 173 -39.15 72.53 -51.77
C VAL G 173 -39.82 71.44 -52.61
N SER G 174 -40.08 70.31 -51.97
CA SER G 174 -40.76 69.18 -52.61
C SER G 174 -41.81 68.63 -51.64
N ILE G 175 -43.03 68.40 -52.12
CA ILE G 175 -44.11 67.84 -51.32
C ILE G 175 -44.62 66.59 -51.98
N ASP G 176 -44.61 65.51 -51.22
CA ASP G 176 -45.09 64.21 -51.69
C ASP G 176 -46.42 64.07 -50.94
N ALA G 177 -47.52 63.90 -51.68
CA ALA G 177 -48.83 63.79 -51.02
C ALA G 177 -49.88 62.91 -51.65
N VAL G 178 -50.72 62.34 -50.79
CA VAL G 178 -51.86 61.51 -51.20
C VAL G 178 -53.12 62.35 -50.93
N HIS G 179 -53.93 62.51 -51.97
CA HIS G 179 -55.18 63.27 -51.91
C HIS G 179 -56.31 62.25 -51.77
N TYR G 180 -57.10 62.36 -50.70
CA TYR G 180 -58.21 61.44 -50.49
C TYR G 180 -59.41 61.60 -51.42
N CYS G 181 -59.42 62.70 -52.20
CA CYS G 181 -60.47 62.93 -53.19
C CYS G 181 -60.07 62.19 -54.48
N VAL G 182 -58.85 61.63 -54.47
CA VAL G 182 -58.30 60.83 -55.58
C VAL G 182 -58.31 59.35 -55.12
N LYS G 183 -57.91 59.12 -53.87
CA LYS G 183 -57.83 57.76 -53.30
C LYS G 183 -59.15 57.10 -52.84
N ALA G 184 -59.90 57.82 -52.03
CA ALA G 184 -61.15 57.33 -51.46
C ALA G 184 -62.44 57.69 -52.19
N ARG G 185 -62.31 58.38 -53.33
CA ARG G 185 -63.47 58.81 -54.11
C ARG G 185 -63.09 59.04 -55.59
N GLY G 186 -64.10 59.01 -56.46
CA GLY G 186 -63.90 59.24 -57.89
C GLY G 186 -63.21 58.14 -58.65
N ILE G 187 -61.96 58.39 -59.05
CA ILE G 187 -61.17 57.39 -59.78
C ILE G 187 -60.77 56.23 -58.82
N ARG G 188 -60.80 56.51 -57.51
CA ARG G 188 -60.48 55.56 -56.43
C ARG G 188 -59.12 54.83 -56.60
N ASP G 189 -58.09 55.62 -56.90
CA ASP G 189 -56.73 55.11 -57.09
C ASP G 189 -56.10 54.98 -55.71
N ALA G 190 -55.99 53.73 -55.25
CA ALA G 190 -55.44 53.43 -53.93
C ALA G 190 -53.91 53.52 -53.82
N THR G 191 -53.22 53.47 -54.96
CA THR G 191 -51.76 53.49 -54.96
C THR G 191 -51.04 54.78 -55.32
N SER G 192 -51.70 55.66 -56.06
CA SER G 192 -51.08 56.92 -56.50
C SER G 192 -50.72 57.92 -55.43
N ALA G 193 -49.76 58.77 -55.74
CA ALA G 193 -49.27 59.84 -54.87
C ALA G 193 -48.68 60.91 -55.78
N THR G 194 -48.83 62.17 -55.37
CA THR G 194 -48.35 63.30 -56.14
C THR G 194 -47.15 64.00 -55.51
N THR G 195 -46.12 64.24 -56.33
CA THR G 195 -44.91 64.93 -55.90
C THR G 195 -44.88 66.23 -56.71
N THR G 196 -44.80 67.37 -56.02
CA THR G 196 -44.72 68.69 -56.66
C THR G 196 -43.45 69.34 -56.12
N THR G 197 -42.46 69.53 -56.99
CA THR G 197 -41.17 70.10 -56.61
C THR G 197 -40.90 71.51 -57.16
N SER G 198 -40.49 72.44 -56.30
CA SER G 198 -40.16 73.81 -56.70
C SER G 198 -38.72 74.15 -56.36
N LEU G 199 -37.90 74.26 -57.41
CA LEU G 199 -36.49 74.55 -57.29
C LEU G 199 -36.20 76.02 -57.54
N GLY G 200 -35.24 76.56 -56.79
CA GLY G 200 -34.88 77.95 -56.92
C GLY G 200 -33.38 78.12 -56.75
N GLY G 201 -32.84 79.20 -57.33
CA GLY G 201 -31.41 79.48 -57.23
C GLY G 201 -30.54 78.42 -57.89
N LEU G 202 -29.51 77.96 -57.16
CA LEU G 202 -28.58 76.93 -57.64
C LEU G 202 -29.26 75.56 -57.85
N PHE G 203 -30.40 75.36 -57.18
CA PHE G 203 -31.19 74.12 -57.27
C PHE G 203 -31.92 74.07 -58.61
N LYS G 204 -31.98 75.22 -59.29
CA LYS G 204 -32.63 75.33 -60.58
C LYS G 204 -31.59 75.65 -61.67
N SER G 205 -31.03 76.87 -61.61
CA SER G 205 -30.03 77.38 -62.58
C SER G 205 -28.80 76.50 -62.76
N SER G 206 -28.03 76.30 -61.69
CA SER G 206 -26.83 75.46 -61.73
C SER G 206 -27.24 73.99 -61.78
N GLN G 207 -26.62 73.30 -62.74
CA GLN G 207 -26.83 71.89 -63.03
C GLN G 207 -26.44 70.98 -61.85
N ASN G 208 -25.41 71.45 -61.17
CA ASN G 208 -24.77 70.84 -60.00
C ASN G 208 -25.70 70.52 -58.82
N THR G 209 -26.15 71.57 -58.14
CA THR G 209 -27.00 71.48 -56.95
C THR G 209 -28.44 71.05 -57.22
N ARG G 210 -28.77 70.94 -58.50
CA ARG G 210 -30.09 70.52 -58.95
C ARG G 210 -30.28 69.02 -58.70
N HIS G 211 -29.24 68.24 -59.02
CA HIS G 211 -29.25 66.79 -58.85
C HIS G 211 -28.86 66.35 -57.43
N GLU G 212 -28.37 67.29 -56.62
CA GLU G 212 -27.98 67.03 -55.23
C GLU G 212 -29.21 66.90 -54.30
N PHE G 213 -30.26 67.63 -54.64
CA PHE G 213 -31.52 67.63 -53.91
C PHE G 213 -32.41 66.51 -54.43
N LEU G 214 -32.79 66.63 -55.72
CA LEU G 214 -33.68 65.70 -56.44
C LEU G 214 -33.48 64.19 -56.28
N ARG G 215 -32.25 63.80 -55.93
CA ARG G 215 -31.90 62.40 -55.71
C ARG G 215 -32.15 62.02 -54.25
N ALA G 216 -31.82 62.93 -53.32
CA ALA G 216 -32.03 62.74 -51.87
C ALA G 216 -33.48 63.07 -51.46
N VAL G 217 -34.37 63.15 -52.46
CA VAL G 217 -35.79 63.42 -52.27
C VAL G 217 -36.52 62.09 -52.25
N ARG G 218 -37.52 62.03 -51.36
CA ARG G 218 -38.39 60.88 -51.12
C ARG G 218 -37.63 59.73 -50.45
N HIS G 219 -37.59 59.79 -49.12
CA HIS G 219 -36.96 58.78 -48.27
C HIS G 219 -38.01 58.20 -47.31
N HIS G 220 -37.78 56.95 -46.92
CA HIS G 220 -38.66 56.22 -46.00
C HIS G 220 -37.84 55.95 -44.72
N ASN G 221 -38.27 56.56 -43.60
CA ASN G 221 -37.66 56.46 -42.26
C ASN G 221 -36.21 56.96 -42.12
N PRO H 1 -77.42 65.91 -77.49
CA PRO H 1 -76.13 65.50 -76.86
C PRO H 1 -75.25 64.67 -77.81
N SER H 2 -73.96 65.02 -77.85
CA SER H 2 -72.97 64.35 -78.72
C SER H 2 -71.74 63.86 -77.94
N LEU H 3 -70.61 64.58 -78.06
CA LEU H 3 -69.35 64.26 -77.39
C LEU H 3 -68.93 65.47 -76.53
N SER H 4 -67.61 65.76 -76.48
CA SER H 4 -67.07 66.86 -75.69
C SER H 4 -65.91 67.55 -76.42
N LYS H 5 -65.60 68.79 -76.01
CA LYS H 5 -64.52 69.62 -76.60
C LYS H 5 -63.15 68.99 -76.48
N GLU H 6 -62.75 68.73 -75.24
CA GLU H 6 -61.45 68.16 -74.88
C GLU H 6 -61.25 66.74 -75.40
N ALA H 7 -62.36 66.03 -75.61
CA ALA H 7 -62.37 64.66 -76.14
C ALA H 7 -62.06 64.68 -77.63
N ALA H 8 -62.58 65.71 -78.31
CA ALA H 8 -62.40 65.92 -79.75
C ALA H 8 -60.97 66.36 -80.09
N LEU H 9 -60.40 67.27 -79.29
CA LEU H 9 -59.05 67.79 -79.50
C LEU H 9 -58.00 66.70 -79.38
N VAL H 10 -58.20 65.83 -78.38
CA VAL H 10 -57.32 64.69 -78.11
C VAL H 10 -57.46 63.64 -79.20
N HIS H 11 -58.70 63.34 -79.59
CA HIS H 11 -58.99 62.34 -80.64
C HIS H 11 -58.32 62.70 -81.96
N GLU H 12 -58.51 63.95 -82.38
CA GLU H 12 -57.96 64.48 -83.62
C GLU H 12 -56.44 64.53 -83.62
N ALA H 13 -55.86 64.81 -82.44
CA ALA H 13 -54.40 64.88 -82.25
C ALA H 13 -53.77 63.49 -82.36
N LEU H 14 -54.55 62.48 -81.97
CA LEU H 14 -54.13 61.08 -82.02
C LEU H 14 -54.28 60.50 -83.42
N VAL H 15 -55.37 60.87 -84.11
CA VAL H 15 -55.65 60.41 -85.49
C VAL H 15 -54.59 60.99 -86.42
N ALA H 16 -54.16 62.23 -86.13
CA ALA H 16 -53.13 62.96 -86.89
C ALA H 16 -51.74 62.35 -86.74
N ARG H 17 -51.59 61.50 -85.73
CA ARG H 17 -50.32 60.82 -85.44
C ARG H 17 -50.39 59.32 -85.73
N GLY H 18 -51.59 58.84 -86.07
CA GLY H 18 -51.81 57.43 -86.37
C GLY H 18 -51.79 56.55 -85.14
N LEU H 19 -52.13 57.15 -84.00
CA LEU H 19 -52.15 56.47 -82.71
C LEU H 19 -53.52 55.93 -82.33
N GLU H 20 -54.46 55.98 -83.27
CA GLU H 20 -55.79 55.49 -83.00
C GLU H 20 -55.97 54.00 -83.17
N THR H 21 -56.32 53.35 -82.05
CA THR H 21 -56.57 51.91 -81.92
C THR H 21 -57.45 51.44 -83.09
N PRO H 22 -56.98 50.43 -83.86
CA PRO H 22 -57.68 49.85 -85.02
C PRO H 22 -59.17 49.60 -84.83
N LEU H 23 -59.95 50.57 -85.31
CA LEU H 23 -61.41 50.58 -85.22
C LEU H 23 -62.04 50.92 -86.58
N ARG H 24 -63.35 50.67 -86.67
CA ARG H 24 -64.16 50.94 -87.86
C ARG H 24 -65.21 51.98 -87.48
N PRO H 25 -65.51 52.98 -88.36
CA PRO H 25 -66.53 54.00 -88.06
C PRO H 25 -67.89 53.31 -87.82
N PRO H 26 -68.54 53.56 -86.64
CA PRO H 26 -69.83 53.00 -86.18
C PRO H 26 -70.92 52.54 -87.14
N VAL H 27 -71.11 53.29 -88.24
CA VAL H 27 -72.13 53.05 -89.29
C VAL H 27 -73.53 53.23 -88.65
N HIS H 28 -74.17 52.10 -88.29
CA HIS H 28 -75.48 52.10 -87.63
C HIS H 28 -75.27 51.71 -86.16
N GLU H 29 -75.97 52.38 -85.25
CA GLU H 29 -75.84 52.07 -83.82
C GLU H 29 -76.82 50.97 -83.38
N MET H 30 -76.36 49.73 -83.46
CA MET H 30 -77.10 48.53 -83.06
C MET H 30 -77.24 48.56 -81.54
N ASP H 31 -78.47 48.39 -81.06
CA ASP H 31 -78.82 48.42 -79.64
C ASP H 31 -77.77 47.77 -78.71
N ASN H 32 -77.44 48.51 -77.65
CA ASN H 32 -76.44 48.14 -76.63
C ASN H 32 -76.69 46.77 -75.99
N GLU H 33 -77.95 46.48 -75.70
CA GLU H 33 -78.39 45.23 -75.08
C GLU H 33 -78.48 44.07 -76.09
N THR H 34 -78.49 44.40 -77.38
CA THR H 34 -78.54 43.41 -78.46
C THR H 34 -77.13 42.88 -78.67
N ARG H 35 -76.15 43.78 -78.58
CA ARG H 35 -74.73 43.46 -78.74
C ARG H 35 -74.32 42.45 -77.66
N LYS H 36 -74.85 42.64 -76.45
CA LYS H 36 -74.57 41.79 -75.30
C LYS H 36 -75.11 40.37 -75.45
N SER H 37 -76.36 40.26 -75.88
CA SER H 37 -77.03 38.95 -76.07
C SER H 37 -76.45 38.15 -77.24
N LEU H 38 -75.90 38.86 -78.23
CA LEU H 38 -75.28 38.24 -79.41
C LEU H 38 -73.89 37.70 -79.06
N ILE H 39 -73.13 38.46 -78.26
CA ILE H 39 -71.79 38.07 -77.78
C ILE H 39 -71.95 36.91 -76.79
N ALA H 40 -72.99 37.01 -75.95
CA ALA H 40 -73.31 35.98 -74.95
C ALA H 40 -73.64 34.69 -75.67
N GLY H 41 -74.36 34.84 -76.79
CA GLY H 41 -74.75 33.73 -77.63
C GLY H 41 -73.55 33.04 -78.26
N HIS H 42 -72.56 33.84 -78.67
CA HIS H 42 -71.33 33.32 -79.28
C HIS H 42 -70.38 32.72 -78.25
N MET H 43 -70.49 33.18 -77.00
CA MET H 43 -69.67 32.66 -75.89
C MET H 43 -70.24 31.34 -75.42
N THR H 44 -71.56 31.19 -75.55
CA THR H 44 -72.30 29.97 -75.19
C THR H 44 -71.87 28.87 -76.17
N GLU H 45 -71.62 29.28 -77.41
CA GLU H 45 -71.17 28.40 -78.49
C GLU H 45 -69.73 27.95 -78.24
N ILE H 46 -68.87 28.87 -77.79
CA ILE H 46 -67.44 28.61 -77.49
C ILE H 46 -67.30 27.60 -76.36
N MET H 47 -68.05 27.81 -75.28
CA MET H 47 -68.05 26.95 -74.10
C MET H 47 -68.59 25.54 -74.38
N GLN H 48 -69.52 25.44 -75.33
CA GLN H 48 -70.10 24.14 -75.74
C GLN H 48 -69.08 23.30 -76.51
N LEU H 49 -68.20 23.97 -77.25
CA LEU H 49 -67.12 23.34 -78.03
C LEU H 49 -65.91 23.00 -77.16
N LEU H 50 -65.97 23.41 -75.89
CA LEU H 50 -64.92 23.14 -74.90
C LEU H 50 -65.40 22.04 -73.95
N ASN H 51 -66.59 21.52 -74.26
CA ASN H 51 -67.29 20.45 -73.51
C ASN H 51 -67.68 20.82 -72.08
N LEU H 52 -68.09 22.07 -71.90
CA LEU H 52 -68.51 22.59 -70.59
C LEU H 52 -70.02 22.51 -70.38
N ASP H 53 -70.41 22.04 -69.19
CA ASP H 53 -71.81 21.88 -68.77
C ASP H 53 -72.44 23.23 -68.44
N LEU H 54 -73.26 23.74 -69.36
CA LEU H 54 -73.94 25.02 -69.17
C LEU H 54 -75.23 24.90 -68.34
N ALA H 55 -75.54 23.65 -67.94
CA ALA H 55 -76.71 23.32 -67.12
C ALA H 55 -76.37 23.57 -65.64
N ASP H 56 -75.07 23.77 -65.38
CA ASP H 56 -74.56 24.07 -64.05
C ASP H 56 -74.90 25.52 -63.70
N ASP H 57 -75.39 25.70 -62.47
CA ASP H 57 -75.81 26.98 -61.90
C ASP H 57 -74.78 28.12 -61.85
N SER H 58 -73.52 27.81 -62.14
CA SER H 58 -72.44 28.79 -62.14
C SER H 58 -71.90 29.14 -63.54
N LEU H 59 -71.73 28.11 -64.39
CA LEU H 59 -71.25 28.28 -65.77
C LEU H 59 -72.33 28.83 -66.69
N MET H 60 -73.55 28.84 -66.16
CA MET H 60 -74.78 29.31 -66.82
C MET H 60 -74.77 30.81 -67.09
N GLU H 61 -74.39 31.57 -66.06
CA GLU H 61 -74.33 33.03 -66.14
C GLU H 61 -73.04 33.59 -66.71
N THR H 62 -72.08 32.71 -66.97
CA THR H 62 -70.76 33.09 -67.52
C THR H 62 -70.78 33.79 -68.89
N PRO H 63 -71.57 33.31 -69.90
CA PRO H 63 -71.56 34.01 -71.19
C PRO H 63 -72.15 35.42 -71.13
N HIS H 64 -73.08 35.64 -70.19
CA HIS H 64 -73.70 36.95 -69.99
C HIS H 64 -72.71 37.93 -69.35
N ARG H 65 -71.87 37.40 -68.46
CA ARG H 65 -70.87 38.20 -67.74
C ARG H 65 -69.68 38.63 -68.59
N ILE H 66 -69.30 37.75 -69.53
CA ILE H 66 -68.21 38.02 -70.47
C ILE H 66 -68.68 39.08 -71.46
N ALA H 67 -69.98 39.07 -71.77
CA ALA H 67 -70.61 40.01 -72.68
C ALA H 67 -70.74 41.41 -72.06
N LYS H 68 -71.16 41.45 -70.80
CA LYS H 68 -71.32 42.70 -70.02
C LYS H 68 -69.96 43.33 -69.78
N MET H 69 -68.93 42.49 -69.72
CA MET H 69 -67.55 42.90 -69.50
C MET H 69 -67.02 43.62 -70.74
N TYR H 70 -67.15 42.96 -71.89
CA TYR H 70 -66.70 43.46 -73.17
C TYR H 70 -67.37 44.74 -73.70
N VAL H 71 -68.66 44.91 -73.43
CA VAL H 71 -69.43 46.07 -73.89
C VAL H 71 -69.51 47.26 -72.90
N ASP H 72 -69.78 46.98 -71.62
CA ASP H 72 -69.92 48.04 -70.61
C ASP H 72 -68.75 48.33 -69.67
N GLU H 73 -67.82 47.38 -69.54
CA GLU H 73 -66.72 47.53 -68.58
C GLU H 73 -65.27 47.74 -69.04
N ILE H 74 -64.58 46.64 -69.35
CA ILE H 74 -63.17 46.66 -69.74
C ILE H 74 -62.77 47.32 -71.05
N PHE H 75 -63.73 47.58 -71.94
CA PHE H 75 -63.45 48.24 -73.23
C PHE H 75 -64.18 49.59 -73.34
N SER H 76 -64.49 50.21 -72.20
CA SER H 76 -65.21 51.50 -72.18
C SER H 76 -64.43 52.67 -72.79
N GLY H 77 -63.11 52.51 -72.90
CA GLY H 77 -62.26 53.54 -73.44
C GLY H 77 -62.27 53.68 -74.96
N LEU H 78 -62.98 52.78 -75.64
CA LEU H 78 -63.10 52.83 -77.09
C LEU H 78 -64.11 53.88 -77.53
N ASP H 79 -64.95 54.31 -76.56
CA ASP H 79 -65.97 55.32 -76.78
C ASP H 79 -65.53 56.59 -76.05
N TYR H 80 -65.44 57.70 -76.79
CA TYR H 80 -65.04 59.00 -76.26
C TYR H 80 -66.09 59.78 -75.46
N ALA H 81 -67.22 59.14 -75.18
CA ALA H 81 -68.30 59.75 -74.38
C ALA H 81 -67.92 59.53 -72.92
N ASN H 82 -67.11 58.48 -72.71
CA ASN H 82 -66.60 58.07 -71.41
C ASN H 82 -65.30 58.80 -71.04
N PHE H 83 -64.91 59.76 -71.89
CA PHE H 83 -63.72 60.56 -71.68
C PHE H 83 -63.93 61.46 -70.47
N PRO H 84 -62.92 61.58 -69.58
CA PRO H 84 -63.04 62.42 -68.39
C PRO H 84 -63.27 63.90 -68.66
N LYS H 85 -64.05 64.51 -67.78
CA LYS H 85 -64.41 65.93 -67.85
C LYS H 85 -63.22 66.73 -67.34
N ILE H 86 -62.30 67.02 -68.25
CA ILE H 86 -61.06 67.75 -67.93
C ILE H 86 -61.24 69.20 -67.53
N THR H 87 -60.59 69.56 -66.42
CA THR H 87 -60.63 70.92 -65.89
C THR H 87 -59.20 71.41 -65.67
N LEU H 88 -58.84 72.51 -66.34
CA LEU H 88 -57.51 73.08 -66.19
C LEU H 88 -57.61 74.45 -65.55
N ILE H 89 -56.78 74.66 -64.54
CA ILE H 89 -56.70 75.93 -63.82
C ILE H 89 -55.59 76.75 -64.48
N GLU H 90 -55.86 78.03 -64.71
CA GLU H 90 -54.91 78.97 -65.33
C GLU H 90 -53.66 79.14 -64.46
N ASN H 91 -52.51 79.18 -65.12
CA ASN H 91 -51.22 79.35 -64.46
C ASN H 91 -51.05 80.81 -64.02
N LYS H 92 -51.70 81.10 -62.89
CA LYS H 92 -51.68 82.42 -62.25
C LYS H 92 -50.44 82.53 -61.38
N MET H 93 -49.94 81.37 -60.95
CA MET H 93 -48.75 81.28 -60.10
C MET H 93 -47.44 81.33 -60.91
N LYS H 94 -47.55 81.29 -62.25
CA LYS H 94 -46.43 81.30 -63.22
C LYS H 94 -45.45 80.15 -62.95
N VAL H 95 -46.01 79.03 -62.48
CA VAL H 95 -45.28 77.81 -62.11
C VAL H 95 -44.31 77.28 -63.15
N ASP H 96 -43.03 77.49 -62.85
CA ASP H 96 -41.93 77.05 -63.67
C ASP H 96 -41.39 75.69 -63.23
N GLU H 97 -42.09 75.04 -62.29
CA GLU H 97 -41.65 73.75 -61.83
C GLU H 97 -42.51 72.48 -62.03
N MET H 98 -41.99 71.31 -61.64
CA MET H 98 -42.71 70.05 -61.89
C MET H 98 -43.59 69.29 -60.93
N VAL H 99 -44.54 68.57 -61.56
CA VAL H 99 -45.56 67.74 -60.91
C VAL H 99 -45.43 66.32 -61.45
N THR H 100 -45.40 65.34 -60.54
CA THR H 100 -45.29 63.93 -60.90
C THR H 100 -46.36 63.14 -60.15
N VAL H 101 -47.20 62.41 -60.89
CA VAL H 101 -48.22 61.57 -60.29
C VAL H 101 -47.75 60.15 -60.60
N ARG H 102 -47.23 59.50 -59.55
CA ARG H 102 -46.68 58.16 -59.64
C ARG H 102 -47.65 57.09 -59.14
N ASP H 103 -47.32 55.83 -59.45
CA ASP H 103 -48.09 54.66 -59.06
C ASP H 103 -49.59 54.72 -59.38
N ILE H 104 -49.92 55.18 -60.59
CA ILE H 104 -51.31 55.27 -61.04
C ILE H 104 -51.81 53.87 -61.42
N THR H 105 -52.93 53.45 -60.83
CA THR H 105 -53.52 52.13 -61.12
C THR H 105 -53.90 52.09 -62.60
N LEU H 106 -53.32 51.12 -63.30
CA LEU H 106 -53.56 50.94 -64.72
C LEU H 106 -54.00 49.52 -64.94
N THR H 107 -55.23 49.36 -65.39
CA THR H 107 -55.84 48.05 -65.68
C THR H 107 -56.16 48.02 -67.16
N SER H 108 -55.53 47.12 -67.90
CA SER H 108 -55.73 47.02 -69.32
C SER H 108 -55.89 45.57 -69.73
N THR H 109 -55.87 45.35 -71.05
CA THR H 109 -56.06 44.03 -71.66
C THR H 109 -55.19 44.02 -72.94
N CYS H 110 -54.46 42.92 -73.17
CA CYS H 110 -53.60 42.83 -74.35
C CYS H 110 -54.47 42.50 -75.55
N GLU H 111 -54.34 43.30 -76.62
CA GLU H 111 -55.13 43.08 -77.83
C GLU H 111 -54.75 41.82 -78.59
N HIS H 112 -53.62 41.24 -78.20
CA HIS H 112 -53.11 40.05 -78.84
C HIS H 112 -53.77 38.79 -78.36
N SER H 113 -54.19 38.77 -77.09
CA SER H 113 -54.79 37.57 -76.52
C SER H 113 -56.00 37.79 -75.61
N PHE H 114 -56.40 39.05 -75.44
CA PHE H 114 -57.54 39.45 -74.59
C PHE H 114 -57.37 39.06 -73.10
N VAL H 115 -56.09 39.01 -72.68
CA VAL H 115 -55.69 38.67 -71.32
C VAL H 115 -55.26 39.95 -70.59
N THR H 116 -55.44 39.93 -69.26
CA THR H 116 -55.14 41.02 -68.33
C THR H 116 -53.71 41.57 -68.31
N ILE H 117 -53.60 42.89 -68.21
CA ILE H 117 -52.31 43.57 -68.08
C ILE H 117 -52.45 44.32 -66.75
N ASP H 118 -51.54 44.06 -65.81
CA ASP H 118 -51.53 44.73 -64.52
C ASP H 118 -50.37 45.69 -64.61
N GLY H 119 -50.69 46.98 -64.51
CA GLY H 119 -49.69 48.01 -64.60
C GLY H 119 -49.81 49.16 -63.63
N LYS H 120 -48.77 49.99 -63.64
CA LYS H 120 -48.66 51.19 -62.82
C LYS H 120 -48.10 52.26 -63.75
N ALA H 121 -48.61 53.48 -63.68
CA ALA H 121 -48.13 54.53 -64.56
C ALA H 121 -47.59 55.68 -63.79
N THR H 122 -46.55 56.30 -64.35
CA THR H 122 -45.90 57.44 -63.76
C THR H 122 -46.01 58.52 -64.83
N VAL H 123 -46.56 59.66 -64.44
CA VAL H 123 -46.74 60.79 -65.34
C VAL H 123 -46.15 62.04 -64.72
N ALA H 124 -45.31 62.72 -65.48
CA ALA H 124 -44.69 63.95 -65.03
C ALA H 124 -44.78 65.00 -66.12
N TYR H 125 -44.93 66.25 -65.68
CA TYR H 125 -45.01 67.39 -66.58
C TYR H 125 -44.62 68.69 -65.88
N ILE H 126 -44.22 69.66 -66.70
CA ILE H 126 -43.85 71.01 -66.25
C ILE H 126 -44.97 71.94 -66.79
N PRO H 127 -45.82 72.49 -65.88
CA PRO H 127 -46.90 73.39 -66.29
C PRO H 127 -46.41 74.59 -67.09
N LYS H 128 -47.14 74.94 -68.14
CA LYS H 128 -46.80 76.09 -68.98
C LYS H 128 -47.83 77.18 -68.71
N ASP H 129 -48.95 77.13 -69.43
CA ASP H 129 -50.03 78.11 -69.26
C ASP H 129 -51.18 77.53 -68.44
N SER H 130 -51.13 76.22 -68.18
CA SER H 130 -52.18 75.55 -67.41
C SER H 130 -51.74 74.37 -66.56
N VAL H 131 -52.45 74.20 -65.44
CA VAL H 131 -52.25 73.12 -64.46
C VAL H 131 -53.51 72.23 -64.55
N ILE H 132 -53.32 70.97 -64.95
CA ILE H 132 -54.44 70.03 -65.07
C ILE H 132 -54.80 69.46 -63.69
N GLY H 133 -56.07 69.08 -63.54
CA GLY H 133 -56.58 68.51 -62.31
C GLY H 133 -55.91 67.18 -62.08
N LEU H 134 -55.45 66.94 -60.86
CA LEU H 134 -54.74 65.71 -60.51
C LEU H 134 -55.40 64.38 -60.86
N SER H 135 -56.66 64.21 -60.47
CA SER H 135 -57.39 62.96 -60.76
C SER H 135 -57.63 62.75 -62.25
N LYS H 136 -57.61 63.85 -63.01
CA LYS H 136 -57.84 63.80 -64.45
C LYS H 136 -56.70 63.15 -65.18
N ILE H 137 -55.53 63.12 -64.53
CA ILE H 137 -54.35 62.46 -65.08
C ILE H 137 -54.59 60.96 -64.92
N ASN H 138 -55.07 60.57 -63.73
CA ASN H 138 -55.37 59.17 -63.40
C ASN H 138 -56.49 58.66 -64.33
N ARG H 139 -57.47 59.52 -64.58
CA ARG H 139 -58.61 59.23 -65.46
C ARG H 139 -58.25 59.08 -66.95
N ILE H 140 -57.29 59.87 -67.45
CA ILE H 140 -56.82 59.80 -68.84
C ILE H 140 -56.07 58.46 -69.07
N VAL H 141 -55.27 58.08 -68.08
CA VAL H 141 -54.48 56.84 -68.11
C VAL H 141 -55.43 55.64 -68.10
N GLN H 142 -56.51 55.73 -67.32
CA GLN H 142 -57.50 54.65 -67.25
C GLN H 142 -58.41 54.59 -68.46
N PHE H 143 -58.62 55.73 -69.13
CA PHE H 143 -59.47 55.81 -70.33
C PHE H 143 -58.81 54.99 -71.44
N PHE H 144 -57.55 55.29 -71.74
CA PHE H 144 -56.81 54.57 -72.79
C PHE H 144 -56.42 53.13 -72.39
N ALA H 145 -56.45 52.86 -71.08
CA ALA H 145 -56.14 51.54 -70.56
C ALA H 145 -57.30 50.58 -70.78
N GLN H 146 -58.53 51.05 -70.56
CA GLN H 146 -59.72 50.21 -70.76
C GLN H 146 -60.04 50.06 -72.27
N ARG H 147 -59.11 49.44 -73.00
CA ARG H 147 -59.19 49.21 -74.45
C ARG H 147 -58.32 47.98 -74.75
N PRO H 148 -58.49 47.32 -75.93
CA PRO H 148 -57.62 46.17 -76.21
C PRO H 148 -56.29 46.88 -76.57
N GLN H 149 -55.25 46.70 -75.74
CA GLN H 149 -53.99 47.42 -75.94
C GLN H 149 -52.66 46.79 -76.29
N VAL H 150 -51.76 47.70 -76.66
CA VAL H 150 -50.34 47.45 -76.99
C VAL H 150 -49.68 48.52 -76.09
N GLN H 151 -48.90 48.07 -75.11
CA GLN H 151 -48.24 48.92 -74.11
C GLN H 151 -47.54 50.16 -74.62
N GLU H 152 -46.77 49.99 -75.70
CA GLU H 152 -45.99 51.06 -76.36
C GLU H 152 -46.89 52.15 -76.95
N ARG H 153 -48.02 51.74 -77.54
CA ARG H 153 -48.99 52.65 -78.14
C ARG H 153 -49.75 53.35 -77.03
N LEU H 154 -50.08 52.60 -75.97
CA LEU H 154 -50.80 53.09 -74.79
C LEU H 154 -50.00 54.22 -74.14
N THR H 155 -48.67 54.05 -74.05
CA THR H 155 -47.78 55.05 -73.46
C THR H 155 -47.79 56.32 -74.30
N GLN H 156 -47.80 56.16 -75.63
CA GLN H 156 -47.82 57.26 -76.58
C GLN H 156 -49.12 58.04 -76.61
N GLN H 157 -50.24 57.31 -76.55
CA GLN H 157 -51.58 57.90 -76.53
C GLN H 157 -51.80 58.79 -75.31
N ILE H 158 -51.22 58.38 -74.19
CA ILE H 158 -51.30 59.13 -72.94
C ILE H 158 -50.43 60.37 -73.04
N LEU H 159 -49.22 60.24 -73.61
CA LEU H 159 -48.29 61.37 -73.76
C LEU H 159 -48.89 62.46 -74.61
N ILE H 160 -49.27 62.10 -75.84
CA ILE H 160 -49.87 63.03 -76.79
C ILE H 160 -51.21 63.63 -76.31
N ALA H 161 -51.94 62.88 -75.48
CA ALA H 161 -53.21 63.34 -74.92
C ALA H 161 -52.94 64.44 -73.93
N LEU H 162 -51.94 64.24 -73.08
CA LEU H 162 -51.53 65.21 -72.06
C LEU H 162 -50.87 66.42 -72.66
N GLN H 163 -50.03 66.19 -73.68
CA GLN H 163 -49.33 67.26 -74.41
C GLN H 163 -50.27 68.27 -75.09
N THR H 164 -51.38 67.76 -75.62
CA THR H 164 -52.41 68.53 -76.30
C THR H 164 -53.25 69.36 -75.32
N LEU H 165 -53.64 68.74 -74.20
CA LEU H 165 -54.45 69.39 -73.17
C LEU H 165 -53.72 70.45 -72.37
N LEU H 166 -52.43 70.22 -72.18
CA LEU H 166 -51.57 71.13 -71.42
C LEU H 166 -50.91 72.19 -72.29
N GLY H 167 -50.84 71.92 -73.59
CA GLY H 167 -50.22 72.83 -74.53
C GLY H 167 -48.72 72.97 -74.31
N THR H 168 -48.11 71.86 -73.89
CA THR H 168 -46.67 71.78 -73.63
C THR H 168 -46.17 70.46 -74.11
N ASN H 169 -44.93 70.45 -74.57
CA ASN H 169 -44.28 69.22 -75.03
C ASN H 169 -43.62 68.56 -73.82
N ASN H 170 -43.41 69.34 -72.76
CA ASN H 170 -42.78 68.88 -71.51
C ASN H 170 -43.71 68.03 -70.65
N VAL H 171 -43.85 66.77 -71.09
CA VAL H 171 -44.64 65.73 -70.42
C VAL H 171 -43.81 64.46 -70.61
N ALA H 172 -43.87 63.59 -69.61
CA ALA H 172 -43.16 62.31 -69.62
C ALA H 172 -44.12 61.29 -69.06
N VAL H 173 -44.21 60.16 -69.76
CA VAL H 173 -45.09 59.05 -69.36
C VAL H 173 -44.25 57.77 -69.33
N SER H 174 -44.51 56.95 -68.31
CA SER H 174 -43.84 55.66 -68.13
C SER H 174 -44.86 54.71 -67.58
N ILE H 175 -44.94 53.53 -68.18
CA ILE H 175 -45.88 52.51 -67.74
C ILE H 175 -45.08 51.27 -67.40
N ASP H 176 -45.20 50.83 -66.15
CA ASP H 176 -44.54 49.62 -65.69
C ASP H 176 -45.67 48.59 -65.65
N ALA H 177 -45.55 47.51 -66.44
CA ALA H 177 -46.61 46.50 -66.49
C ALA H 177 -46.25 45.03 -66.56
N VAL H 178 -47.18 44.19 -66.12
CA VAL H 178 -47.05 42.73 -66.15
C VAL H 178 -48.17 42.21 -67.06
N HIS H 179 -47.76 41.51 -68.11
CA HIS H 179 -48.68 40.92 -69.08
C HIS H 179 -48.86 39.46 -68.72
N TYR H 180 -50.10 39.06 -68.44
CA TYR H 180 -50.39 37.68 -68.07
C TYR H 180 -50.35 36.68 -69.21
N CYS H 181 -50.11 37.16 -70.43
CA CYS H 181 -49.97 36.28 -71.59
C CYS H 181 -48.49 35.87 -71.67
N VAL H 182 -47.68 36.57 -70.87
CA VAL H 182 -46.24 36.34 -70.74
C VAL H 182 -46.02 35.57 -69.42
N LYS H 183 -46.73 35.97 -68.36
CA LYS H 183 -46.60 35.35 -67.03
C LYS H 183 -47.33 34.04 -66.75
N ALA H 184 -48.63 34.03 -67.03
CA ALA H 184 -49.48 32.86 -66.80
C ALA H 184 -49.63 31.90 -67.98
N ARG H 185 -48.93 32.19 -69.08
CA ARG H 185 -49.00 31.36 -70.29
C ARG H 185 -47.80 31.55 -71.23
N GLY H 186 -47.57 30.55 -72.08
CA GLY H 186 -46.47 30.60 -73.04
C GLY H 186 -45.10 30.41 -72.44
N ILE H 187 -44.32 31.49 -72.40
CA ILE H 187 -42.96 31.46 -71.84
C ILE H 187 -43.02 31.24 -70.31
N ARG H 188 -44.16 31.61 -69.73
CA ARG H 188 -44.49 31.46 -68.30
C ARG H 188 -43.45 32.10 -67.39
N ASP H 189 -43.15 33.37 -67.70
CA ASP H 189 -42.18 34.17 -66.96
C ASP H 189 -42.85 34.81 -65.75
N ALA H 190 -42.65 34.20 -64.59
CA ALA H 190 -43.25 34.67 -63.34
C ALA H 190 -42.69 35.97 -62.80
N THR H 191 -41.45 36.27 -63.15
CA THR H 191 -40.80 37.45 -62.62
C THR H 191 -40.65 38.68 -63.48
N SER H 192 -40.73 38.55 -64.81
CA SER H 192 -40.56 39.72 -65.67
C SER H 192 -41.70 40.72 -65.70
N ALA H 193 -41.29 41.97 -65.92
CA ALA H 193 -42.18 43.12 -66.05
C ALA H 193 -41.62 44.00 -67.18
N THR H 194 -42.52 44.72 -67.87
CA THR H 194 -42.14 45.58 -68.98
C THR H 194 -42.43 47.04 -68.67
N THR H 195 -41.42 47.88 -68.91
CA THR H 195 -41.49 49.32 -68.69
C THR H 195 -41.36 49.96 -70.07
N THR H 196 -42.32 50.84 -70.38
CA THR H 196 -42.35 51.57 -71.66
C THR H 196 -42.42 53.04 -71.34
N THR H 197 -41.35 53.78 -71.65
CA THR H 197 -41.32 55.20 -71.34
C THR H 197 -41.36 56.12 -72.55
N SER H 198 -42.22 57.14 -72.49
CA SER H 198 -42.33 58.14 -73.56
C SER H 198 -41.97 59.53 -73.05
N LEU H 199 -40.80 60.01 -73.49
CA LEU H 199 -40.27 61.31 -73.09
C LEU H 199 -40.45 62.37 -74.17
N GLY H 200 -40.96 63.53 -73.78
CA GLY H 200 -41.18 64.61 -74.70
C GLY H 200 -40.69 65.91 -74.10
N GLY H 201 -40.38 66.88 -74.97
CA GLY H 201 -39.91 68.19 -74.56
C GLY H 201 -38.59 68.20 -73.84
N LEU H 202 -38.53 68.89 -72.70
CA LEU H 202 -37.32 68.98 -71.89
C LEU H 202 -36.93 67.63 -71.27
N PHE H 203 -37.90 66.72 -71.18
CA PHE H 203 -37.67 65.37 -70.67
C PHE H 203 -36.98 64.52 -71.74
N LYS H 204 -36.90 65.07 -72.94
CA LYS H 204 -36.27 64.41 -74.07
C LYS H 204 -35.04 65.18 -74.53
N SER H 205 -35.27 66.33 -75.17
CA SER H 205 -34.22 67.21 -75.72
C SER H 205 -33.16 67.61 -74.70
N SER H 206 -33.59 68.29 -73.64
CA SER H 206 -32.71 68.72 -72.55
C SER H 206 -32.20 67.50 -71.79
N GLN H 207 -30.89 67.50 -71.57
CA GLN H 207 -30.15 66.46 -70.88
C GLN H 207 -30.48 66.39 -69.39
N ASN H 208 -30.74 67.56 -68.82
CA ASN H 208 -31.06 67.76 -67.41
C ASN H 208 -32.38 67.14 -66.90
N THR H 209 -33.52 67.64 -67.41
CA THR H 209 -34.84 67.17 -67.00
C THR H 209 -35.15 65.73 -67.42
N ARG H 210 -34.28 65.17 -68.27
CA ARG H 210 -34.37 63.81 -68.78
C ARG H 210 -34.06 62.82 -67.65
N HIS H 211 -32.99 63.11 -66.90
CA HIS H 211 -32.54 62.28 -65.78
C HIS H 211 -33.25 62.59 -64.46
N GLU H 212 -34.11 63.62 -64.46
CA GLU H 212 -34.89 64.02 -63.28
C GLU H 212 -36.15 63.18 -63.12
N PHE H 213 -36.66 62.70 -64.26
CA PHE H 213 -37.86 61.86 -64.29
C PHE H 213 -37.43 60.41 -64.12
N LEU H 214 -36.63 59.94 -65.07
CA LEU H 214 -36.13 58.57 -65.15
C LEU H 214 -35.54 57.94 -63.88
N ARG H 215 -35.07 58.79 -62.97
CA ARG H 215 -34.50 58.38 -61.68
C ARG H 215 -35.64 58.14 -60.69
N ALA H 216 -36.61 59.07 -60.68
CA ALA H 216 -37.78 59.02 -59.82
C ALA H 216 -38.89 58.10 -60.37
N VAL H 217 -38.51 57.27 -61.36
CA VAL H 217 -39.43 56.31 -61.96
C VAL H 217 -39.23 54.97 -61.25
N ARG H 218 -40.36 54.28 -61.05
CA ARG H 218 -40.49 52.99 -60.37
C ARG H 218 -40.22 53.13 -58.87
N HIS H 219 -41.32 53.41 -58.16
CA HIS H 219 -41.32 53.55 -56.71
C HIS H 219 -42.30 52.52 -56.13
N HIS H 220 -41.97 52.04 -54.93
CA HIS H 220 -42.76 51.04 -54.21
C HIS H 220 -43.32 51.71 -52.95
N ASN H 221 -44.64 51.97 -52.97
CA ASN H 221 -45.40 52.62 -51.87
C ASN H 221 -44.98 54.05 -51.49
N PRO I 1 -39.31 20.25 -94.66
CA PRO I 1 -39.12 21.08 -93.44
C PRO I 1 -37.63 21.16 -93.02
N SER I 2 -37.17 22.39 -92.75
CA SER I 2 -35.78 22.63 -92.35
C SER I 2 -35.66 23.51 -91.09
N LEU I 3 -35.33 24.81 -91.25
CA LEU I 3 -35.19 25.75 -90.14
C LEU I 3 -36.15 26.95 -90.30
N SER I 4 -35.68 28.15 -89.96
CA SER I 4 -36.48 29.37 -90.05
C SER I 4 -35.65 30.54 -90.56
N LYS I 5 -36.34 31.56 -91.07
CA LYS I 5 -35.75 32.79 -91.64
C LYS I 5 -35.01 33.65 -90.62
N GLU I 6 -35.71 33.98 -89.54
CA GLU I 6 -35.20 34.80 -88.44
C GLU I 6 -34.09 34.09 -87.68
N ALA I 7 -34.19 32.75 -87.67
CA ALA I 7 -33.21 31.87 -87.01
C ALA I 7 -31.90 31.88 -87.78
N ALA I 8 -32.00 31.91 -89.10
CA ALA I 8 -30.86 31.93 -90.00
C ALA I 8 -30.12 33.27 -89.95
N LEU I 9 -30.87 34.38 -89.86
CA LEU I 9 -30.27 35.73 -89.79
C LEU I 9 -29.43 35.89 -88.52
N VAL I 10 -29.97 35.41 -87.41
CA VAL I 10 -29.33 35.45 -86.10
C VAL I 10 -28.06 34.59 -86.10
N HIS I 11 -28.21 33.35 -86.57
CA HIS I 11 -27.14 32.37 -86.68
C HIS I 11 -25.92 32.92 -87.43
N GLU I 12 -26.15 33.43 -88.64
CA GLU I 12 -25.08 34.00 -89.47
C GLU I 12 -24.48 35.30 -88.94
N ALA I 13 -25.28 36.05 -88.17
CA ALA I 13 -24.84 37.31 -87.56
C ALA I 13 -23.87 37.00 -86.42
N LEU I 14 -24.14 35.89 -85.72
CA LEU I 14 -23.30 35.43 -84.61
C LEU I 14 -22.02 34.74 -85.10
N VAL I 15 -22.12 33.96 -86.17
CA VAL I 15 -20.97 33.25 -86.76
C VAL I 15 -19.96 34.27 -87.29
N ALA I 16 -20.50 35.35 -87.88
CA ALA I 16 -19.71 36.46 -88.44
C ALA I 16 -18.94 37.23 -87.36
N ARG I 17 -19.37 37.09 -86.11
CA ARG I 17 -18.73 37.74 -84.97
C ARG I 17 -17.92 36.74 -84.10
N GLY I 18 -18.08 35.45 -84.41
CA GLY I 18 -17.40 34.37 -83.69
C GLY I 18 -18.03 34.13 -82.33
N LEU I 19 -19.35 34.28 -82.28
CA LEU I 19 -20.12 34.13 -81.06
C LEU I 19 -20.90 32.87 -80.81
N GLU I 20 -20.70 31.84 -81.63
CA GLU I 20 -21.43 30.58 -81.43
C GLU I 20 -20.84 29.69 -80.34
N THR I 21 -21.72 28.97 -79.65
CA THR I 21 -21.37 28.04 -78.57
C THR I 21 -20.62 26.86 -79.25
N PRO I 22 -19.42 26.48 -78.73
CA PRO I 22 -18.58 25.38 -79.25
C PRO I 22 -19.28 24.08 -79.70
N LEU I 23 -19.65 24.05 -80.98
CA LEU I 23 -20.36 22.94 -81.62
C LEU I 23 -19.63 22.31 -82.83
N ARG I 24 -19.44 20.99 -82.76
CA ARG I 24 -18.78 20.18 -83.80
C ARG I 24 -19.79 19.83 -84.91
N PRO I 25 -19.38 19.91 -86.21
CA PRO I 25 -20.26 19.59 -87.36
C PRO I 25 -20.99 18.23 -87.23
N PRO I 26 -22.34 18.24 -87.21
CA PRO I 26 -23.22 17.07 -87.08
C PRO I 26 -22.96 15.82 -87.94
N VAL I 27 -22.36 16.01 -89.12
CA VAL I 27 -22.03 14.96 -90.11
C VAL I 27 -23.26 14.10 -90.46
N HIS I 28 -23.51 13.07 -89.65
CA HIS I 28 -24.66 12.17 -89.82
C HIS I 28 -25.64 12.39 -88.66
N GLU I 29 -26.93 12.26 -88.94
CA GLU I 29 -27.96 12.43 -87.92
C GLU I 29 -28.32 11.10 -87.26
N MET I 30 -27.85 10.93 -86.02
CA MET I 30 -28.11 9.74 -85.22
C MET I 30 -29.51 9.90 -84.61
N ASP I 31 -30.17 8.78 -84.32
CA ASP I 31 -31.51 8.79 -83.73
C ASP I 31 -31.48 9.42 -82.32
N ASN I 32 -32.42 10.32 -82.07
CA ASN I 32 -32.56 11.06 -80.80
C ASN I 32 -32.67 10.15 -79.57
N GLU I 33 -33.38 9.04 -79.74
CA GLU I 33 -33.62 8.05 -78.70
C GLU I 33 -32.43 7.11 -78.49
N THR I 34 -31.49 7.10 -79.44
CA THR I 34 -30.27 6.30 -79.38
C THR I 34 -29.24 7.08 -78.59
N ARG I 35 -29.25 8.42 -78.76
CA ARG I 35 -28.33 9.32 -78.05
C ARG I 35 -28.61 9.30 -76.56
N LYS I 36 -29.90 9.21 -76.21
CA LYS I 36 -30.36 9.16 -74.82
C LYS I 36 -29.93 7.87 -74.13
N SER I 37 -30.07 6.75 -74.82
CA SER I 37 -29.69 5.44 -74.27
C SER I 37 -28.19 5.24 -74.13
N LEU I 38 -27.41 5.88 -75.01
CA LEU I 38 -25.95 5.78 -74.96
C LEU I 38 -25.37 6.66 -73.85
N ILE I 39 -25.98 7.83 -73.64
CA ILE I 39 -25.58 8.78 -72.59
C ILE I 39 -25.99 8.19 -71.23
N ALA I 40 -27.17 7.56 -71.19
CA ALA I 40 -27.71 6.91 -70.00
C ALA I 40 -26.79 5.75 -69.62
N GLY I 41 -26.26 5.09 -70.66
CA GLY I 41 -25.34 3.99 -70.50
C GLY I 41 -24.01 4.47 -69.92
N HIS I 42 -23.57 5.64 -70.35
CA HIS I 42 -22.32 6.26 -69.87
C HIS I 42 -22.44 6.81 -68.45
N MET I 43 -23.64 7.27 -68.08
CA MET I 43 -23.93 7.79 -66.75
C MET I 43 -24.03 6.64 -65.75
N THR I 44 -24.48 5.48 -66.23
CA THR I 44 -24.62 4.25 -65.43
C THR I 44 -23.20 3.79 -65.06
N GLU I 45 -22.26 4.02 -65.98
CA GLU I 45 -20.85 3.66 -65.78
C GLU I 45 -20.22 4.58 -64.74
N ILE I 46 -20.54 5.89 -64.81
CA ILE I 46 -20.02 6.92 -63.89
C ILE I 46 -20.52 6.69 -62.45
N MET I 47 -21.79 6.33 -62.33
CA MET I 47 -22.40 6.08 -61.03
C MET I 47 -21.84 4.82 -60.34
N GLN I 48 -21.47 3.83 -61.16
CA GLN I 48 -20.88 2.57 -60.70
C GLN I 48 -19.47 2.81 -60.19
N LEU I 49 -18.79 3.77 -60.80
CA LEU I 49 -17.41 4.18 -60.44
C LEU I 49 -17.40 5.05 -59.17
N LEU I 50 -18.58 5.45 -58.70
CA LEU I 50 -18.74 6.26 -57.50
C LEU I 50 -19.30 5.41 -56.36
N ASN I 51 -19.46 4.12 -56.64
CA ASN I 51 -19.96 3.07 -55.74
C ASN I 51 -21.40 3.26 -55.29
N LEU I 52 -22.25 3.66 -56.23
CA LEU I 52 -23.67 3.88 -55.98
C LEU I 52 -24.45 2.65 -56.41
N ASP I 53 -25.34 2.18 -55.53
CA ASP I 53 -26.17 1.00 -55.81
C ASP I 53 -27.32 1.35 -56.75
N LEU I 54 -27.21 0.85 -57.99
CA LEU I 54 -28.20 1.07 -59.04
C LEU I 54 -29.42 0.13 -58.92
N ALA I 55 -29.34 -0.81 -57.97
CA ALA I 55 -30.41 -1.77 -57.71
C ALA I 55 -31.53 -1.10 -56.92
N ASP I 56 -31.22 0.08 -56.37
CA ASP I 56 -32.14 0.91 -55.60
C ASP I 56 -33.17 1.53 -56.56
N ASP I 57 -34.45 1.43 -56.21
CA ASP I 57 -35.59 1.95 -57.00
C ASP I 57 -35.59 3.46 -57.34
N SER I 58 -34.68 4.20 -56.72
CA SER I 58 -34.57 5.64 -56.94
C SER I 58 -33.40 6.01 -57.87
N LEU I 59 -32.20 5.48 -57.59
CA LEU I 59 -31.00 5.73 -58.39
C LEU I 59 -31.01 5.00 -59.73
N MET I 60 -31.98 4.09 -59.87
CA MET I 60 -32.18 3.26 -61.05
C MET I 60 -32.57 4.07 -62.29
N GLU I 61 -33.47 5.03 -62.10
CA GLU I 61 -33.94 5.90 -63.18
C GLU I 61 -33.17 7.19 -63.37
N THR I 62 -32.10 7.39 -62.59
CA THR I 62 -31.28 8.59 -62.67
C THR I 62 -30.49 8.74 -63.98
N PRO I 63 -29.87 7.64 -64.51
CA PRO I 63 -29.12 7.79 -65.77
C PRO I 63 -30.02 8.19 -66.95
N HIS I 64 -31.26 7.69 -66.92
CA HIS I 64 -32.29 7.95 -67.92
C HIS I 64 -32.73 9.42 -67.90
N ARG I 65 -32.85 9.96 -66.69
CA ARG I 65 -33.27 11.35 -66.49
C ARG I 65 -32.20 12.39 -66.83
N ILE I 66 -30.94 12.07 -66.55
CA ILE I 66 -29.81 12.97 -66.87
C ILE I 66 -29.64 12.98 -68.41
N ALA I 67 -29.94 11.84 -69.03
CA ALA I 67 -29.86 11.66 -70.47
C ALA I 67 -30.96 12.47 -71.15
N LYS I 68 -32.17 12.40 -70.60
CA LYS I 68 -33.36 13.11 -71.11
C LYS I 68 -33.18 14.62 -70.92
N MET I 69 -32.39 14.98 -69.90
CA MET I 69 -32.11 16.36 -69.56
C MET I 69 -31.18 17.01 -70.57
N TYR I 70 -30.09 16.32 -70.88
CA TYR I 70 -29.08 16.78 -71.82
C TYR I 70 -29.55 16.88 -73.27
N VAL I 71 -30.36 15.92 -73.72
CA VAL I 71 -30.84 15.85 -75.10
C VAL I 71 -32.13 16.63 -75.39
N ASP I 72 -33.13 16.50 -74.52
CA ASP I 72 -34.42 17.15 -74.72
C ASP I 72 -34.72 18.48 -74.06
N GLU I 73 -34.12 18.77 -72.91
CA GLU I 73 -34.45 20.02 -72.23
C GLU I 73 -33.46 21.13 -71.91
N ILE I 74 -32.46 20.89 -71.08
CA ILE I 74 -31.53 21.97 -70.71
C ILE I 74 -30.55 22.49 -71.76
N PHE I 75 -30.40 21.76 -72.87
CA PHE I 75 -29.50 22.17 -73.94
C PHE I 75 -30.27 22.33 -75.25
N SER I 76 -31.56 22.62 -75.14
CA SER I 76 -32.44 22.78 -76.32
C SER I 76 -32.09 23.97 -77.22
N GLY I 77 -31.29 24.88 -76.68
CA GLY I 77 -30.87 26.07 -77.42
C GLY I 77 -29.74 25.85 -78.40
N LEU I 78 -29.22 24.62 -78.45
CA LEU I 78 -28.12 24.27 -79.35
C LEU I 78 -28.66 23.93 -80.74
N ASP I 79 -29.97 23.75 -80.81
CA ASP I 79 -30.72 23.43 -82.02
C ASP I 79 -31.57 24.66 -82.39
N TYR I 80 -31.26 25.26 -83.55
CA TYR I 80 -31.98 26.44 -84.04
C TYR I 80 -33.42 26.20 -84.51
N ALA I 81 -33.88 24.96 -84.38
CA ALA I 81 -35.25 24.57 -84.73
C ALA I 81 -36.15 24.97 -83.56
N ASN I 82 -35.54 25.08 -82.38
CA ASN I 82 -36.21 25.46 -81.14
C ASN I 82 -36.29 26.97 -80.96
N PHE I 83 -35.73 27.70 -81.94
CA PHE I 83 -35.70 29.17 -81.97
C PHE I 83 -37.13 29.72 -82.04
N PRO I 84 -37.46 30.73 -81.18
CA PRO I 84 -38.80 31.33 -81.17
C PRO I 84 -39.23 31.99 -82.46
N LYS I 85 -40.52 31.86 -82.74
CA LYS I 85 -41.13 32.43 -83.94
C LYS I 85 -41.32 33.92 -83.69
N ILE I 86 -40.34 34.69 -84.16
CA ILE I 86 -40.30 36.14 -84.00
C ILE I 86 -41.34 36.88 -84.84
N THR I 87 -42.06 37.77 -84.15
CA THR I 87 -43.09 38.59 -84.76
C THR I 87 -42.75 40.07 -84.53
N LEU I 88 -42.46 40.76 -85.63
CA LEU I 88 -42.13 42.18 -85.59
C LEU I 88 -43.31 42.97 -86.13
N ILE I 89 -43.71 44.01 -85.40
CA ILE I 89 -44.81 44.87 -85.81
C ILE I 89 -44.22 46.21 -86.24
N GLU I 90 -44.62 46.61 -87.46
CA GLU I 90 -44.21 47.85 -88.15
C GLU I 90 -44.35 49.11 -87.29
N ASN I 91 -43.30 49.94 -87.26
CA ASN I 91 -43.34 51.16 -86.45
C ASN I 91 -44.10 52.28 -87.17
N LYS I 92 -45.42 52.16 -87.11
CA LYS I 92 -46.38 53.12 -87.68
C LYS I 92 -46.57 54.30 -86.71
N MET I 93 -46.20 54.04 -85.45
CA MET I 93 -46.29 55.02 -84.36
C MET I 93 -45.08 55.96 -84.30
N LYS I 94 -44.02 55.63 -85.06
CA LYS I 94 -42.74 56.36 -85.15
C LYS I 94 -42.10 56.56 -83.76
N VAL I 95 -42.30 55.55 -82.90
CA VAL I 95 -41.81 55.50 -81.52
C VAL I 95 -40.31 55.70 -81.43
N ASP I 96 -39.90 56.86 -80.95
CA ASP I 96 -38.48 57.16 -80.77
C ASP I 96 -38.20 57.11 -79.26
N GLU I 97 -39.00 56.28 -78.56
CA GLU I 97 -38.93 56.11 -77.11
C GLU I 97 -38.57 54.69 -76.68
N MET I 98 -38.14 54.47 -75.43
CA MET I 98 -37.70 53.13 -75.01
C MET I 98 -38.54 52.12 -74.22
N VAL I 99 -38.25 50.85 -74.49
CA VAL I 99 -38.88 49.69 -73.87
C VAL I 99 -37.82 48.91 -73.08
N THR I 100 -38.13 48.61 -71.82
CA THR I 100 -37.25 47.85 -70.93
C THR I 100 -38.02 46.64 -70.38
N VAL I 101 -37.48 45.43 -70.56
CA VAL I 101 -38.09 44.21 -70.04
C VAL I 101 -37.07 43.69 -69.01
N ARG I 102 -37.37 43.98 -67.75
CA ARG I 102 -36.51 43.61 -66.62
C ARG I 102 -36.95 42.30 -66.01
N ASP I 103 -36.09 41.78 -65.12
CA ASP I 103 -36.32 40.54 -64.38
C ASP I 103 -36.72 39.34 -65.21
N ILE I 104 -36.07 39.15 -66.36
CA ILE I 104 -36.37 38.01 -67.23
C ILE I 104 -35.75 36.76 -66.59
N THR I 105 -36.59 35.74 -66.40
CA THR I 105 -36.14 34.47 -65.84
C THR I 105 -35.14 33.84 -66.80
N LEU I 106 -33.92 33.64 -66.30
CA LEU I 106 -32.82 33.06 -67.07
C LEU I 106 -32.32 31.82 -66.37
N THR I 107 -32.45 30.68 -67.04
CA THR I 107 -32.01 29.39 -66.52
C THR I 107 -30.93 28.83 -67.45
N SER I 108 -29.69 28.82 -66.95
CA SER I 108 -28.55 28.33 -67.72
C SER I 108 -27.74 27.24 -67.03
N THR I 109 -26.62 26.86 -67.66
CA THR I 109 -25.71 25.81 -67.19
C THR I 109 -24.29 26.26 -67.58
N CYS I 110 -23.36 26.33 -66.62
CA CYS I 110 -21.99 26.76 -66.94
C CYS I 110 -21.28 25.67 -67.74
N GLU I 111 -20.64 26.08 -68.84
CA GLU I 111 -19.97 25.11 -69.70
C GLU I 111 -18.73 24.50 -69.10
N HIS I 112 -18.23 25.12 -68.04
CA HIS I 112 -17.03 24.68 -67.37
C HIS I 112 -17.21 23.47 -66.48
N SER I 113 -18.41 23.31 -65.91
CA SER I 113 -18.67 22.20 -64.98
C SER I 113 -20.05 21.58 -65.05
N PHE I 114 -20.86 22.04 -66.02
CA PHE I 114 -22.25 21.56 -66.20
C PHE I 114 -23.13 21.75 -64.97
N VAL I 115 -22.93 22.91 -64.34
CA VAL I 115 -23.61 23.29 -63.11
C VAL I 115 -24.50 24.53 -63.31
N THR I 116 -25.65 24.48 -62.66
CA THR I 116 -26.69 25.50 -62.64
C THR I 116 -26.25 26.96 -62.52
N ILE I 117 -26.83 27.80 -63.39
CA ILE I 117 -26.61 29.24 -63.34
C ILE I 117 -28.03 29.78 -63.16
N ASP I 118 -28.25 30.49 -62.07
CA ASP I 118 -29.55 31.07 -61.80
C ASP I 118 -29.40 32.55 -62.10
N GLY I 119 -30.17 33.05 -63.07
CA GLY I 119 -30.04 34.44 -63.43
C GLY I 119 -31.29 35.21 -63.77
N LYS I 120 -31.11 36.51 -63.90
CA LYS I 120 -32.18 37.44 -64.26
C LYS I 120 -31.62 38.37 -65.34
N ALA I 121 -32.38 38.58 -66.41
CA ALA I 121 -31.91 39.44 -67.49
C ALA I 121 -32.74 40.70 -67.69
N THR I 122 -32.05 41.78 -68.03
CA THR I 122 -32.69 43.05 -68.30
C THR I 122 -32.28 43.47 -69.72
N VAL I 123 -33.28 43.62 -70.57
CA VAL I 123 -33.12 44.00 -71.97
C VAL I 123 -33.86 45.29 -72.27
N ALA I 124 -33.14 46.26 -72.79
CA ALA I 124 -33.72 47.54 -73.16
C ALA I 124 -33.32 47.91 -74.57
N TYR I 125 -34.26 48.52 -75.29
CA TYR I 125 -34.03 48.96 -76.65
C TYR I 125 -34.89 50.16 -77.02
N ILE I 126 -34.43 50.88 -78.03
CA ILE I 126 -35.13 52.04 -78.57
C ILE I 126 -35.57 51.60 -79.98
N PRO I 127 -36.90 51.41 -80.20
CA PRO I 127 -37.47 51.00 -81.49
C PRO I 127 -37.06 51.94 -82.64
N LYS I 128 -36.64 51.34 -83.74
CA LYS I 128 -36.24 52.08 -84.93
C LYS I 128 -37.41 51.98 -85.91
N ASP I 129 -37.41 50.95 -86.75
CA ASP I 129 -38.47 50.74 -87.75
C ASP I 129 -39.36 49.56 -87.37
N SER I 130 -38.99 48.88 -86.28
CA SER I 130 -39.73 47.72 -85.80
C SER I 130 -39.76 47.55 -84.28
N VAL I 131 -40.93 47.13 -83.77
CA VAL I 131 -41.17 46.87 -82.35
C VAL I 131 -41.36 45.35 -82.24
N ILE I 132 -40.48 44.70 -81.49
CA ILE I 132 -40.53 43.25 -81.30
C ILE I 132 -41.58 42.89 -80.25
N GLY I 133 -42.18 41.71 -80.42
CA GLY I 133 -43.17 41.23 -79.49
C GLY I 133 -42.49 40.99 -78.16
N LEU I 134 -43.14 41.45 -77.08
CA LEU I 134 -42.61 41.36 -75.73
C LEU I 134 -42.10 40.00 -75.23
N SER I 135 -42.91 38.96 -75.38
CA SER I 135 -42.52 37.62 -74.94
C SER I 135 -41.38 37.04 -75.77
N LYS I 136 -41.15 37.59 -76.97
CA LYS I 136 -40.08 37.11 -77.85
C LYS I 136 -38.71 37.47 -77.27
N ILE I 137 -38.69 38.53 -76.47
CA ILE I 137 -37.46 38.98 -75.81
C ILE I 137 -37.08 37.95 -74.74
N ASN I 138 -38.07 37.48 -73.98
CA ASN I 138 -37.86 36.49 -72.93
C ASN I 138 -37.41 35.15 -73.54
N ARG I 139 -38.05 34.80 -74.65
CA ARG I 139 -37.78 33.55 -75.37
C ARG I 139 -36.40 33.47 -76.02
N ILE I 140 -35.87 34.62 -76.45
CA ILE I 140 -34.53 34.70 -77.05
C ILE I 140 -33.48 34.57 -75.93
N VAL I 141 -33.78 35.16 -74.77
CA VAL I 141 -32.88 35.09 -73.61
C VAL I 141 -32.78 33.63 -73.19
N GLN I 142 -33.94 32.96 -73.06
CA GLN I 142 -33.99 31.55 -72.69
C GLN I 142 -33.44 30.61 -73.74
N PHE I 143 -33.59 30.95 -75.03
CA PHE I 143 -33.07 30.13 -76.12
C PHE I 143 -31.54 30.00 -75.97
N PHE I 144 -30.87 31.15 -75.80
CA PHE I 144 -29.43 31.18 -75.64
C PHE I 144 -28.97 30.71 -74.26
N ALA I 145 -29.87 30.78 -73.28
CA ALA I 145 -29.54 30.36 -71.93
C ALA I 145 -29.52 28.84 -71.83
N GLN I 146 -30.43 28.17 -72.53
CA GLN I 146 -30.50 26.70 -72.54
C GLN I 146 -29.37 26.13 -73.41
N ARG I 147 -28.12 26.41 -73.02
CA ARG I 147 -26.90 25.96 -73.71
C ARG I 147 -25.79 25.92 -72.66
N PRO I 148 -24.68 25.16 -72.93
CA PRO I 148 -23.59 25.15 -71.94
C PRO I 148 -22.97 26.53 -72.15
N GLN I 149 -23.19 27.45 -71.21
CA GLN I 149 -22.74 28.82 -71.37
C GLN I 149 -21.59 29.42 -70.59
N VAL I 150 -21.16 30.60 -71.08
CA VAL I 150 -20.14 31.46 -70.50
C VAL I 150 -20.97 32.76 -70.46
N GLN I 151 -21.20 33.30 -69.26
CA GLN I 151 -22.04 34.50 -69.07
C GLN I 151 -21.73 35.71 -69.95
N GLU I 152 -20.45 35.99 -70.17
CA GLU I 152 -20.01 37.13 -70.99
C GLU I 152 -20.40 36.99 -72.46
N ARG I 153 -20.36 35.75 -72.97
CA ARG I 153 -20.72 35.42 -74.35
C ARG I 153 -22.25 35.45 -74.50
N LEU I 154 -22.93 34.87 -73.50
CA LEU I 154 -24.40 34.79 -73.44
C LEU I 154 -25.03 36.18 -73.56
N THR I 155 -24.38 37.17 -72.96
CA THR I 155 -24.85 38.56 -72.99
C THR I 155 -24.71 39.13 -74.41
N GLN I 156 -23.56 38.86 -75.03
CA GLN I 156 -23.27 39.32 -76.38
C GLN I 156 -24.17 38.65 -77.41
N GLN I 157 -24.47 37.36 -77.21
CA GLN I 157 -25.33 36.60 -78.09
C GLN I 157 -26.74 37.18 -78.15
N ILE I 158 -27.27 37.58 -76.99
CA ILE I 158 -28.61 38.18 -76.89
C ILE I 158 -28.59 39.60 -77.48
N LEU I 159 -27.49 40.33 -77.27
CA LEU I 159 -27.35 41.69 -77.79
C LEU I 159 -27.36 41.74 -79.32
N ILE I 160 -26.47 40.95 -79.95
CA ILE I 160 -26.33 40.87 -81.41
C ILE I 160 -27.60 40.26 -82.04
N ALA I 161 -28.21 39.30 -81.35
CA ALA I 161 -29.44 38.67 -81.82
C ALA I 161 -30.54 39.72 -81.91
N LEU I 162 -30.70 40.53 -80.86
CA LEU I 162 -31.73 41.58 -80.84
C LEU I 162 -31.39 42.76 -81.73
N GLN I 163 -30.10 43.03 -81.91
CA GLN I 163 -29.65 44.13 -82.78
C GLN I 163 -29.95 43.81 -84.25
N THR I 164 -29.78 42.54 -84.64
CA THR I 164 -30.02 42.04 -86.00
C THR I 164 -31.50 42.04 -86.38
N LEU I 165 -32.35 41.55 -85.48
CA LEU I 165 -33.80 41.46 -85.69
C LEU I 165 -34.54 42.79 -85.66
N LEU I 166 -34.03 43.74 -84.90
CA LEU I 166 -34.65 45.05 -84.77
C LEU I 166 -34.07 46.07 -85.73
N GLY I 167 -32.89 45.75 -86.27
CA GLY I 167 -32.19 46.62 -87.22
C GLY I 167 -31.57 47.88 -86.63
N THR I 168 -31.37 47.88 -85.31
CA THR I 168 -30.78 49.03 -84.62
C THR I 168 -29.61 48.56 -83.79
N ASN I 169 -28.71 49.50 -83.49
CA ASN I 169 -27.58 49.21 -82.63
C ASN I 169 -27.99 49.53 -81.19
N ASN I 170 -29.08 50.29 -81.07
CA ASN I 170 -29.62 50.75 -79.79
C ASN I 170 -30.36 49.71 -78.94
N VAL I 171 -29.59 48.75 -78.42
CA VAL I 171 -30.08 47.69 -77.53
C VAL I 171 -29.02 47.58 -76.42
N ALA I 172 -29.47 47.22 -75.22
CA ALA I 172 -28.61 47.03 -74.06
C ALA I 172 -29.06 45.78 -73.34
N VAL I 173 -28.12 44.89 -73.07
CA VAL I 173 -28.41 43.64 -72.37
C VAL I 173 -27.57 43.54 -71.10
N SER I 174 -28.21 43.11 -70.02
CA SER I 174 -27.58 42.95 -68.72
C SER I 174 -28.09 41.69 -68.05
N ILE I 175 -27.17 40.82 -67.70
CA ILE I 175 -27.53 39.58 -67.02
C ILE I 175 -26.92 39.57 -65.63
N ASP I 176 -27.79 39.43 -64.65
CA ASP I 176 -27.37 39.33 -63.25
C ASP I 176 -27.52 37.85 -62.96
N ALA I 177 -26.45 37.22 -62.46
CA ALA I 177 -26.48 35.79 -62.17
C ALA I 177 -25.63 35.25 -61.04
N VAL I 178 -26.07 34.08 -60.55
CA VAL I 178 -25.39 33.34 -59.50
C VAL I 178 -24.99 32.00 -60.13
N HIS I 179 -23.70 31.70 -60.04
CA HIS I 179 -23.15 30.47 -60.58
C HIS I 179 -22.94 29.53 -59.42
N TYR I 180 -23.56 28.37 -59.47
CA TYR I 180 -23.44 27.41 -58.38
C TYR I 180 -22.10 26.68 -58.27
N CYS I 181 -21.22 26.91 -59.25
CA CYS I 181 -19.87 26.35 -59.25
C CYS I 181 -18.99 27.33 -58.42
N VAL I 182 -19.52 28.53 -58.19
CA VAL I 182 -18.88 29.57 -57.36
C VAL I 182 -19.50 29.48 -55.94
N LYS I 183 -20.83 29.40 -55.87
CA LYS I 183 -21.56 29.34 -54.61
C LYS I 183 -21.50 28.05 -53.79
N ALA I 184 -21.91 26.95 -54.40
CA ALA I 184 -22.00 25.64 -53.76
C ALA I 184 -20.81 24.70 -53.93
N ARG I 185 -19.66 25.28 -54.29
CA ARG I 185 -18.46 24.49 -54.55
C ARG I 185 -17.23 25.41 -54.67
N GLY I 186 -16.02 24.85 -54.57
CA GLY I 186 -14.80 25.62 -54.68
C GLY I 186 -14.55 26.72 -53.66
N ILE I 187 -14.73 27.97 -54.09
CA ILE I 187 -14.51 29.10 -53.22
C ILE I 187 -15.69 29.32 -52.25
N ARG I 188 -16.77 28.58 -52.52
CA ARG I 188 -18.02 28.57 -51.73
C ARG I 188 -18.49 29.96 -51.26
N ASP I 189 -18.65 30.86 -52.21
CA ASP I 189 -19.08 32.22 -51.91
C ASP I 189 -20.63 32.26 -51.98
N ALA I 190 -21.24 32.25 -50.80
CA ALA I 190 -22.69 32.24 -50.62
C ALA I 190 -23.41 33.54 -50.95
N THR I 191 -22.66 34.64 -51.01
CA THR I 191 -23.24 35.96 -51.26
C THR I 191 -23.01 36.62 -52.62
N SER I 192 -21.92 36.26 -53.31
CA SER I 192 -21.59 36.88 -54.61
C SER I 192 -22.46 36.57 -55.77
N ALA I 193 -22.63 37.58 -56.62
CA ALA I 193 -23.43 37.50 -57.83
C ALA I 193 -22.67 38.26 -58.91
N THR I 194 -22.82 37.82 -60.16
CA THR I 194 -22.13 38.44 -61.30
C THR I 194 -23.06 39.15 -62.26
N THR I 195 -22.70 40.38 -62.62
CA THR I 195 -23.46 41.17 -63.57
C THR I 195 -22.59 41.43 -64.81
N THR I 196 -23.09 41.00 -65.96
CA THR I 196 -22.40 41.19 -67.24
C THR I 196 -23.31 42.02 -68.11
N THR I 197 -22.88 43.26 -68.41
CA THR I 197 -23.68 44.18 -69.22
C THR I 197 -23.09 44.50 -70.58
N SER I 198 -23.92 44.40 -71.63
CA SER I 198 -23.53 44.70 -73.01
C SER I 198 -24.32 45.85 -73.58
N LEU I 199 -23.64 46.98 -73.78
CA LEU I 199 -24.27 48.18 -74.30
C LEU I 199 -23.97 48.43 -75.79
N GLY I 200 -25.01 48.76 -76.55
CA GLY I 200 -24.82 49.04 -77.96
C GLY I 200 -25.46 50.35 -78.35
N GLY I 201 -24.97 50.95 -79.43
CA GLY I 201 -25.51 52.21 -79.93
C GLY I 201 -25.55 53.39 -78.99
N LEU I 202 -26.75 53.94 -78.79
CA LEU I 202 -26.96 55.08 -77.91
C LEU I 202 -26.70 54.77 -76.45
N PHE I 203 -26.84 53.49 -76.08
CA PHE I 203 -26.58 53.04 -74.73
C PHE I 203 -25.08 52.93 -74.51
N LYS I 204 -24.31 53.03 -75.59
CA LYS I 204 -22.86 52.93 -75.53
C LYS I 204 -22.19 54.27 -75.80
N SER I 205 -22.20 54.67 -77.08
CA SER I 205 -21.58 55.91 -77.58
C SER I 205 -22.10 57.19 -76.94
N SER I 206 -23.42 57.39 -77.01
CA SER I 206 -24.08 58.55 -76.42
C SER I 206 -24.06 58.42 -74.89
N GLN I 207 -23.59 59.46 -74.23
CA GLN I 207 -23.49 59.53 -72.77
C GLN I 207 -24.86 59.51 -72.05
N ASN I 208 -25.83 60.11 -72.73
CA ASN I 208 -27.22 60.25 -72.29
C ASN I 208 -27.93 58.94 -71.96
N THR I 209 -28.14 58.12 -72.99
CA THR I 209 -28.84 56.85 -72.86
C THR I 209 -28.06 55.74 -72.12
N ARG I 210 -26.76 55.98 -71.91
CA ARG I 210 -25.87 55.05 -71.21
C ARG I 210 -26.25 54.93 -69.74
N HIS I 211 -26.54 56.08 -69.13
CA HIS I 211 -26.92 56.14 -67.72
C HIS I 211 -28.42 55.99 -67.50
N GLU I 212 -29.18 55.90 -68.61
CA GLU I 212 -30.63 55.72 -68.56
C GLU I 212 -31.01 54.27 -68.28
N PHE I 213 -30.14 53.36 -68.75
CA PHE I 213 -30.30 51.92 -68.58
C PHE I 213 -29.66 51.46 -67.28
N LEU I 214 -28.35 51.69 -67.16
CA LEU I 214 -27.51 51.29 -66.02
C LEU I 214 -27.99 51.61 -64.60
N ARG I 215 -28.84 52.62 -64.49
CA ARG I 215 -29.43 53.05 -63.23
C ARG I 215 -30.68 52.18 -62.95
N ALA I 216 -31.50 52.00 -63.99
CA ALA I 216 -32.73 51.19 -63.92
C ALA I 216 -32.48 49.67 -64.04
N VAL I 217 -31.20 49.29 -63.91
CA VAL I 217 -30.77 47.89 -63.93
C VAL I 217 -30.65 47.50 -62.46
N ARG I 218 -31.00 46.24 -62.18
CA ARG I 218 -30.99 45.61 -60.85
C ARG I 218 -32.21 46.06 -60.03
N HIS I 219 -33.34 45.39 -60.28
CA HIS I 219 -34.60 45.66 -59.59
C HIS I 219 -35.10 44.38 -58.89
N HIS I 220 -35.73 44.57 -57.73
CA HIS I 220 -36.30 43.47 -56.95
C HIS I 220 -37.82 43.70 -56.89
N ASN I 221 -38.57 42.80 -57.53
CA ASN I 221 -40.05 42.80 -57.63
C ASN I 221 -40.69 44.01 -58.33
N PRO J 1 9.71 21.44 -57.49
CA PRO J 1 8.48 22.29 -57.46
C PRO J 1 8.48 23.28 -56.30
N SER J 2 7.84 24.44 -56.50
CA SER J 2 7.70 25.48 -55.44
C SER J 2 6.66 26.65 -55.58
N LEU J 3 6.70 27.50 -56.62
CA LEU J 3 5.70 28.62 -56.76
C LEU J 3 4.76 28.61 -57.99
N SER J 4 4.35 29.79 -58.45
CA SER J 4 3.46 29.91 -59.63
C SER J 4 3.82 31.08 -60.54
N LYS J 5 3.56 30.93 -61.84
CA LYS J 5 3.85 31.96 -62.85
C LYS J 5 3.02 33.20 -62.67
N GLU J 6 1.71 33.01 -62.50
CA GLU J 6 0.74 34.08 -62.31
C GLU J 6 0.94 34.76 -60.96
N ALA J 7 1.36 33.97 -59.96
CA ALA J 7 1.65 34.46 -58.61
C ALA J 7 2.90 35.34 -58.61
N ALA J 8 3.84 34.96 -59.48
CA ALA J 8 5.10 35.68 -59.64
C ALA J 8 4.87 37.05 -60.25
N LEU J 9 4.07 37.16 -61.31
CA LEU J 9 3.80 38.49 -61.92
C LEU J 9 3.08 39.43 -60.97
N VAL J 10 2.15 38.88 -60.19
CA VAL J 10 1.38 39.64 -59.21
C VAL J 10 2.30 40.17 -58.11
N HIS J 11 3.15 39.29 -57.57
CA HIS J 11 4.10 39.65 -56.50
C HIS J 11 5.08 40.74 -56.89
N GLU J 12 5.64 40.67 -58.10
CA GLU J 12 6.62 41.66 -58.57
C GLU J 12 5.99 42.98 -58.87
N ALA J 13 4.75 42.94 -59.38
CA ALA J 13 3.99 44.15 -59.70
C ALA J 13 3.64 44.89 -58.41
N LEU J 14 3.45 44.12 -57.34
CA LEU J 14 3.14 44.68 -56.03
C LEU J 14 4.38 45.21 -55.31
N VAL J 15 5.51 44.50 -55.46
CA VAL J 15 6.79 44.93 -54.85
C VAL J 15 7.32 46.20 -55.53
N ALA J 16 7.04 46.34 -56.83
CA ALA J 16 7.45 47.51 -57.61
C ALA J 16 6.55 48.71 -57.29
N ARG J 17 5.48 48.42 -56.55
CA ARG J 17 4.53 49.43 -56.12
C ARG J 17 4.60 49.59 -54.61
N GLY J 18 5.45 48.82 -53.93
CA GLY J 18 5.59 48.92 -52.48
C GLY J 18 4.33 48.57 -51.69
N LEU J 19 3.56 47.65 -52.29
CA LEU J 19 2.30 47.18 -51.73
C LEU J 19 2.35 45.83 -51.02
N GLU J 20 3.52 45.23 -50.95
CA GLU J 20 3.61 43.94 -50.25
C GLU J 20 3.60 44.11 -48.74
N THR J 21 2.72 43.32 -48.10
CA THR J 21 2.55 43.31 -46.62
C THR J 21 3.94 43.11 -46.00
N PRO J 22 4.42 44.12 -45.22
CA PRO J 22 5.73 44.12 -44.55
C PRO J 22 6.17 42.81 -43.89
N LEU J 23 6.93 42.03 -44.66
CA LEU J 23 7.46 40.74 -44.25
C LEU J 23 8.98 40.73 -44.13
N ARG J 24 9.48 40.18 -43.03
CA ARG J 24 10.92 40.04 -42.77
C ARG J 24 11.27 38.66 -43.33
N PRO J 25 12.32 38.56 -44.20
CA PRO J 25 12.75 37.29 -44.80
C PRO J 25 12.82 36.07 -43.86
N PRO J 26 12.17 34.94 -44.24
CA PRO J 26 12.15 33.69 -43.45
C PRO J 26 13.51 33.04 -43.16
N VAL J 27 14.53 33.43 -43.93
CA VAL J 27 15.93 32.95 -43.85
C VAL J 27 16.04 31.42 -44.04
N HIS J 28 15.77 30.67 -42.97
CA HIS J 28 15.80 29.20 -42.98
C HIS J 28 14.35 28.70 -42.88
N GLU J 29 14.05 27.58 -43.53
CA GLU J 29 12.70 27.02 -43.50
C GLU J 29 12.48 26.11 -42.29
N MET J 30 12.02 26.74 -41.20
CA MET J 30 11.73 26.05 -39.94
C MET J 30 10.45 25.23 -40.15
N ASP J 31 10.47 24.03 -39.54
CA ASP J 31 9.38 23.06 -39.59
C ASP J 31 8.04 23.70 -39.20
N ASN J 32 7.04 23.51 -40.07
CA ASN J 32 5.68 24.06 -39.90
C ASN J 32 5.00 23.60 -38.59
N GLU J 33 5.30 22.37 -38.19
CA GLU J 33 4.76 21.75 -36.97
C GLU J 33 5.45 22.27 -35.71
N THR J 34 6.65 22.83 -35.88
CA THR J 34 7.43 23.38 -34.77
C THR J 34 7.02 24.83 -34.52
N ARG J 35 6.64 25.55 -35.59
CA ARG J 35 6.19 26.94 -35.49
C ARG J 35 4.92 27.01 -34.66
N LYS J 36 4.03 26.03 -34.88
CA LYS J 36 2.76 25.92 -34.17
C LYS J 36 2.94 25.58 -32.70
N SER J 37 3.89 24.69 -32.40
CA SER J 37 4.19 24.26 -31.03
C SER J 37 4.77 25.39 -30.19
N LEU J 38 5.57 26.25 -30.83
CA LEU J 38 6.20 27.40 -30.18
C LEU J 38 5.22 28.55 -29.97
N ILE J 39 4.33 28.76 -30.95
CA ILE J 39 3.30 29.81 -30.87
C ILE J 39 2.30 29.40 -29.78
N ALA J 40 2.02 28.09 -29.73
CA ALA J 40 1.12 27.50 -28.73
C ALA J 40 1.73 27.68 -27.36
N GLY J 41 3.04 27.46 -27.28
CA GLY J 41 3.79 27.62 -26.04
C GLY J 41 3.74 29.06 -25.56
N HIS J 42 3.88 30.01 -26.50
CA HIS J 42 3.81 31.44 -26.20
C HIS J 42 2.43 31.91 -25.80
N MET J 43 1.39 31.29 -26.36
CA MET J 43 0.00 31.61 -26.04
C MET J 43 -0.38 31.04 -24.67
N THR J 44 0.24 29.91 -24.30
CA THR J 44 0.02 29.26 -23.02
C THR J 44 0.52 30.21 -21.93
N GLU J 45 1.60 30.92 -22.27
CA GLU J 45 2.23 31.88 -21.38
C GLU J 45 1.33 33.09 -21.20
N ILE J 46 0.77 33.60 -22.30
CA ILE J 46 -0.14 34.77 -22.30
C ILE J 46 -1.39 34.51 -21.44
N MET J 47 -1.95 33.31 -21.58
CA MET J 47 -3.12 32.90 -20.82
C MET J 47 -2.89 32.71 -19.31
N GLN J 48 -1.65 32.34 -18.95
CA GLN J 48 -1.24 32.16 -17.55
C GLN J 48 -1.14 33.53 -16.88
N LEU J 49 -0.68 34.52 -17.64
CA LEU J 49 -0.55 35.91 -17.16
C LEU J 49 -1.91 36.64 -17.13
N LEU J 50 -2.96 35.96 -17.58
CA LEU J 50 -4.34 36.49 -17.57
C LEU J 50 -5.13 35.76 -16.49
N ASN J 51 -4.43 34.85 -15.79
CA ASN J 51 -4.93 34.01 -14.68
C ASN J 51 -6.05 33.05 -15.06
N LEU J 52 -5.87 32.42 -16.22
CA LEU J 52 -6.83 31.46 -16.75
C LEU J 52 -6.39 30.04 -16.41
N ASP J 53 -7.37 29.23 -16.02
CA ASP J 53 -7.17 27.84 -15.63
C ASP J 53 -6.98 26.95 -16.87
N LEU J 54 -5.73 26.53 -17.10
CA LEU J 54 -5.37 25.66 -18.23
C LEU J 54 -5.67 24.18 -17.97
N ALA J 55 -6.06 23.88 -16.74
CA ALA J 55 -6.40 22.51 -16.33
C ALA J 55 -7.82 22.14 -16.77
N ASP J 56 -8.59 23.15 -17.17
CA ASP J 56 -9.98 22.99 -17.65
C ASP J 56 -9.92 22.41 -19.07
N ASP J 57 -10.73 21.38 -19.31
CA ASP J 57 -10.80 20.66 -20.59
C ASP J 57 -11.11 21.50 -21.86
N SER J 58 -11.52 22.75 -21.67
CA SER J 58 -11.86 23.66 -22.76
C SER J 58 -10.73 24.63 -23.11
N LEU J 59 -10.17 25.31 -22.11
CA LEU J 59 -9.07 26.26 -22.27
C LEU J 59 -7.73 25.60 -22.58
N MET J 60 -7.69 24.28 -22.38
CA MET J 60 -6.54 23.41 -22.57
C MET J 60 -6.07 23.34 -24.04
N GLU J 61 -7.03 23.21 -24.94
CA GLU J 61 -6.78 23.11 -26.38
C GLU J 61 -6.72 24.46 -27.12
N THR J 62 -7.00 25.55 -26.39
CA THR J 62 -7.01 26.91 -26.97
C THR J 62 -5.67 27.40 -27.57
N PRO J 63 -4.51 27.22 -26.89
CA PRO J 63 -3.25 27.69 -27.47
C PRO J 63 -2.90 26.98 -28.79
N HIS J 64 -3.27 25.70 -28.86
CA HIS J 64 -3.07 24.85 -30.03
C HIS J 64 -3.94 25.34 -31.21
N ARG J 65 -5.15 25.80 -30.90
CA ARG J 65 -6.10 26.27 -31.91
C ARG J 65 -5.73 27.62 -32.50
N ILE J 66 -5.23 28.52 -31.65
CA ILE J 66 -4.79 29.87 -32.06
C ILE J 66 -3.53 29.73 -32.94
N ALA J 67 -2.70 28.74 -32.59
CA ALA J 67 -1.46 28.46 -33.31
C ALA J 67 -1.77 27.94 -34.70
N LYS J 68 -2.70 26.98 -34.79
CA LYS J 68 -3.15 26.40 -36.04
C LYS J 68 -3.84 27.47 -36.91
N MET J 69 -4.47 28.44 -36.25
CA MET J 69 -5.17 29.54 -36.93
C MET J 69 -4.22 30.50 -37.65
N TYR J 70 -3.16 30.89 -36.93
CA TYR J 70 -2.13 31.80 -37.42
C TYR J 70 -1.24 31.23 -38.55
N VAL J 71 -0.85 29.96 -38.42
CA VAL J 71 0.03 29.29 -39.39
C VAL J 71 -0.63 28.65 -40.62
N ASP J 72 -1.73 27.92 -40.42
CA ASP J 72 -2.42 27.22 -41.50
C ASP J 72 -3.71 27.81 -42.07
N GLU J 73 -4.40 28.66 -41.29
CA GLU J 73 -5.70 29.22 -41.69
C GLU J 73 -5.87 30.68 -42.09
N ILE J 74 -5.99 31.58 -41.11
CA ILE J 74 -6.24 33.00 -41.37
C ILE J 74 -5.17 33.86 -42.04
N PHE J 75 -3.91 33.41 -42.00
CA PHE J 75 -2.82 34.17 -42.59
C PHE J 75 -2.21 33.47 -43.80
N SER J 76 -3.00 32.58 -44.42
CA SER J 76 -2.59 31.78 -45.58
C SER J 76 -2.20 32.57 -46.82
N GLY J 77 -2.65 33.81 -46.90
CA GLY J 77 -2.35 34.68 -48.03
C GLY J 77 -0.98 35.31 -48.02
N LEU J 78 -0.18 35.03 -46.98
CA LEU J 78 1.18 35.55 -46.87
C LEU J 78 2.12 34.65 -47.67
N ASP J 79 1.61 33.48 -48.03
CA ASP J 79 2.33 32.46 -48.78
C ASP J 79 1.75 32.42 -50.18
N TYR J 80 2.59 32.74 -51.17
CA TYR J 80 2.15 32.75 -52.56
C TYR J 80 1.93 31.38 -53.19
N ALA J 81 2.14 30.32 -52.41
CA ALA J 81 1.93 28.95 -52.87
C ALA J 81 0.42 28.67 -52.80
N ASN J 82 -0.26 29.52 -52.01
CA ASN J 82 -1.70 29.46 -51.79
C ASN J 82 -2.46 30.33 -52.79
N PHE J 83 -1.71 30.99 -53.68
CA PHE J 83 -2.30 31.85 -54.71
C PHE J 83 -3.12 30.99 -55.68
N PRO J 84 -4.35 31.43 -56.02
CA PRO J 84 -5.21 30.68 -56.94
C PRO J 84 -4.67 30.49 -58.35
N LYS J 85 -4.95 29.32 -58.92
CA LYS J 85 -4.55 28.98 -60.29
C LYS J 85 -5.39 29.82 -61.25
N ILE J 86 -4.84 30.93 -61.73
CA ILE J 86 -5.56 31.84 -62.63
C ILE J 86 -5.76 31.27 -64.06
N THR J 87 -7.00 31.33 -64.55
CA THR J 87 -7.33 30.86 -65.89
C THR J 87 -7.96 32.03 -66.64
N LEU J 88 -7.31 32.41 -67.74
CA LEU J 88 -7.77 33.51 -68.58
C LEU J 88 -8.20 32.94 -69.91
N ILE J 89 -9.41 33.30 -70.36
CA ILE J 89 -9.94 32.85 -71.64
C ILE J 89 -9.78 34.03 -72.61
N GLU J 90 -9.22 33.74 -73.80
CA GLU J 90 -8.97 34.73 -74.85
C GLU J 90 -10.25 35.43 -75.33
N ASN J 91 -10.19 36.76 -75.43
CA ASN J 91 -11.32 37.57 -75.87
C ASN J 91 -11.52 37.45 -77.39
N LYS J 92 -12.14 36.32 -77.75
CA LYS J 92 -12.48 35.96 -79.13
C LYS J 92 -13.82 36.63 -79.46
N MET J 93 -14.50 37.06 -78.40
CA MET J 93 -15.79 37.73 -78.51
C MET J 93 -15.67 39.26 -78.68
N LYS J 94 -14.45 39.79 -78.52
CA LYS J 94 -14.09 41.23 -78.60
C LYS J 94 -14.96 42.11 -77.70
N VAL J 95 -15.37 41.51 -76.57
CA VAL J 95 -16.22 42.14 -75.55
C VAL J 95 -15.62 43.44 -75.01
N ASP J 96 -16.18 44.56 -75.43
CA ASP J 96 -15.70 45.82 -74.89
C ASP J 96 -16.74 46.35 -73.90
N GLU J 97 -17.35 45.41 -73.17
CA GLU J 97 -18.39 45.70 -72.20
C GLU J 97 -18.09 45.15 -70.80
N MET J 98 -18.76 45.68 -69.76
CA MET J 98 -18.43 45.28 -68.38
C MET J 98 -19.00 44.13 -67.57
N VAL J 99 -18.12 43.64 -66.70
CA VAL J 99 -18.36 42.53 -65.79
C VAL J 99 -18.18 43.02 -64.36
N THR J 100 -19.18 42.74 -63.51
CA THR J 100 -19.14 43.13 -62.10
C THR J 100 -19.51 41.97 -61.20
N VAL J 101 -18.59 41.63 -60.29
CA VAL J 101 -18.83 40.59 -59.30
C VAL J 101 -18.99 41.38 -58.00
N ARG J 102 -20.23 41.42 -57.50
CA ARG J 102 -20.56 42.13 -56.24
C ARG J 102 -20.69 41.16 -55.09
N ASP J 103 -20.83 41.73 -53.89
CA ASP J 103 -21.01 41.01 -52.63
C ASP J 103 -20.09 39.80 -52.42
N ILE J 104 -18.79 39.99 -52.67
CA ILE J 104 -17.82 38.92 -52.49
C ILE J 104 -17.50 38.78 -50.99
N THR J 105 -17.52 37.54 -50.50
CA THR J 105 -17.22 37.26 -49.13
C THR J 105 -15.74 37.57 -48.86
N LEU J 106 -15.50 38.52 -47.97
CA LEU J 106 -14.17 38.95 -47.58
C LEU J 106 -14.04 38.80 -46.06
N THR J 107 -13.08 37.96 -45.66
CA THR J 107 -12.82 37.70 -44.25
C THR J 107 -11.35 38.06 -44.05
N SER J 108 -11.09 39.10 -43.24
CA SER J 108 -9.73 39.57 -42.97
C SER J 108 -9.45 39.80 -41.48
N THR J 109 -8.29 40.39 -41.20
CA THR J 109 -7.83 40.64 -39.83
C THR J 109 -7.13 42.03 -39.73
N CYS J 110 -7.52 42.85 -38.73
CA CYS J 110 -6.97 44.22 -38.40
C CYS J 110 -5.48 43.90 -38.10
N GLU J 111 -4.55 44.50 -38.84
CA GLU J 111 -3.13 44.24 -38.55
C GLU J 111 -2.68 44.97 -37.31
N HIS J 112 -3.45 45.99 -36.96
CA HIS J 112 -3.22 46.81 -35.79
C HIS J 112 -3.58 46.11 -34.47
N SER J 113 -4.51 45.17 -34.50
CA SER J 113 -4.93 44.49 -33.28
C SER J 113 -5.24 43.01 -33.41
N PHE J 114 -5.00 42.43 -34.58
CA PHE J 114 -5.28 41.02 -34.86
C PHE J 114 -6.74 40.59 -34.62
N VAL J 115 -7.65 41.53 -34.92
CA VAL J 115 -9.10 41.33 -34.73
C VAL J 115 -9.82 41.30 -36.09
N THR J 116 -10.89 40.52 -36.12
CA THR J 116 -11.75 40.31 -37.28
C THR J 116 -12.25 41.56 -38.04
N ILE J 117 -12.22 41.44 -39.36
CA ILE J 117 -12.73 42.46 -40.27
C ILE J 117 -13.72 41.65 -41.12
N ASP J 118 -14.98 42.04 -41.07
CA ASP J 118 -16.04 41.38 -41.84
C ASP J 118 -16.43 42.29 -43.00
N GLY J 119 -16.09 41.85 -44.21
CA GLY J 119 -16.40 42.66 -45.36
C GLY J 119 -17.03 41.98 -46.54
N LYS J 120 -17.36 42.84 -47.50
CA LYS J 120 -17.92 42.47 -48.80
C LYS J 120 -17.15 43.27 -49.83
N ALA J 121 -16.74 42.62 -50.91
CA ALA J 121 -16.02 43.34 -51.99
C ALA J 121 -16.82 43.36 -53.25
N THR J 122 -16.63 44.44 -54.00
CA THR J 122 -17.28 44.62 -55.29
C THR J 122 -16.11 44.91 -56.26
N VAL J 123 -15.93 44.02 -57.24
CA VAL J 123 -14.89 44.16 -58.27
C VAL J 123 -15.52 44.26 -59.66
N ALA J 124 -15.14 45.30 -60.41
CA ALA J 124 -15.62 45.50 -61.78
C ALA J 124 -14.50 45.77 -62.77
N TYR J 125 -14.63 45.22 -63.96
CA TYR J 125 -13.63 45.44 -65.01
C TYR J 125 -14.21 45.42 -66.41
N ILE J 126 -13.48 46.01 -67.35
CA ILE J 126 -13.83 46.03 -68.76
C ILE J 126 -12.77 45.15 -69.43
N PRO J 127 -13.15 43.94 -69.90
CA PRO J 127 -12.20 43.03 -70.57
C PRO J 127 -11.56 43.68 -71.79
N LYS J 128 -10.25 43.51 -71.92
CA LYS J 128 -9.54 44.03 -73.09
C LYS J 128 -9.23 42.79 -73.95
N ASP J 129 -8.07 42.18 -73.76
CA ASP J 129 -7.67 41.00 -74.52
C ASP J 129 -7.95 39.67 -73.81
N SER J 130 -8.32 39.72 -72.52
CA SER J 130 -8.64 38.53 -71.74
C SER J 130 -9.80 38.70 -70.76
N VAL J 131 -10.51 37.60 -70.55
CA VAL J 131 -11.64 37.50 -69.63
C VAL J 131 -11.19 36.51 -68.56
N ILE J 132 -11.11 36.97 -67.32
CA ILE J 132 -10.69 36.14 -66.19
C ILE J 132 -11.86 35.25 -65.72
N GLY J 133 -11.52 34.09 -65.16
CA GLY J 133 -12.53 33.19 -64.63
C GLY J 133 -13.19 33.84 -63.43
N LEU J 134 -14.53 33.79 -63.37
CA LEU J 134 -15.31 34.41 -62.30
C LEU J 134 -14.95 34.10 -60.87
N SER J 135 -14.72 32.83 -60.56
CA SER J 135 -14.37 32.41 -59.21
C SER J 135 -13.01 32.90 -58.81
N LYS J 136 -12.16 33.13 -59.80
CA LYS J 136 -10.80 33.59 -59.55
C LYS J 136 -10.76 35.02 -59.03
N ILE J 137 -11.85 35.76 -59.24
CA ILE J 137 -11.98 37.13 -58.72
C ILE J 137 -12.21 37.03 -57.20
N ASN J 138 -13.10 36.13 -56.79
CA ASN J 138 -13.41 35.87 -55.39
C ASN J 138 -12.19 35.32 -54.65
N ARG J 139 -11.43 34.46 -55.33
CA ARG J 139 -10.23 33.82 -54.78
C ARG J 139 -9.05 34.79 -54.56
N ILE J 140 -8.94 35.78 -55.45
CA ILE J 140 -7.89 36.79 -55.39
C ILE J 140 -8.19 37.74 -54.24
N VAL J 141 -9.46 38.07 -54.05
CA VAL J 141 -9.91 38.95 -52.95
C VAL J 141 -9.59 38.27 -51.61
N GLN J 142 -10.00 37.02 -51.50
CA GLN J 142 -9.79 36.22 -50.30
C GLN J 142 -8.33 35.90 -50.00
N PHE J 143 -7.49 35.83 -51.05
CA PHE J 143 -6.05 35.56 -50.92
C PHE J 143 -5.46 36.71 -50.11
N PHE J 144 -5.63 37.91 -50.62
CA PHE J 144 -5.11 39.12 -49.99
C PHE J 144 -5.75 39.46 -48.66
N ALA J 145 -6.99 39.00 -48.47
CA ALA J 145 -7.73 39.24 -47.22
C ALA J 145 -7.20 38.35 -46.10
N GLN J 146 -6.80 37.11 -46.43
CA GLN J 146 -6.23 36.18 -45.45
C GLN J 146 -4.77 36.60 -45.11
N ARG J 147 -4.63 37.81 -44.60
CA ARG J 147 -3.34 38.41 -44.21
C ARG J 147 -3.60 39.46 -43.14
N PRO J 148 -2.56 39.89 -42.37
CA PRO J 148 -2.80 40.92 -41.36
C PRO J 148 -2.92 42.19 -42.24
N GLN J 149 -4.13 42.75 -42.34
CA GLN J 149 -4.37 43.87 -43.25
C GLN J 149 -4.72 45.28 -42.82
N VAL J 150 -4.63 46.17 -43.80
CA VAL J 150 -4.99 47.58 -43.71
C VAL J 150 -5.96 47.62 -44.90
N GLN J 151 -7.19 48.05 -44.67
CA GLN J 151 -8.22 48.05 -45.71
C GLN J 151 -7.88 48.83 -46.99
N GLU J 152 -7.22 49.97 -46.85
CA GLU J 152 -6.82 50.79 -48.00
C GLU J 152 -5.75 50.08 -48.85
N ARG J 153 -4.83 49.38 -48.17
CA ARG J 153 -3.75 48.61 -48.81
C ARG J 153 -4.33 47.40 -49.50
N LEU J 154 -5.29 46.75 -48.84
CA LEU J 154 -5.97 45.55 -49.34
C LEU J 154 -6.69 45.86 -50.66
N THR J 155 -7.37 47.01 -50.71
CA THR J 155 -8.13 47.47 -51.87
C THR J 155 -7.21 47.61 -53.11
N GLN J 156 -6.03 48.21 -52.88
CA GLN J 156 -5.03 48.43 -53.91
C GLN J 156 -4.30 47.20 -54.37
N GLN J 157 -4.07 46.27 -53.43
CA GLN J 157 -3.41 45.02 -53.75
C GLN J 157 -4.28 44.23 -54.72
N ILE J 158 -5.58 44.26 -54.51
CA ILE J 158 -6.52 43.56 -55.37
C ILE J 158 -6.61 44.25 -56.72
N LEU J 159 -6.60 45.59 -56.72
CA LEU J 159 -6.67 46.37 -57.94
C LEU J 159 -5.50 46.07 -58.86
N ILE J 160 -4.28 46.23 -58.34
CA ILE J 160 -3.04 46.01 -59.09
C ILE J 160 -2.91 44.58 -59.58
N ALA J 161 -3.29 43.62 -58.75
CA ALA J 161 -3.24 42.21 -59.11
C ALA J 161 -4.09 41.92 -60.35
N LEU J 162 -5.33 42.42 -60.33
CA LEU J 162 -6.27 42.23 -61.42
C LEU J 162 -5.92 43.04 -62.66
N GLN J 163 -5.29 44.19 -62.44
CA GLN J 163 -4.85 45.07 -63.53
C GLN J 163 -3.72 44.41 -64.30
N THR J 164 -2.83 43.76 -63.56
CA THR J 164 -1.68 43.06 -64.11
C THR J 164 -2.11 41.82 -64.88
N LEU J 165 -2.96 40.99 -64.26
CA LEU J 165 -3.45 39.74 -64.86
C LEU J 165 -4.33 39.90 -66.10
N LEU J 166 -5.11 40.98 -66.12
CA LEU J 166 -6.00 41.26 -67.23
C LEU J 166 -5.38 42.13 -68.32
N GLY J 167 -4.26 42.77 -67.99
CA GLY J 167 -3.56 43.64 -68.92
C GLY J 167 -4.30 44.92 -69.26
N THR J 168 -5.12 45.38 -68.31
CA THR J 168 -5.93 46.60 -68.46
C THR J 168 -5.87 47.42 -67.19
N ASN J 169 -6.10 48.71 -67.34
CA ASN J 169 -6.15 49.63 -66.21
C ASN J 169 -7.61 49.77 -65.78
N ASN J 170 -8.52 49.43 -66.69
CA ASN J 170 -9.97 49.49 -66.44
C ASN J 170 -10.48 48.46 -65.44
N VAL J 171 -10.07 48.61 -64.18
CA VAL J 171 -10.49 47.75 -63.07
C VAL J 171 -10.90 48.67 -61.92
N ALA J 172 -11.93 48.25 -61.19
CA ALA J 172 -12.43 49.01 -60.05
C ALA J 172 -12.69 48.06 -58.90
N VAL J 173 -12.10 48.37 -57.75
CA VAL J 173 -12.25 47.57 -56.54
C VAL J 173 -12.83 48.41 -55.39
N SER J 174 -13.82 47.85 -54.71
CA SER J 174 -14.48 48.52 -53.58
C SER J 174 -14.70 47.50 -52.50
N ILE J 175 -14.27 47.85 -51.30
CA ILE J 175 -14.44 46.98 -50.14
C ILE J 175 -15.28 47.72 -49.10
N ASP J 176 -16.35 47.08 -48.67
CA ASP J 176 -17.27 47.62 -47.67
C ASP J 176 -17.04 46.70 -46.47
N ALA J 177 -16.50 47.24 -45.39
CA ALA J 177 -16.18 46.44 -44.22
C ALA J 177 -16.45 47.02 -42.83
N VAL J 178 -16.57 46.12 -41.85
CA VAL J 178 -16.80 46.44 -40.44
C VAL J 178 -15.58 45.89 -39.68
N HIS J 179 -14.84 46.80 -39.02
CA HIS J 179 -13.68 46.44 -38.23
C HIS J 179 -14.15 46.23 -36.81
N TYR J 180 -13.88 45.06 -36.23
CA TYR J 180 -14.32 44.82 -34.86
C TYR J 180 -13.43 45.52 -33.84
N CYS J 181 -12.29 46.08 -34.32
CA CYS J 181 -11.36 46.88 -33.49
C CYS J 181 -12.05 48.26 -33.27
N VAL J 182 -13.07 48.54 -34.11
CA VAL J 182 -13.88 49.77 -34.07
C VAL J 182 -15.27 49.54 -33.42
N LYS J 183 -15.88 48.39 -33.71
CA LYS J 183 -17.21 48.04 -33.23
C LYS J 183 -17.36 47.44 -31.82
N ALA J 184 -16.52 46.46 -31.51
CA ALA J 184 -16.60 45.78 -30.24
C ALA J 184 -15.58 46.17 -29.20
N ARG J 185 -14.90 47.30 -29.42
CA ARG J 185 -13.83 47.75 -28.55
C ARG J 185 -13.58 49.24 -28.86
N GLY J 186 -12.85 49.92 -27.98
CA GLY J 186 -12.50 51.32 -28.16
C GLY J 186 -13.67 52.27 -28.19
N ILE J 187 -13.89 52.89 -29.36
CA ILE J 187 -15.02 53.82 -29.55
C ILE J 187 -16.37 53.06 -29.57
N ARG J 188 -16.29 51.73 -29.68
CA ARG J 188 -17.44 50.81 -29.69
C ARG J 188 -18.63 51.30 -30.54
N ASP J 189 -18.34 51.62 -31.81
CA ASP J 189 -19.39 52.10 -32.72
C ASP J 189 -20.06 50.89 -33.34
N ALA J 190 -21.30 50.64 -32.90
CA ALA J 190 -22.11 49.52 -33.36
C ALA J 190 -22.65 49.64 -34.79
N THR J 191 -22.74 50.86 -35.31
CA THR J 191 -23.30 51.05 -36.64
C THR J 191 -22.39 51.44 -37.82
N SER J 192 -21.20 51.96 -37.52
CA SER J 192 -20.30 52.38 -38.61
C SER J 192 -19.67 51.25 -39.40
N ALA J 193 -19.37 51.58 -40.65
CA ALA J 193 -18.75 50.66 -41.60
C ALA J 193 -17.87 51.53 -42.49
N THR J 194 -16.80 50.94 -42.99
CA THR J 194 -15.84 51.64 -43.85
C THR J 194 -15.87 51.13 -45.30
N THR J 195 -15.88 52.09 -46.22
CA THR J 195 -15.88 51.80 -47.65
C THR J 195 -14.60 52.39 -48.27
N THR J 196 -13.76 51.51 -48.83
CA THR J 196 -12.53 51.98 -49.50
C THR J 196 -12.62 51.59 -50.97
N THR J 197 -12.55 52.58 -51.86
CA THR J 197 -12.62 52.28 -53.28
C THR J 197 -11.42 52.80 -54.07
N SER J 198 -10.90 51.92 -54.92
CA SER J 198 -9.77 52.21 -55.80
C SER J 198 -10.24 52.09 -57.24
N LEU J 199 -10.24 53.22 -57.94
CA LEU J 199 -10.66 53.30 -59.33
C LEU J 199 -9.46 53.40 -60.26
N GLY J 200 -9.47 52.63 -61.34
CA GLY J 200 -8.37 52.65 -62.29
C GLY J 200 -8.85 52.77 -63.73
N GLY J 201 -8.01 53.35 -64.58
CA GLY J 201 -8.33 53.51 -66.00
C GLY J 201 -9.55 54.33 -66.32
N LEU J 202 -10.50 53.75 -67.05
CA LEU J 202 -11.73 54.45 -67.42
C LEU J 202 -12.63 54.74 -66.24
N PHE J 203 -12.49 53.93 -65.19
CA PHE J 203 -13.26 54.08 -63.95
C PHE J 203 -12.75 55.29 -63.16
N LYS J 204 -11.56 55.77 -63.53
CA LYS J 204 -10.93 56.92 -62.88
C LYS J 204 -10.90 58.13 -63.82
N SER J 205 -10.09 58.05 -64.88
CA SER J 205 -9.92 59.12 -65.88
C SER J 205 -11.22 59.60 -66.52
N SER J 206 -11.90 58.69 -67.24
CA SER J 206 -13.17 58.98 -67.90
C SER J 206 -14.28 59.19 -66.86
N GLN J 207 -15.03 60.27 -67.05
CA GLN J 207 -16.14 60.66 -66.18
C GLN J 207 -17.33 59.69 -66.26
N ASN J 208 -17.56 59.15 -67.46
CA ASN J 208 -18.63 58.20 -67.76
C ASN J 208 -18.60 56.91 -66.92
N THR J 209 -17.53 56.14 -67.12
CA THR J 209 -17.31 54.85 -66.48
C THR J 209 -17.07 54.92 -64.96
N ARG J 210 -16.78 56.14 -64.48
CA ARG J 210 -16.53 56.43 -63.06
C ARG J 210 -17.81 56.27 -62.23
N HIS J 211 -18.91 56.82 -62.73
CA HIS J 211 -20.19 56.74 -62.04
C HIS J 211 -21.03 55.53 -62.45
N GLU J 212 -20.51 54.70 -63.37
CA GLU J 212 -21.18 53.46 -63.82
C GLU J 212 -21.02 52.42 -62.72
N PHE J 213 -19.85 52.45 -62.07
CA PHE J 213 -19.50 51.54 -60.99
C PHE J 213 -20.02 52.01 -59.65
N LEU J 214 -19.52 53.16 -59.19
CA LEU J 214 -19.85 53.77 -57.91
C LEU J 214 -21.33 53.94 -57.53
N ARG J 215 -22.20 53.79 -58.52
CA ARG J 215 -23.65 53.88 -58.37
C ARG J 215 -24.13 52.48 -58.00
N ALA J 216 -23.62 51.48 -58.73
CA ALA J 216 -23.96 50.07 -58.53
C ALA J 216 -23.11 49.40 -57.41
N VAL J 217 -22.51 50.23 -56.55
CA VAL J 217 -21.71 49.77 -55.41
C VAL J 217 -22.63 49.84 -54.19
N ARG J 218 -22.46 48.85 -53.31
CA ARG J 218 -23.21 48.66 -52.06
C ARG J 218 -24.63 48.16 -52.38
N HIS J 219 -24.75 46.84 -52.48
CA HIS J 219 -26.01 46.15 -52.76
C HIS J 219 -26.27 45.12 -51.65
N HIS J 220 -27.55 44.97 -51.30
CA HIS J 220 -27.99 44.03 -50.28
C HIS J 220 -28.79 42.93 -50.98
N ASN J 221 -28.22 41.72 -50.98
CA ASN J 221 -28.77 40.49 -51.60
C ASN J 221 -28.90 40.49 -53.14
PG GTP K . 37.76 -70.70 26.66
O1G GTP K . 37.49 -72.17 26.34
O2G GTP K . 39.22 -70.34 26.88
O3G GTP K . 36.88 -70.33 27.75
O3B GTP K . 37.20 -69.91 25.33
PB GTP K . 37.33 -70.29 23.74
O1B GTP K . 37.35 -71.81 23.64
O2B GTP K . 36.25 -69.66 23.00
O3A GTP K . 38.73 -69.67 23.36
PA GTP K . 39.22 -68.53 22.32
O1A GTP K . 40.62 -68.75 21.99
O2A GTP K . 38.22 -68.56 21.17
O5' GTP K . 39.21 -67.09 23.17
C5' GTP K . 37.83 -66.68 23.57
C4' GTP K . 38.25 -65.61 24.69
O4' GTP K . 37.54 -64.32 24.69
C3' GTP K . 38.15 -66.06 26.06
O3' GTP K . 39.28 -65.73 26.83
C2' GTP K . 36.82 -65.51 26.64
O2' GTP K . 36.71 -65.58 27.94
C1' GTP K . 37.11 -64.02 26.01
N9 GTP K . 35.85 -63.18 26.08
C8 GTP K . 34.55 -63.65 25.86
N7 GTP K . 33.89 -62.49 26.08
C5 GTP K . 34.70 -61.38 26.42
C6 GTP K . 34.36 -60.18 26.68
O6 GTP K . 33.32 -59.47 26.78
N1 GTP K . 35.59 -59.30 26.99
C2 GTP K . 36.74 -59.91 26.92
N2 GTP K . 37.93 -59.06 27.22
N3 GTP K . 37.08 -61.18 26.65
C4 GTP K . 35.92 -61.86 26.39
PG GTP L . 54.69 -76.37 60.63
O1G GTP L . 54.64 -77.61 61.52
O2G GTP L . 55.41 -75.19 61.24
O3G GTP L . 53.34 -76.07 60.20
O3B GTP L . 55.45 -76.84 59.27
PB GTP L . 56.66 -77.93 59.03
O1B GTP L . 56.44 -79.13 59.94
O2B GTP L . 56.67 -78.21 57.62
O3A GTP L . 57.89 -77.11 59.50
PA GTP L . 59.19 -76.53 58.77
O1A GTP L . 60.10 -76.15 59.82
O2A GTP L . 59.63 -77.61 57.77
O5' GTP L . 58.71 -75.12 58.03
C5' GTP L . 57.79 -75.34 56.89
C4' GTP L . 57.23 -73.85 56.85
O4' GTP L . 56.98 -73.25 55.52
C3' GTP L . 56.00 -73.61 57.59
O3' GTP L . 56.08 -72.45 58.39
C2' GTP L . 54.85 -73.57 56.55
O2' GTP L . 53.72 -73.05 56.99
C1' GTP L . 55.70 -72.61 55.52
N9 GTP L . 55.00 -72.54 54.18
C8 GTP L . 54.25 -73.57 53.59
N7 GTP L . 53.87 -72.93 52.46
C5 GTP L . 54.31 -71.60 52.35
C6 GTP L . 54.09 -70.76 51.42
O6 GTP L . 53.46 -70.67 50.31
N1 GTP L . 54.80 -69.41 51.71
C2 GTP L . 55.47 -69.36 52.82
N2 GTP L . 56.16 -68.06 53.10
N3 GTP L . 55.69 -70.26 53.80
C4 GTP L . 55.03 -71.41 53.43
PG GTP M . 36.55 -54.22 86.98
O1G GTP M . 35.81 -54.75 88.21
O2G GTP M . 36.47 -52.73 86.77
O3G GTP M . 36.11 -54.96 85.82
O3B GTP M . 38.10 -54.65 87.17
PB GTP M . 38.99 -55.12 88.48
O1B GTP M . 38.05 -55.68 89.56
O2B GTP M . 40.02 -56.03 87.98
O3A GTP M . 39.55 -53.74 88.93
PA GTP M . 40.98 -53.02 88.97
O1A GTP M . 40.72 -51.71 89.53
O2A GTP M . 41.90 -53.97 89.75
O5' GTP M . 41.53 -52.71 87.44
C5' GTP M . 41.93 -53.92 86.69
C4' GTP M . 41.87 -53.19 85.28
O4' GTP M . 42.88 -53.59 84.29
C3' GTP M . 40.58 -53.30 84.59
O3' GTP M . 40.11 -52.09 84.06
C2' GTP M . 40.73 -54.42 83.53
O2' GTP M . 39.80 -54.39 82.60
C1' GTP M . 42.23 -53.85 83.04
N9 GTP M . 42.88 -54.87 82.14
C8 GTP M . 42.81 -56.25 82.29
N7 GTP M . 43.55 -56.59 81.20
C5 GTP M . 44.03 -55.53 80.44
C6 GTP M . 44.72 -55.56 79.37
O6 GTP M . 45.24 -56.42 78.58
N1 GTP M . 45.04 -54.14 78.88
C2 GTP M . 44.55 -53.17 79.60
N2 GTP M . 44.85 -51.79 79.10
N3 GTP M . 43.81 -53.16 80.72
C4 GTP M . 43.60 -54.46 81.07
PG GTP N . 8.78 -35.05 68.54
O1G GTP N . 7.29 -35.30 68.75
O2G GTP N . 9.15 -34.05 67.47
O3G GTP N . 9.41 -36.34 68.38
O3B GTP N . 9.30 -34.50 69.97
PB GTP N . 8.57 -33.64 71.15
O1B GTP N . 7.09 -34.00 71.16
O2B GTP N . 9.28 -33.89 72.38
O3A GTP N . 8.81 -32.21 70.61
PA GTP N . 9.67 -30.91 71.07
O1A GTP N . 9.25 -29.82 70.21
O2A GTP N . 9.46 -30.76 72.58
O5' GTP N . 11.24 -31.20 70.64
C5' GTP N . 11.88 -32.26 71.43
C4' GTP N . 13.07 -32.44 70.39
O4' GTP N . 14.43 -32.60 70.95
C3' GTP N . 12.90 -33.55 69.46
O3' GTP N . 13.21 -33.22 68.14
C2' GTP N . 13.75 -34.72 70.00
O2' GTP N . 14.01 -35.71 69.15
C1' GTP N . 15.05 -33.72 70.33
N9 GTP N . 15.99 -34.49 71.19
C8 GTP N . 15.60 -35.37 72.19
N7 GTP N . 16.82 -35.79 72.56
C5 GTP N . 17.88 -35.23 71.87
C6 GTP N . 19.12 -35.46 72.01
O6 GTP N . 19.87 -36.19 72.71
N1 GTP N . 19.95 -34.62 71.02
C2 GTP N . 19.27 -33.84 70.23
N2 GTP N . 20.08 -33.02 69.27
N3 GTP N . 17.96 -33.62 70.10
C4 GTP N . 17.33 -34.40 71.02
PG GTP O . 9.71 -44.84 31.47
O1G GTP O . 8.74 -45.66 30.64
O2G GTP O . 10.92 -44.31 30.72
O3G GTP O . 10.04 -45.60 32.65
O3B GTP O . 8.82 -43.56 31.96
PB GTP O . 7.75 -42.70 31.09
O1B GTP O . 6.90 -43.69 30.28
O2B GTP O . 6.98 -41.86 31.99
O3A GTP O . 8.67 -41.86 30.15
PA GTP O . 8.92 -40.26 29.98
O1A GTP O . 9.48 -40.00 28.68
O2A GTP O . 7.58 -39.60 30.32
O5' GTP O . 10.11 -39.87 31.07
C5' GTP O . 9.72 -40.04 32.50
C4' GTP O . 11.21 -40.08 33.05
O4' GTP O . 11.48 -39.30 34.25
C3' GTP O . 11.77 -41.40 33.35
O3' GTP O . 13.06 -41.59 32.83
C2' GTP O . 11.68 -41.60 34.87
O2' GTP O . 12.45 -42.56 35.33
C1' GTP O . 12.21 -40.06 35.17
N9 GTP O . 11.96 -39.68 36.61
C8 GTP O . 10.81 -39.98 37.33
N7 GTP O . 11.16 -39.42 38.51
C5 GTP O . 12.42 -38.83 38.54
C6 GTP O . 13.02 -38.26 39.50
O6 GTP O . 12.82 -37.98 40.70
N1 GTP O . 14.41 -37.74 39.08
C2 GTP O . 14.74 -37.97 37.85
N2 GTP O . 16.09 -37.49 37.45
N3 GTP O . 14.11 -38.59 36.85
C4 GTP O . 12.90 -39.01 37.32
PG GTP P . -8.76 53.06 -30.96
O1G GTP P . -8.94 52.76 -29.47
O2G GTP P . -8.45 54.49 -31.30
O3G GTP P . -9.90 52.51 -31.64
O3B GTP P . -7.51 52.15 -31.43
PB GTP P . -6.08 51.92 -30.71
O1B GTP P . -6.32 51.82 -29.23
O2B GTP P . -5.46 50.74 -31.30
O3A GTP P . -5.36 53.24 -31.04
PA GTP P . -4.04 53.63 -31.86
O1A GTP P . -3.69 54.99 -31.48
O2A GTP P . -3.01 52.53 -31.55
O5' GTP P . -4.42 53.71 -33.47
C5' GTP P . -4.81 52.43 -34.10
C4' GTP P . -5.66 53.14 -35.28
O4' GTP P . -5.55 52.57 -36.62
C3' GTP P . -7.10 53.25 -35.05
O3' GTP P . -7.59 54.53 -35.35
C2' GTP P . -7.77 52.11 -35.86
O2' GTP P . -9.08 52.21 -36.06
C1' GTP P . -6.83 52.39 -37.19
N9 GTP P . -6.95 51.21 -38.11
C8 GTP P . -7.09 49.88 -37.71
N7 GTP P . -7.16 49.32 -38.93
C5 GTP P . -7.08 50.20 -39.99
C6 GTP P . -7.13 49.96 -41.22
O6 GTP P . -7.26 48.98 -41.97
N1 GTP P . -7.00 51.26 -42.06
C2 GTP P . -6.86 52.35 -41.36
N2 GTP P . -6.75 53.62 -42.15
N3 GTP P . -6.82 52.59 -40.06
C4 GTP P . -6.94 51.38 -39.43
PG GTP Q . -40.03 75.77 -31.39
O1G GTP Q . -41.15 75.95 -30.36
O2G GTP Q . -40.24 76.49 -32.71
O3G GTP Q . -39.80 74.37 -31.54
O3B GTP Q . -38.67 76.34 -30.66
PB GTP Q . -38.46 77.48 -29.49
O1B GTP Q . -39.64 77.41 -28.52
O2B GTP Q . -37.15 77.27 -28.86
O3A GTP Q . -38.45 78.79 -30.31
PA GTP Q . -37.33 79.92 -30.58
O1A GTP Q . -37.98 81.05 -31.18
O2A GTP Q . -36.62 80.12 -29.23
O5' GTP Q . -36.32 79.30 -31.77
C5' GTP Q . -35.52 78.14 -31.35
C4' GTP Q . -35.16 77.65 -32.81
O4' GTP Q . -33.76 77.21 -33.06
C3' GTP Q . -36.00 76.56 -33.33
O3' GTP Q . -36.48 76.78 -34.63
C2' GTP Q . -35.17 75.26 -33.20
O2' GTP Q . -35.62 74.26 -33.96
C1' GTP Q . -33.80 75.97 -33.75
N9 GTP Q . -32.62 75.06 -33.55
C8 GTP Q . -32.42 74.22 -32.46
N7 GTP Q . -31.26 73.66 -32.87
C5 GTP Q . -30.76 74.11 -34.09
C6 GTP Q . -29.71 73.76 -34.73
O6 GTP Q . -28.73 72.97 -34.61
N1 GTP Q . -29.57 74.52 -36.06
C2 GTP Q . -30.53 75.37 -36.32
N2 GTP Q . -30.41 76.11 -37.61
N3 GTP Q . -31.64 75.73 -35.65
C4 GTP Q . -31.65 74.99 -34.49
PG GTP R . -62.91 63.69 -59.97
O1G GTP R . -64.22 62.95 -59.79
O2G GTP R . -62.45 63.87 -61.39
O3G GTP R . -61.94 63.07 -59.11
O3B GTP R . -63.18 65.19 -59.36
PB GTP R . -64.49 66.19 -59.48
O1B GTP R . -65.75 65.32 -59.61
O2B GTP R . -64.46 67.10 -58.34
O3A GTP R . -64.25 66.96 -60.82
PA GTP R . -64.00 68.51 -61.15
O1A GTP R . -64.29 68.74 -62.55
O2A GTP R . -64.84 69.30 -60.12
O5' GTP R . -62.36 68.76 -60.97
C5' GTP R . -61.82 68.58 -59.58
C4' GTP R . -60.34 68.32 -60.09
O4' GTP R . -59.28 69.09 -59.47
C3' GTP R . -59.88 66.94 -60.04
O3' GTP R . -59.27 66.52 -61.23
C2' GTP R . -58.96 66.81 -58.80
O2' GTP R . -58.16 65.75 -58.81
C1' GTP R . -58.19 68.25 -59.09
N9 GTP R . -57.51 68.70 -57.83
C8 GTP R . -58.02 68.57 -56.54
N7 GTP R . -56.99 69.12 -55.87
C5 GTP R . -55.92 69.55 -56.65
C6 GTP R . -54.84 70.10 -56.28
O6 GTP R . -54.27 70.45 -55.22
N1 GTP R . -53.94 70.42 -57.49
C2 GTP R . -54.42 70.10 -58.66
N2 GTP R . -53.54 70.42 -59.84
N3 GTP R . -55.58 69.53 -59.04
C4 GTP R . -56.29 69.28 -57.89
PG GTP S . -46.05 33.75 -76.97
O1G GTP S . -46.50 32.30 -76.98
O2G GTP S . -44.76 34.01 -77.72
O3G GTP S . -46.04 34.23 -75.60
O3B GTP S . -47.28 34.57 -77.72
PB GTP S . -48.24 34.13 -79.00
O1B GTP S . -48.54 32.63 -78.89
O2B GTP S . -49.42 34.98 -78.99
O3A GTP S . -47.33 34.41 -80.23
PA GTP S . -47.45 35.42 -81.48
O1A GTP S . -46.49 35.04 -82.50
O2A GTP S . -48.94 35.40 -81.85
O5' GTP S . -46.93 36.90 -80.93
C5' GTP S . -47.78 37.52 -79.87
C4' GTP S . -46.62 38.53 -79.41
O4' GTP S . -46.97 39.93 -79.17
C3' GTP S . -45.87 38.12 -78.23
O3' GTP S . -44.49 38.28 -78.40
C2' GTP S . -46.45 38.95 -77.04
O2' GTP S . -45.72 38.94 -75.94
C1' GTP S . -46.42 40.35 -77.93
N9 GTP S . -47.23 41.42 -77.23
C8 GTP S . -48.41 41.23 -76.50
N7 GTP S . -48.59 42.52 -76.11
C5 GTP S . -47.62 43.43 -76.56
C6 GTP S . -47.51 44.66 -76.34
O6 GTP S . -48.11 45.58 -75.74
N1 GTP S . -46.26 45.26 -77.03
C2 GTP S . -45.54 44.41 -77.70
N2 GTP S . -44.31 44.96 -78.38
N3 GTP S . -45.65 43.10 -77.91
C4 GTP S . -46.78 42.69 -77.25
PG GTP T . -12.74 26.99 -59.09
O1G GTP T . -12.56 25.72 -58.27
O2G GTP T . -11.54 27.90 -59.16
O3G GTP T . -13.92 27.67 -58.65
O3B GTP T . -13.11 26.44 -60.56
PB GTP T . -12.57 25.14 -61.38
O1B GTP T . -12.36 23.96 -60.43
O2B GTP T . -13.55 24.89 -62.44
O3A GTP T . -11.20 25.69 -61.89
PA GTP T . -10.57 26.06 -63.34
O1A GTP T . -9.19 26.43 -63.13
O2A GTP T . -10.85 24.86 -64.24
O5' GTP T . -11.32 27.43 -63.84
C5' GTP T . -12.77 27.26 -64.14
C4' GTP T . -13.00 28.83 -64.19
O4' GTP T . -13.91 29.38 -65.18
C3' GTP T . -13.37 29.44 -62.92
O3' GTP T . -12.54 30.52 -62.57
C2' GTP T . -14.89 29.78 -63.03
O2' GTP T . -15.35 30.64 -62.15
C1' GTP T . -14.74 30.36 -64.58
N9 GTP T . -16.09 30.46 -65.20
C8 GTP T . -17.08 29.50 -65.14
N7 GTP T . -18.04 30.17 -65.84
C5 GTP T . -17.68 31.43 -66.31
C6 GTP T . -18.35 32.26 -66.98
O6 GTP T . -19.50 32.38 -67.47
N1 GTP T . -17.55 33.53 -67.26
C2 GTP T . -16.34 33.55 -66.80
N2 GTP T . -15.56 34.78 -67.08
N3 GTP T . -15.62 32.67 -66.08
C4 GTP T . -16.43 31.58 -65.90
#